data_6K5V
#
_entry.id   6K5V
#
_cell.length_a   137.350
_cell.length_b   67.938
_cell.length_c   317.823
_cell.angle_alpha   90.000
_cell.angle_beta   100.859
_cell.angle_gamma   90.000
#
_symmetry.space_group_name_H-M   'C 1 2 1'
#
loop_
_entity.id
_entity.type
_entity.pdbx_description
1 polymer 'Citrate synthase 4, mitochondrial'
2 non-polymer 'CHLORIDE ION'
3 water water
#
_entity_poly.entity_id   1
_entity_poly.type   'polypeptide(L)'
_entity_poly.pdbx_seq_one_letter_code
;VQGQQSSLSNSVRWIQMQSSTDLDLKSQLQELIPEQQDRLKKLKSEHGKVQLGNITVDMVIGGMRGMTGLLWETSLLDPE
EGIRFRGLSIPECQKVLPTAQSGAEPLPEGLLWLLLTGKVPSKEQVEALSKDLANRAAVPDYVYNAIDALPSTAHPMTQF
ASGVMALQVQSEFQKAYENGIHKSKFWEPTYEDCLNLIARVPVVAAYVYRRMYKNGDSIPSDKSLDYGANFSHMLGFDDE
KVKELMRLYITIHSDHEGGNVSAHTGHLVGSALSDPYLSFAAALNGLAGPLHGLANQEVLLWIKSVVEECGEDISKEQLK
EYVWKTLNSGKVIPGYGHGVLRNTDPRYVCQREFALKHLPDDPLFQLVSKLYEVVPPVLTELGKVKNPWPNVDAHSGVLL
NHYGLTEARYYTVLFGVSRSLGICSQLIWDRALGLALERPKSVTMDWLEAHCKKASSA
;
_entity_poly.pdbx_strand_id   A,B,C,D,E,F
#
# COMPACT_ATOMS: atom_id res chain seq x y z
N ASP A 22 -19.85 28.37 13.04
CA ASP A 22 -19.84 27.89 11.66
C ASP A 22 -21.22 28.06 11.03
N LEU A 23 -21.26 28.77 9.90
CA LEU A 23 -22.49 29.18 9.26
C LEU A 23 -23.14 28.09 8.41
N ASP A 24 -22.77 26.83 8.60
CA ASP A 24 -23.34 25.73 7.81
C ASP A 24 -24.28 24.94 8.72
N LEU A 25 -25.58 24.96 8.38
CA LEU A 25 -26.58 24.35 9.26
C LEU A 25 -26.50 22.83 9.21
N LYS A 26 -26.27 22.26 8.02
CA LYS A 26 -26.22 20.81 7.88
C LYS A 26 -25.03 20.23 8.62
N SER A 27 -23.91 20.96 8.62
CA SER A 27 -22.73 20.49 9.35
C SER A 27 -22.96 20.57 10.86
N GLN A 28 -23.72 21.57 11.32
CA GLN A 28 -24.05 21.64 12.73
C GLN A 28 -24.91 20.45 13.14
N LEU A 29 -25.90 20.10 12.31
CA LEU A 29 -26.72 18.92 12.58
C LEU A 29 -25.88 17.64 12.56
N GLN A 30 -24.96 17.53 11.59
CA GLN A 30 -24.17 16.31 11.49
C GLN A 30 -23.31 16.08 12.73
N GLU A 31 -22.82 17.17 13.34
CA GLU A 31 -22.01 17.03 14.53
C GLU A 31 -22.84 16.60 15.73
N LEU A 32 -24.09 17.08 15.81
CA LEU A 32 -24.91 16.87 16.99
C LEU A 32 -25.68 15.56 16.99
N ILE A 33 -25.79 14.89 15.84
CA ILE A 33 -26.59 13.67 15.71
C ILE A 33 -26.04 12.51 16.53
N PRO A 34 -24.74 12.16 16.45
CA PRO A 34 -24.29 10.94 17.15
C PRO A 34 -24.57 10.91 18.64
N GLU A 35 -24.48 12.05 19.34
CA GLU A 35 -24.80 12.05 20.76
C GLU A 35 -26.27 11.75 21.00
N GLN A 36 -27.16 12.33 20.21
CA GLN A 36 -28.57 12.05 20.38
C GLN A 36 -28.89 10.60 20.04
N GLN A 37 -28.18 10.02 19.08
CA GLN A 37 -28.33 8.59 18.80
C GLN A 37 -27.91 7.74 19.99
N ASP A 38 -26.80 8.12 20.63
CA ASP A 38 -26.34 7.37 21.80
C ASP A 38 -27.31 7.51 22.97
N ARG A 39 -27.91 8.70 23.12
CA ARG A 39 -28.93 8.90 24.14
C ARG A 39 -30.07 7.91 23.97
N LEU A 40 -30.50 7.68 22.73
CA LEU A 40 -31.60 6.75 22.47
C LEU A 40 -31.18 5.31 22.74
N LYS A 41 -29.98 4.92 22.27
CA LYS A 41 -29.52 3.56 22.49
C LYS A 41 -29.35 3.26 23.98
N LYS A 42 -28.77 4.20 24.72
CA LYS A 42 -28.59 4.00 26.16
C LYS A 42 -29.93 3.96 26.89
N LEU A 43 -30.89 4.76 26.42
CA LEU A 43 -32.22 4.77 27.03
C LEU A 43 -32.92 3.42 26.93
N LYS A 44 -32.69 2.71 25.82
CA LYS A 44 -33.28 1.38 25.66
C LYS A 44 -32.58 0.34 26.53
N SER A 45 -31.25 0.31 26.50
CA SER A 45 -30.52 -0.72 27.21
C SER A 45 -30.73 -0.62 28.72
N GLU A 46 -30.66 0.59 29.26
CA GLU A 46 -30.74 0.78 30.70
C GLU A 46 -32.18 0.89 31.19
N HIS A 47 -33.05 1.59 30.46
CA HIS A 47 -34.40 1.88 30.93
C HIS A 47 -35.48 1.42 29.96
N GLY A 48 -35.16 0.54 29.01
CA GLY A 48 -36.15 0.13 28.03
C GLY A 48 -37.36 -0.55 28.63
N LYS A 49 -37.19 -1.21 29.78
CA LYS A 49 -38.27 -1.95 30.40
C LYS A 49 -38.92 -1.18 31.54
N VAL A 50 -38.50 0.08 31.75
CA VAL A 50 -39.08 0.93 32.78
C VAL A 50 -40.51 1.30 32.42
N GLN A 51 -41.41 1.20 33.39
CA GLN A 51 -42.82 1.48 33.17
C GLN A 51 -43.10 2.97 33.33
N LEU A 52 -43.86 3.54 32.39
CA LEU A 52 -44.23 4.95 32.42
C LEU A 52 -45.69 5.20 32.75
N GLY A 53 -46.52 4.16 32.79
CA GLY A 53 -47.94 4.37 33.04
C GLY A 53 -48.71 3.09 32.80
N ASN A 54 -50.03 3.23 32.70
CA ASN A 54 -50.94 2.10 32.56
C ASN A 54 -51.81 2.26 31.33
N ILE A 55 -52.09 1.16 30.65
CA ILE A 55 -53.04 1.12 29.54
C ILE A 55 -54.37 0.66 30.11
N THR A 56 -55.41 1.46 29.94
CA THR A 56 -56.73 1.13 30.45
C THR A 56 -57.75 1.18 29.31
N VAL A 57 -58.95 0.67 29.59
CA VAL A 57 -60.02 0.67 28.60
C VAL A 57 -60.43 2.10 28.26
N ASP A 58 -60.47 2.99 29.27
CA ASP A 58 -60.83 4.38 29.01
C ASP A 58 -59.87 5.03 28.02
N MET A 59 -58.59 4.66 28.08
CA MET A 59 -57.60 5.30 27.22
C MET A 59 -57.72 4.81 25.79
N VAL A 60 -57.97 3.50 25.61
CA VAL A 60 -58.13 2.95 24.27
C VAL A 60 -59.39 3.50 23.62
N ILE A 61 -60.44 3.73 24.40
CA ILE A 61 -61.70 4.24 23.86
C ILE A 61 -61.71 5.77 23.77
N GLY A 62 -60.83 6.45 24.48
CA GLY A 62 -60.83 7.90 24.49
C GLY A 62 -59.68 8.54 23.74
N GLY A 63 -59.29 7.93 22.62
CA GLY A 63 -58.25 8.52 21.79
C GLY A 63 -56.91 8.65 22.47
N MET A 64 -56.49 7.62 23.20
CA MET A 64 -55.20 7.61 23.91
C MET A 64 -55.08 8.77 24.88
N ARG A 65 -56.20 9.22 25.45
CA ARG A 65 -56.16 10.31 26.41
C ARG A 65 -55.42 9.86 27.67
N GLY A 66 -54.40 10.63 28.05
CA GLY A 66 -53.58 10.27 29.19
C GLY A 66 -52.53 9.22 28.93
N MET A 67 -52.28 8.87 27.66
CA MET A 67 -51.31 7.84 27.31
C MET A 67 -50.07 8.51 26.72
N THR A 68 -48.91 8.26 27.35
CA THR A 68 -47.64 8.71 26.80
C THR A 68 -47.23 7.76 25.68
N GLY A 69 -47.26 8.25 24.45
CA GLY A 69 -47.15 7.36 23.31
C GLY A 69 -46.02 7.60 22.32
N LEU A 70 -45.54 8.84 22.20
CA LEU A 70 -44.58 9.18 21.16
C LEU A 70 -43.51 10.12 21.68
N LEU A 71 -42.46 10.28 20.87
CA LEU A 71 -41.28 11.06 21.21
C LEU A 71 -41.23 12.30 20.33
N TRP A 72 -41.25 13.48 20.97
CA TRP A 72 -41.18 14.76 20.27
C TRP A 72 -40.14 15.63 20.96
N GLU A 73 -39.03 15.88 20.27
CA GLU A 73 -37.86 16.51 20.89
C GLU A 73 -37.87 18.04 20.81
N THR A 74 -38.55 18.62 19.82
CA THR A 74 -38.40 20.05 19.57
C THR A 74 -39.07 20.91 20.64
N SER A 75 -40.09 20.40 21.33
CA SER A 75 -40.77 21.20 22.32
C SER A 75 -41.42 20.29 23.36
N LEU A 76 -41.67 20.88 24.54
CA LEU A 76 -42.34 20.19 25.64
C LEU A 76 -43.02 21.25 26.49
N LEU A 77 -44.21 20.92 26.98
CA LEU A 77 -45.04 21.88 27.71
C LEU A 77 -44.68 21.89 29.18
N ASP A 78 -44.25 23.05 29.67
CA ASP A 78 -44.02 23.25 31.09
C ASP A 78 -45.34 23.67 31.74
N PRO A 79 -45.85 22.92 32.73
CA PRO A 79 -47.14 23.30 33.34
C PRO A 79 -47.12 24.63 34.06
N GLU A 80 -45.95 25.25 34.21
CA GLU A 80 -45.81 26.56 34.86
C GLU A 80 -45.39 27.67 33.91
N GLU A 81 -44.51 27.39 32.96
CA GLU A 81 -43.99 28.41 32.06
C GLU A 81 -44.50 28.27 30.63
N GLY A 82 -45.38 27.32 30.36
CA GLY A 82 -45.91 27.15 29.03
C GLY A 82 -45.03 26.24 28.17
N ILE A 83 -45.25 26.33 26.86
CA ILE A 83 -44.50 25.52 25.91
C ILE A 83 -43.05 26.02 25.84
N ARG A 84 -42.11 25.09 25.76
CA ARG A 84 -40.69 25.40 25.72
C ARG A 84 -40.09 24.88 24.41
N PHE A 85 -39.47 25.78 23.65
CA PHE A 85 -38.78 25.40 22.42
C PHE A 85 -37.36 25.01 22.79
N ARG A 86 -37.11 23.70 22.82
CA ARG A 86 -35.81 23.15 23.23
C ARG A 86 -35.43 23.63 24.62
N GLY A 87 -36.41 23.68 25.53
CA GLY A 87 -36.19 24.12 26.88
C GLY A 87 -36.28 25.61 27.11
N LEU A 88 -36.46 26.40 26.05
CA LEU A 88 -36.58 27.85 26.17
C LEU A 88 -38.04 28.25 26.02
N SER A 89 -38.58 28.92 27.04
CA SER A 89 -39.95 29.41 26.96
C SER A 89 -40.04 30.57 25.96
N ILE A 90 -41.26 31.02 25.71
CA ILE A 90 -41.47 32.14 24.78
C ILE A 90 -40.80 33.42 25.28
N PRO A 91 -41.01 33.87 26.53
CA PRO A 91 -40.28 35.07 26.97
C PRO A 91 -38.77 34.89 26.98
N GLU A 92 -38.30 33.69 27.32
CA GLU A 92 -36.87 33.42 27.24
C GLU A 92 -36.39 33.49 25.80
N CYS A 93 -37.20 32.97 24.86
CA CYS A 93 -36.86 33.04 23.44
C CYS A 93 -36.80 34.47 22.94
N GLN A 94 -37.70 35.33 23.44
CA GLN A 94 -37.71 36.71 23.00
C GLN A 94 -36.45 37.46 23.37
N LYS A 95 -35.74 37.00 24.39
CA LYS A 95 -34.57 37.71 24.88
C LYS A 95 -33.32 37.43 24.04
N VAL A 96 -33.10 36.18 23.66
CA VAL A 96 -31.83 35.76 23.08
C VAL A 96 -31.92 35.46 21.59
N LEU A 97 -33.11 35.29 21.02
CA LEU A 97 -33.20 34.96 19.60
C LEU A 97 -32.99 36.22 18.77
N PRO A 98 -32.12 36.19 17.76
CA PRO A 98 -31.90 37.39 16.94
C PRO A 98 -33.17 37.87 16.26
N THR A 99 -33.26 39.19 16.13
CA THR A 99 -34.37 39.86 15.47
C THR A 99 -33.91 40.47 14.15
N ALA A 100 -34.87 41.05 13.43
CA ALA A 100 -34.56 41.79 12.22
C ALA A 100 -33.88 43.11 12.59
N GLN A 101 -33.23 43.72 11.59
CA GLN A 101 -32.64 45.03 11.80
C GLN A 101 -33.72 46.04 12.15
N SER A 102 -33.50 46.77 13.24
CA SER A 102 -34.44 47.75 13.77
C SER A 102 -35.75 47.12 14.26
N GLY A 103 -35.75 45.80 14.48
CA GLY A 103 -36.96 45.12 14.92
C GLY A 103 -36.80 44.44 16.26
N ALA A 104 -37.92 44.06 16.88
CA ALA A 104 -37.92 43.46 18.19
C ALA A 104 -38.51 42.05 18.23
N GLU A 105 -39.09 41.57 17.15
CA GLU A 105 -39.65 40.25 17.35
C GLU A 105 -38.68 39.17 16.87
N PRO A 106 -38.69 37.99 17.50
CA PRO A 106 -37.73 36.94 17.15
C PRO A 106 -37.96 36.42 15.74
N LEU A 107 -36.88 36.30 14.99
CA LEU A 107 -36.98 35.82 13.62
C LEU A 107 -37.29 34.32 13.60
N PRO A 108 -38.23 33.88 12.77
CA PRO A 108 -38.52 32.44 12.69
C PRO A 108 -37.31 31.62 12.23
N GLU A 109 -36.39 32.21 11.47
CA GLU A 109 -35.18 31.48 11.10
C GLU A 109 -34.38 31.10 12.33
N GLY A 110 -34.18 32.05 13.25
CA GLY A 110 -33.46 31.75 14.48
C GLY A 110 -34.16 30.71 15.33
N LEU A 111 -35.49 30.80 15.41
CA LEU A 111 -36.25 29.77 16.11
C LEU A 111 -36.04 28.41 15.44
N LEU A 112 -36.07 28.38 14.10
CA LEU A 112 -35.84 27.13 13.38
C LEU A 112 -34.45 26.58 13.68
N TRP A 113 -33.45 27.46 13.75
CA TRP A 113 -32.11 27.03 14.15
C TRP A 113 -32.14 26.43 15.55
N LEU A 114 -32.89 27.05 16.47
CA LEU A 114 -32.96 26.54 17.84
C LEU A 114 -33.61 25.16 17.87
N LEU A 115 -34.70 24.97 17.12
CA LEU A 115 -35.39 23.68 17.12
C LEU A 115 -34.50 22.59 16.54
N LEU A 116 -33.73 22.91 15.50
CA LEU A 116 -32.93 21.89 14.83
C LEU A 116 -31.70 21.51 15.65
N THR A 117 -30.99 22.50 16.18
CA THR A 117 -29.71 22.27 16.85
C THR A 117 -29.80 22.28 18.36
N GLY A 118 -30.83 22.90 18.94
CA GLY A 118 -30.90 23.09 20.38
C GLY A 118 -30.07 24.23 20.91
N LYS A 119 -29.39 24.99 20.06
CA LYS A 119 -28.53 26.07 20.48
C LYS A 119 -29.04 27.38 19.87
N VAL A 120 -28.90 28.47 20.63
CA VAL A 120 -29.33 29.78 20.14
C VAL A 120 -28.35 30.25 19.06
N PRO A 121 -28.84 30.69 17.90
CA PRO A 121 -27.94 31.10 16.82
C PRO A 121 -27.48 32.55 16.95
N SER A 122 -26.34 32.82 16.31
CA SER A 122 -25.84 34.18 16.23
C SER A 122 -26.62 34.98 15.20
N LYS A 123 -26.35 36.29 15.15
CA LYS A 123 -26.99 37.13 14.14
C LYS A 123 -26.56 36.72 12.74
N GLU A 124 -25.32 36.27 12.58
CA GLU A 124 -24.84 35.87 11.26
C GLU A 124 -25.41 34.52 10.85
N GLN A 125 -25.56 33.59 11.80
CA GLN A 125 -26.15 32.30 11.47
C GLN A 125 -27.61 32.45 11.05
N VAL A 126 -28.33 33.39 11.66
CA VAL A 126 -29.71 33.64 11.26
C VAL A 126 -29.74 34.23 9.85
N GLU A 127 -28.83 35.16 9.55
CA GLU A 127 -28.79 35.74 8.20
C GLU A 127 -28.42 34.72 7.15
N ALA A 128 -27.50 33.80 7.48
CA ALA A 128 -27.15 32.74 6.54
C ALA A 128 -28.35 31.85 6.25
N LEU A 129 -29.10 31.49 7.28
CA LEU A 129 -30.29 30.67 7.08
C LEU A 129 -31.39 31.44 6.35
N SER A 130 -31.44 32.76 6.52
CA SER A 130 -32.46 33.55 5.83
C SER A 130 -32.22 33.56 4.33
N LYS A 131 -30.98 33.75 3.90
CA LYS A 131 -30.67 33.69 2.48
C LYS A 131 -30.77 32.26 1.95
N ASP A 132 -30.46 31.27 2.78
CA ASP A 132 -30.65 29.88 2.37
C ASP A 132 -32.11 29.59 2.07
N LEU A 133 -33.01 29.96 3.00
CA LEU A 133 -34.44 29.76 2.77
C LEU A 133 -34.93 30.53 1.55
N ALA A 134 -34.49 31.79 1.41
CA ALA A 134 -34.92 32.59 0.27
C ALA A 134 -34.46 31.99 -1.05
N ASN A 135 -33.31 31.32 -1.06
CA ASN A 135 -32.80 30.71 -2.28
C ASN A 135 -33.49 29.39 -2.61
N ARG A 136 -34.07 28.73 -1.62
CA ARG A 136 -34.79 27.46 -1.81
C ARG A 136 -36.26 27.66 -2.14
N ALA A 137 -36.74 28.89 -2.26
CA ALA A 137 -38.16 29.18 -2.38
C ALA A 137 -38.68 29.11 -3.81
N ALA A 138 -37.93 28.51 -4.73
CA ALA A 138 -38.40 28.40 -6.11
C ALA A 138 -39.50 27.35 -6.22
N VAL A 139 -40.62 27.73 -6.83
CA VAL A 139 -41.80 26.89 -6.93
C VAL A 139 -42.10 26.68 -8.41
N PRO A 140 -42.14 25.44 -8.91
CA PRO A 140 -42.44 25.22 -10.32
C PRO A 140 -43.88 25.61 -10.67
N ASP A 141 -44.10 25.82 -11.96
CA ASP A 141 -45.36 26.40 -12.42
C ASP A 141 -46.52 25.41 -12.31
N TYR A 142 -46.24 24.10 -12.35
CA TYR A 142 -47.33 23.13 -12.26
C TYR A 142 -47.96 23.09 -10.88
N VAL A 143 -47.29 23.63 -9.86
CA VAL A 143 -47.92 23.74 -8.54
C VAL A 143 -49.05 24.77 -8.58
N TYR A 144 -48.80 25.91 -9.21
CA TYR A 144 -49.86 26.90 -9.39
C TYR A 144 -50.96 26.36 -10.29
N ASN A 145 -50.58 25.62 -11.32
CA ASN A 145 -51.57 24.99 -12.20
C ASN A 145 -52.44 24.00 -11.43
N ALA A 146 -51.82 23.20 -10.55
CA ALA A 146 -52.57 22.24 -9.74
C ALA A 146 -53.59 22.93 -8.85
N ILE A 147 -53.21 24.05 -8.24
CA ILE A 147 -54.13 24.78 -7.37
C ILE A 147 -55.23 25.43 -8.18
N ASP A 148 -54.87 26.07 -9.30
CA ASP A 148 -55.87 26.77 -10.10
C ASP A 148 -56.88 25.82 -10.74
N ALA A 149 -56.52 24.54 -10.87
CA ALA A 149 -57.48 23.58 -11.41
C ALA A 149 -58.65 23.38 -10.44
N LEU A 150 -58.40 23.52 -9.15
CA LEU A 150 -59.47 23.49 -8.16
C LEU A 150 -60.33 24.74 -8.29
N PRO A 151 -61.60 24.66 -7.93
CA PRO A 151 -62.44 25.87 -7.96
C PRO A 151 -61.99 26.87 -6.90
N SER A 152 -62.34 28.14 -7.15
CA SER A 152 -61.97 29.20 -6.21
C SER A 152 -62.64 29.03 -4.86
N THR A 153 -63.81 28.36 -4.84
CA THR A 153 -64.56 28.16 -3.61
C THR A 153 -63.97 27.06 -2.73
N ALA A 154 -62.95 26.33 -3.21
CA ALA A 154 -62.36 25.26 -2.43
C ALA A 154 -61.76 25.79 -1.15
N HIS A 155 -61.85 24.98 -0.09
CA HIS A 155 -61.33 25.38 1.21
C HIS A 155 -59.86 25.75 1.10
N PRO A 156 -59.43 26.83 1.77
CA PRO A 156 -58.01 27.22 1.68
C PRO A 156 -57.05 26.15 2.13
N MET A 157 -57.41 25.36 3.14
CA MET A 157 -56.55 24.25 3.55
C MET A 157 -56.48 23.17 2.48
N THR A 158 -57.55 22.98 1.71
CA THR A 158 -57.53 22.01 0.62
C THR A 158 -56.62 22.47 -0.52
N GLN A 159 -56.77 23.74 -0.93
CA GLN A 159 -55.90 24.27 -1.98
C GLN A 159 -54.45 24.31 -1.51
N PHE A 160 -54.23 24.61 -0.23
CA PHE A 160 -52.87 24.57 0.32
C PHE A 160 -52.32 23.15 0.29
N ALA A 161 -53.09 22.18 0.82
CA ALA A 161 -52.61 20.81 0.88
C ALA A 161 -52.45 20.19 -0.50
N SER A 162 -53.35 20.53 -1.43
CA SER A 162 -53.18 20.05 -2.81
C SER A 162 -51.93 20.65 -3.42
N GLY A 163 -51.62 21.89 -3.06
CA GLY A 163 -50.38 22.49 -3.53
C GLY A 163 -49.16 21.82 -2.93
N VAL A 164 -49.26 21.40 -1.68
CA VAL A 164 -48.14 20.68 -1.04
C VAL A 164 -47.90 19.35 -1.73
N MET A 165 -48.98 18.69 -2.15
CA MET A 165 -48.83 17.46 -2.93
C MET A 165 -48.11 17.73 -4.25
N ALA A 166 -48.35 18.90 -4.84
CA ALA A 166 -47.63 19.27 -6.06
C ALA A 166 -46.15 19.49 -5.78
N LEU A 167 -45.81 20.05 -4.62
CA LEU A 167 -44.41 20.21 -4.24
C LEU A 167 -43.72 18.87 -4.00
N GLN A 168 -44.48 17.82 -3.72
CA GLN A 168 -43.90 16.50 -3.43
C GLN A 168 -43.18 15.92 -4.64
N VAL A 169 -43.51 16.35 -5.85
CA VAL A 169 -42.89 15.81 -7.05
C VAL A 169 -41.37 16.02 -7.05
N GLN A 170 -40.91 17.09 -6.42
CA GLN A 170 -39.48 17.39 -6.33
C GLN A 170 -38.83 16.84 -5.07
N SER A 171 -39.42 15.83 -4.46
CA SER A 171 -38.89 15.26 -3.22
C SER A 171 -37.56 14.56 -3.48
N GLU A 172 -36.56 14.90 -2.65
CA GLU A 172 -35.25 14.26 -2.77
C GLU A 172 -35.12 13.02 -1.91
N PHE A 173 -35.91 12.88 -0.84
CA PHE A 173 -35.84 11.66 -0.05
C PHE A 173 -36.50 10.49 -0.76
N GLN A 174 -37.54 10.75 -1.56
CA GLN A 174 -38.17 9.67 -2.33
C GLN A 174 -37.20 9.11 -3.35
N LYS A 175 -36.48 9.98 -4.07
CA LYS A 175 -35.54 9.52 -5.07
C LYS A 175 -34.31 8.90 -4.42
N ALA A 176 -33.84 9.47 -3.31
CA ALA A 176 -32.69 8.92 -2.61
C ALA A 176 -32.97 7.52 -2.07
N TYR A 177 -34.17 7.30 -1.52
CA TYR A 177 -34.53 5.97 -1.06
C TYR A 177 -34.64 4.99 -2.23
N GLU A 178 -35.17 5.46 -3.36
CA GLU A 178 -35.27 4.61 -4.53
C GLU A 178 -33.88 4.25 -5.06
N ASN A 179 -32.90 5.11 -4.85
CA ASN A 179 -31.52 4.81 -5.23
C ASN A 179 -30.75 4.08 -4.14
N GLY A 180 -31.42 3.73 -3.04
CA GLY A 180 -30.83 2.87 -2.03
C GLY A 180 -29.75 3.48 -1.16
N ILE A 181 -29.93 4.72 -0.70
CA ILE A 181 -28.98 5.28 0.25
C ILE A 181 -29.11 4.53 1.58
N HIS A 182 -28.03 4.54 2.36
CA HIS A 182 -28.00 3.80 3.61
C HIS A 182 -28.95 4.43 4.64
N LYS A 183 -29.40 3.58 5.58
CA LYS A 183 -30.35 4.04 6.59
C LYS A 183 -29.76 5.14 7.45
N SER A 184 -28.45 5.07 7.74
CA SER A 184 -27.80 6.07 8.57
C SER A 184 -27.67 7.42 7.89
N LYS A 185 -28.00 7.52 6.61
CA LYS A 185 -27.97 8.78 5.87
C LYS A 185 -29.36 9.25 5.47
N PHE A 186 -30.42 8.66 6.06
CA PHE A 186 -31.77 9.05 5.69
C PHE A 186 -32.04 10.53 5.96
N TRP A 187 -31.43 11.07 7.02
CA TRP A 187 -31.72 12.44 7.41
C TRP A 187 -31.20 13.47 6.41
N GLU A 188 -30.18 13.12 5.61
CA GLU A 188 -29.61 14.11 4.69
C GLU A 188 -30.61 14.54 3.62
N PRO A 189 -31.23 13.65 2.85
CA PRO A 189 -32.29 14.12 1.93
C PRO A 189 -33.55 14.55 2.66
N THR A 190 -33.80 14.01 3.86
CA THR A 190 -34.88 14.54 4.68
C THR A 190 -34.63 15.99 5.05
N TYR A 191 -33.38 16.31 5.40
CA TYR A 191 -33.01 17.70 5.67
C TYR A 191 -33.24 18.58 4.45
N GLU A 192 -32.85 18.11 3.26
CA GLU A 192 -33.02 18.89 2.05
C GLU A 192 -34.49 19.16 1.76
N ASP A 193 -35.33 18.13 1.91
CA ASP A 193 -36.76 18.29 1.63
C ASP A 193 -37.43 19.22 2.62
N CYS A 194 -37.07 19.12 3.91
CA CYS A 194 -37.70 19.96 4.93
C CYS A 194 -37.39 21.43 4.71
N LEU A 195 -36.12 21.78 4.52
CA LEU A 195 -35.76 23.18 4.28
C LEU A 195 -36.34 23.67 2.97
N ASN A 196 -36.40 22.80 1.97
CA ASN A 196 -37.06 23.16 0.72
C ASN A 196 -38.56 23.33 0.93
N LEU A 197 -39.17 22.46 1.75
CA LEU A 197 -40.58 22.60 2.07
C LEU A 197 -40.86 23.88 2.84
N ILE A 198 -40.04 24.14 3.87
CA ILE A 198 -40.23 25.35 4.69
C ILE A 198 -40.07 26.60 3.84
N ALA A 199 -39.16 26.56 2.87
CA ALA A 199 -38.93 27.75 2.04
C ALA A 199 -40.09 28.03 1.10
N ARG A 200 -40.70 26.98 0.54
CA ARG A 200 -41.72 27.17 -0.49
C ARG A 200 -43.15 27.20 0.05
N VAL A 201 -43.40 26.62 1.21
CA VAL A 201 -44.75 26.54 1.77
C VAL A 201 -45.36 27.94 1.93
N PRO A 202 -44.61 29.00 2.26
CA PRO A 202 -45.24 30.33 2.25
C PRO A 202 -45.62 30.79 0.85
N VAL A 203 -44.82 30.44 -0.16
CA VAL A 203 -45.14 30.85 -1.54
C VAL A 203 -46.47 30.25 -1.97
N VAL A 204 -46.68 28.96 -1.69
CA VAL A 204 -47.95 28.31 -2.01
C VAL A 204 -49.07 28.91 -1.16
N ALA A 205 -48.81 29.11 0.13
CA ALA A 205 -49.83 29.66 1.02
C ALA A 205 -50.22 31.06 0.60
N ALA A 206 -49.26 31.89 0.23
CA ALA A 206 -49.58 33.25 -0.20
C ALA A 206 -50.34 33.24 -1.53
N TYR A 207 -50.01 32.29 -2.41
CA TYR A 207 -50.74 32.20 -3.68
C TYR A 207 -52.19 31.83 -3.45
N VAL A 208 -52.44 30.91 -2.50
CA VAL A 208 -53.83 30.57 -2.17
C VAL A 208 -54.56 31.79 -1.62
N TYR A 209 -53.86 32.60 -0.83
CA TYR A 209 -54.49 33.79 -0.26
C TYR A 209 -54.80 34.81 -1.35
N ARG A 210 -53.83 35.11 -2.20
CA ARG A 210 -54.05 36.09 -3.27
C ARG A 210 -55.08 35.59 -4.28
N ARG A 211 -55.13 34.27 -4.50
CA ARG A 211 -56.10 33.74 -5.47
C ARG A 211 -57.52 33.79 -4.93
N MET A 212 -57.70 33.42 -3.66
CA MET A 212 -59.05 33.34 -3.09
C MET A 212 -59.63 34.69 -2.72
N TYR A 213 -58.79 35.65 -2.35
CA TYR A 213 -59.26 36.90 -1.79
C TYR A 213 -58.75 38.14 -2.51
N LYS A 214 -57.77 38.02 -3.40
CA LYS A 214 -57.22 39.18 -4.10
C LYS A 214 -57.29 38.98 -5.61
N ASN A 215 -58.23 38.14 -6.06
CA ASN A 215 -58.53 37.94 -7.48
C ASN A 215 -57.29 37.56 -8.29
N GLY A 216 -56.52 36.61 -7.75
CA GLY A 216 -55.36 36.07 -8.44
C GLY A 216 -54.22 37.03 -8.67
N ASP A 217 -54.18 38.15 -7.94
CA ASP A 217 -53.09 39.11 -8.06
C ASP A 217 -51.90 38.58 -7.25
N SER A 218 -51.19 37.63 -7.84
CA SER A 218 -50.08 36.98 -7.16
C SER A 218 -48.90 37.92 -7.00
N ILE A 219 -48.17 37.76 -5.89
CA ILE A 219 -47.01 38.57 -5.56
C ILE A 219 -45.80 37.66 -5.47
N PRO A 220 -44.74 37.90 -6.23
CA PRO A 220 -43.59 36.98 -6.22
C PRO A 220 -42.77 37.12 -4.95
N SER A 221 -41.95 36.10 -4.71
CA SER A 221 -41.06 36.09 -3.55
C SER A 221 -39.91 37.07 -3.75
N ASP A 222 -39.47 37.68 -2.66
CA ASP A 222 -38.34 38.61 -2.67
C ASP A 222 -37.17 37.96 -1.93
N LYS A 223 -36.07 37.74 -2.64
CA LYS A 223 -34.90 37.07 -2.07
C LYS A 223 -34.14 37.94 -1.07
N SER A 224 -34.46 39.24 -0.99
CA SER A 224 -33.78 40.11 -0.03
C SER A 224 -34.38 40.04 1.36
N LEU A 225 -35.66 39.67 1.45
CA LEU A 225 -36.37 39.71 2.73
C LEU A 225 -36.09 38.46 3.55
N ASP A 226 -36.38 38.56 4.85
CA ASP A 226 -36.33 37.41 5.72
C ASP A 226 -37.61 36.60 5.58
N TYR A 227 -37.69 35.49 6.31
CA TYR A 227 -38.76 34.52 6.12
C TYR A 227 -40.13 35.14 6.41
N GLY A 228 -40.31 35.63 7.64
CA GLY A 228 -41.58 36.21 8.01
C GLY A 228 -41.94 37.44 7.19
N ALA A 229 -40.94 38.25 6.86
CA ALA A 229 -41.20 39.45 6.08
C ALA A 229 -41.60 39.10 4.64
N ASN A 230 -40.98 38.07 4.07
CA ASN A 230 -41.32 37.65 2.71
C ASN A 230 -42.74 37.10 2.64
N PHE A 231 -43.17 36.37 3.67
CA PHE A 231 -44.53 35.85 3.68
C PHE A 231 -45.54 36.99 3.74
N SER A 232 -45.33 37.94 4.64
CA SER A 232 -46.20 39.11 4.70
C SER A 232 -46.16 39.89 3.40
N HIS A 233 -44.98 39.97 2.77
CA HIS A 233 -44.85 40.67 1.51
C HIS A 233 -45.67 40.00 0.41
N MET A 234 -45.59 38.66 0.31
CA MET A 234 -46.34 37.95 -0.71
C MET A 234 -47.84 37.91 -0.42
N LEU A 235 -48.22 38.03 0.86
CA LEU A 235 -49.64 38.11 1.20
C LEU A 235 -50.25 39.45 0.85
N GLY A 236 -49.43 40.47 0.62
CA GLY A 236 -49.89 41.79 0.29
C GLY A 236 -49.76 42.84 1.38
N PHE A 237 -48.95 42.59 2.41
CA PHE A 237 -48.76 43.51 3.52
C PHE A 237 -47.27 43.83 3.60
N ASP A 238 -46.88 44.99 3.10
CA ASP A 238 -45.49 45.41 3.09
C ASP A 238 -45.13 46.31 4.27
N ASP A 239 -46.11 46.67 5.10
CA ASP A 239 -45.83 47.49 6.27
C ASP A 239 -44.90 46.76 7.23
N GLU A 240 -44.00 47.52 7.86
CA GLU A 240 -43.03 46.92 8.76
C GLU A 240 -43.70 46.35 10.00
N LYS A 241 -44.85 46.92 10.40
CA LYS A 241 -45.52 46.44 11.60
C LYS A 241 -46.21 45.10 11.34
N VAL A 242 -46.64 44.84 10.10
CA VAL A 242 -47.20 43.54 9.79
C VAL A 242 -46.10 42.50 9.69
N LYS A 243 -44.96 42.88 9.11
CA LYS A 243 -43.80 42.00 9.07
C LYS A 243 -43.38 41.60 10.48
N GLU A 244 -43.35 42.56 11.41
CA GLU A 244 -43.05 42.24 12.79
C GLU A 244 -44.08 41.27 13.37
N LEU A 245 -45.35 41.46 13.01
CA LEU A 245 -46.40 40.54 13.48
C LEU A 245 -46.19 39.14 12.92
N MET A 246 -45.88 39.04 11.62
CA MET A 246 -45.71 37.72 11.01
C MET A 246 -44.46 37.02 11.55
N ARG A 247 -43.40 37.79 11.83
CA ARG A 247 -42.22 37.21 12.47
C ARG A 247 -42.58 36.62 13.83
N LEU A 248 -43.38 37.34 14.61
CA LEU A 248 -43.79 36.85 15.93
C LEU A 248 -44.79 35.71 15.79
N TYR A 249 -45.70 35.80 14.81
CA TYR A 249 -46.73 34.77 14.64
C TYR A 249 -46.09 33.44 14.25
N ILE A 250 -45.23 33.45 13.23
CA ILE A 250 -44.61 32.20 12.78
C ILE A 250 -43.77 31.59 13.88
N THR A 251 -43.11 32.43 14.68
CA THR A 251 -42.20 31.93 15.70
C THR A 251 -42.95 31.23 16.83
N ILE A 252 -44.06 31.82 17.30
CA ILE A 252 -44.72 31.27 18.48
C ILE A 252 -45.67 30.12 18.13
N HIS A 253 -46.16 30.03 16.89
CA HIS A 253 -46.99 28.91 16.48
C HIS A 253 -46.18 27.80 15.83
N SER A 254 -44.85 27.88 15.89
CA SER A 254 -44.00 27.00 15.10
C SER A 254 -44.11 25.54 15.56
N ASP A 255 -44.29 25.31 16.86
CA ASP A 255 -44.29 23.96 17.38
C ASP A 255 -45.02 23.94 18.71
N HIS A 256 -45.59 22.77 19.04
CA HIS A 256 -46.29 22.59 20.30
C HIS A 256 -46.49 21.11 20.59
N GLU A 257 -45.42 20.43 20.97
CA GLU A 257 -45.44 19.00 21.30
C GLU A 257 -45.82 18.15 20.09
N GLY A 258 -46.00 16.85 20.31
CA GLY A 258 -46.33 15.94 19.23
C GLY A 258 -47.65 15.23 19.41
N GLY A 259 -48.37 15.56 20.48
CA GLY A 259 -49.65 14.92 20.73
C GLY A 259 -50.80 15.46 19.91
N ASN A 260 -50.69 16.68 19.41
CA ASN A 260 -51.74 17.24 18.58
C ASN A 260 -51.83 16.49 17.26
N VAL A 261 -53.00 16.61 16.62
CA VAL A 261 -53.29 15.78 15.45
C VAL A 261 -52.32 16.07 14.32
N SER A 262 -52.02 17.35 14.06
CA SER A 262 -51.17 17.71 12.93
C SER A 262 -49.74 17.21 13.13
N ALA A 263 -49.18 17.43 14.31
CA ALA A 263 -47.82 16.95 14.57
C ALA A 263 -47.77 15.43 14.57
N HIS A 264 -48.74 14.78 15.22
CA HIS A 264 -48.78 13.32 15.24
C HIS A 264 -48.95 12.74 13.84
N THR A 265 -49.83 13.35 13.02
CA THR A 265 -50.07 12.84 11.68
C THR A 265 -48.80 12.85 10.85
N GLY A 266 -48.11 14.00 10.80
CA GLY A 266 -46.88 14.08 10.04
C GLY A 266 -45.84 13.10 10.54
N HIS A 267 -45.74 12.93 11.86
CA HIS A 267 -44.83 11.94 12.42
C HIS A 267 -45.27 10.52 12.07
N LEU A 268 -46.59 10.29 12.01
CA LEU A 268 -47.10 8.96 11.70
C LEU A 268 -46.85 8.60 10.25
N VAL A 269 -47.14 9.53 9.32
CA VAL A 269 -46.88 9.28 7.91
C VAL A 269 -45.38 9.18 7.66
N GLY A 270 -44.58 9.97 8.39
CA GLY A 270 -43.14 9.91 8.21
C GLY A 270 -42.51 8.62 8.68
N SER A 271 -43.15 7.94 9.65
CA SER A 271 -42.59 6.70 10.16
C SER A 271 -42.59 5.57 9.12
N ALA A 272 -43.48 5.64 8.13
CA ALA A 272 -43.46 4.72 7.00
C ALA A 272 -42.44 5.10 5.94
N LEU A 273 -41.57 6.07 6.25
CA LEU A 273 -40.54 6.57 5.34
C LEU A 273 -41.13 7.31 4.14
N SER A 274 -42.28 7.94 4.33
CA SER A 274 -42.76 8.91 3.36
C SER A 274 -42.00 10.22 3.53
N ASP A 275 -41.78 10.91 2.41
CA ASP A 275 -40.99 12.12 2.42
C ASP A 275 -41.71 13.25 3.16
N PRO A 276 -40.99 14.29 3.59
CA PRO A 276 -41.63 15.36 4.37
C PRO A 276 -42.80 16.03 3.68
N TYR A 277 -42.83 16.06 2.35
CA TYR A 277 -43.97 16.66 1.67
C TYR A 277 -45.24 15.86 1.90
N LEU A 278 -45.15 14.53 1.83
CA LEU A 278 -46.32 13.69 2.07
C LEU A 278 -46.75 13.75 3.53
N SER A 279 -45.79 13.78 4.45
CA SER A 279 -46.12 13.84 5.87
C SER A 279 -46.78 15.17 6.22
N PHE A 280 -46.29 16.27 5.64
CA PHE A 280 -46.83 17.58 5.96
C PHE A 280 -48.20 17.80 5.33
N ALA A 281 -48.40 17.31 4.10
CA ALA A 281 -49.71 17.42 3.47
C ALA A 281 -50.77 16.65 4.26
N ALA A 282 -50.41 15.46 4.74
CA ALA A 282 -51.32 14.71 5.60
C ALA A 282 -51.53 15.42 6.93
N ALA A 283 -50.47 16.06 7.45
CA ALA A 283 -50.60 16.82 8.68
C ALA A 283 -51.59 17.97 8.53
N LEU A 284 -51.56 18.63 7.36
CA LEU A 284 -52.49 19.72 7.11
C LEU A 284 -53.94 19.24 7.12
N ASN A 285 -54.20 18.08 6.51
CA ASN A 285 -55.55 17.54 6.48
C ASN A 285 -56.07 17.28 7.90
N GLY A 286 -55.19 16.88 8.81
CA GLY A 286 -55.57 16.80 10.21
C GLY A 286 -55.72 18.16 10.84
N LEU A 287 -54.83 19.10 10.49
CA LEU A 287 -54.91 20.45 11.02
C LEU A 287 -56.17 21.17 10.56
N ALA A 288 -56.73 20.77 9.41
CA ALA A 288 -57.96 21.37 8.92
C ALA A 288 -59.18 20.95 9.73
N GLY A 289 -59.03 20.00 10.64
CA GLY A 289 -60.12 19.53 11.47
C GLY A 289 -60.66 20.60 12.41
N PRO A 290 -61.98 20.70 12.49
CA PRO A 290 -62.59 21.70 13.37
C PRO A 290 -62.14 21.63 14.82
N LEU A 291 -61.74 20.45 15.29
CA LEU A 291 -61.24 20.29 16.65
C LEU A 291 -59.74 20.61 16.76
N HIS A 292 -59.13 21.14 15.71
CA HIS A 292 -57.69 21.32 15.75
C HIS A 292 -57.23 22.70 15.30
N GLY A 293 -57.79 23.24 14.22
CA GLY A 293 -57.27 24.47 13.67
C GLY A 293 -58.29 25.57 13.42
N LEU A 294 -59.31 25.68 14.28
CA LEU A 294 -60.32 26.71 14.12
C LEU A 294 -60.48 27.60 15.35
N ALA A 295 -59.68 27.41 16.39
CA ALA A 295 -59.83 28.25 17.57
C ALA A 295 -59.54 29.71 17.25
N ASN A 296 -58.53 29.96 16.40
CA ASN A 296 -58.27 31.32 15.92
C ASN A 296 -59.49 31.92 15.22
N GLN A 297 -60.16 31.12 14.39
CA GLN A 297 -61.29 31.65 13.61
C GLN A 297 -62.52 31.85 14.47
N GLU A 298 -62.75 30.96 15.43
CA GLU A 298 -63.93 31.08 16.28
C GLU A 298 -63.86 32.31 17.16
N VAL A 299 -62.67 32.66 17.66
CA VAL A 299 -62.53 33.82 18.54
C VAL A 299 -62.85 35.12 17.80
N LEU A 300 -62.27 35.28 16.60
CA LEU A 300 -62.46 36.54 15.87
C LEU A 300 -63.92 36.73 15.46
N LEU A 301 -64.58 35.67 15.00
CA LEU A 301 -65.97 35.79 14.59
C LEU A 301 -66.88 36.11 15.78
N TRP A 302 -66.56 35.56 16.95
CA TRP A 302 -67.40 35.80 18.13
C TRP A 302 -67.28 37.24 18.63
N ILE A 303 -66.06 37.75 18.75
CA ILE A 303 -65.88 39.11 19.28
C ILE A 303 -66.48 40.15 18.35
N LYS A 304 -66.40 39.93 17.04
CA LYS A 304 -67.01 40.86 16.10
C LYS A 304 -68.53 40.89 16.25
N SER A 305 -69.13 39.75 16.58
CA SER A 305 -70.57 39.73 16.83
C SER A 305 -70.90 40.40 18.15
N VAL A 306 -70.00 40.35 19.12
CA VAL A 306 -70.23 41.01 20.41
C VAL A 306 -70.15 42.52 20.24
N VAL A 307 -69.17 43.01 19.46
CA VAL A 307 -69.05 44.44 19.24
C VAL A 307 -70.23 44.97 18.42
N GLU A 308 -70.85 44.12 17.60
CA GLU A 308 -72.01 44.56 16.83
C GLU A 308 -73.29 44.50 17.67
N GLU A 309 -73.39 43.54 18.58
CA GLU A 309 -74.58 43.41 19.42
C GLU A 309 -74.58 44.43 20.56
N CYS A 310 -73.41 44.87 21.01
CA CYS A 310 -73.28 45.72 22.18
C CYS A 310 -72.68 47.09 21.88
N GLY A 311 -72.33 47.38 20.63
CA GLY A 311 -71.69 48.62 20.29
C GLY A 311 -70.17 48.53 20.36
N GLU A 312 -69.52 49.58 19.86
CA GLU A 312 -68.07 49.54 19.74
C GLU A 312 -67.37 49.79 21.07
N ASP A 313 -67.80 50.80 21.81
CA ASP A 313 -67.17 51.19 23.07
C ASP A 313 -68.03 50.71 24.24
N ILE A 314 -67.86 49.43 24.58
CA ILE A 314 -68.58 48.81 25.69
C ILE A 314 -67.73 48.96 26.95
N SER A 315 -68.37 49.37 28.04
CA SER A 315 -67.69 49.51 29.31
C SER A 315 -67.30 48.14 29.87
N LYS A 316 -66.34 48.16 30.80
CA LYS A 316 -65.93 46.91 31.44
C LYS A 316 -67.07 46.32 32.26
N GLU A 317 -67.92 47.16 32.84
CA GLU A 317 -69.03 46.65 33.64
C GLU A 317 -70.16 46.12 32.76
N GLN A 318 -70.41 46.72 31.61
CA GLN A 318 -71.39 46.17 30.68
C GLN A 318 -70.93 44.83 30.12
N LEU A 319 -69.62 44.65 29.94
CA LEU A 319 -69.12 43.36 29.46
C LEU A 319 -69.31 42.28 30.51
N LYS A 320 -69.13 42.62 31.78
CA LYS A 320 -69.42 41.66 32.84
C LYS A 320 -70.88 41.24 32.81
N GLU A 321 -71.78 42.20 32.58
CA GLU A 321 -73.20 41.88 32.45
C GLU A 321 -73.44 40.98 31.24
N TYR A 322 -72.77 41.26 30.12
CA TYR A 322 -72.91 40.42 28.94
C TYR A 322 -72.31 39.04 29.15
N VAL A 323 -71.09 38.99 29.69
CA VAL A 323 -70.41 37.71 29.92
C VAL A 323 -71.20 36.86 30.92
N TRP A 324 -71.78 37.50 31.95
CA TRP A 324 -72.55 36.75 32.93
C TRP A 324 -73.79 36.13 32.31
N LYS A 325 -74.56 36.92 31.55
CA LYS A 325 -75.73 36.36 30.87
C LYS A 325 -75.31 35.30 29.86
N THR A 326 -74.21 35.55 29.15
CA THR A 326 -73.74 34.60 28.14
C THR A 326 -73.35 33.26 28.75
N LEU A 327 -72.57 33.30 29.84
CA LEU A 327 -72.09 32.05 30.44
C LEU A 327 -73.22 31.29 31.13
N ASN A 328 -74.14 32.00 31.80
CA ASN A 328 -75.24 31.34 32.49
C ASN A 328 -76.28 30.77 31.54
N SER A 329 -76.29 31.22 30.29
CA SER A 329 -77.20 30.69 29.28
C SER A 329 -76.73 29.37 28.69
N GLY A 330 -75.64 28.78 29.20
CA GLY A 330 -75.12 27.56 28.63
C GLY A 330 -74.09 27.76 27.54
N LYS A 331 -73.64 28.99 27.32
CA LYS A 331 -72.70 29.33 26.26
C LYS A 331 -71.28 29.39 26.81
N VAL A 332 -70.33 29.34 25.89
CA VAL A 332 -68.92 29.41 26.23
C VAL A 332 -68.35 30.71 25.67
N ILE A 333 -67.22 31.13 26.24
CA ILE A 333 -66.47 32.28 25.77
C ILE A 333 -65.29 31.76 24.95
N PRO A 334 -65.22 32.05 23.65
CA PRO A 334 -64.13 31.48 22.84
C PRO A 334 -62.77 31.94 23.32
N GLY A 335 -61.81 31.01 23.27
CA GLY A 335 -60.46 31.28 23.71
C GLY A 335 -60.22 31.19 25.21
N TYR A 336 -61.27 31.05 26.02
CA TYR A 336 -61.15 30.99 27.46
C TYR A 336 -61.65 29.64 27.96
N GLY A 337 -61.02 29.14 29.01
CA GLY A 337 -61.41 27.90 29.62
C GLY A 337 -60.69 26.68 29.06
N HIS A 338 -60.09 26.81 27.89
CA HIS A 338 -59.39 25.75 27.19
C HIS A 338 -57.96 25.55 27.67
N GLY A 339 -57.58 26.22 28.76
CA GLY A 339 -56.19 26.23 29.19
C GLY A 339 -55.81 25.05 30.06
N VAL A 340 -54.58 24.59 29.88
CA VAL A 340 -53.95 23.58 30.72
C VAL A 340 -52.80 24.18 31.52
N LEU A 341 -52.70 25.50 31.56
CA LEU A 341 -51.72 26.22 32.34
C LEU A 341 -52.41 26.94 33.49
N ARG A 342 -51.83 26.85 34.69
CA ARG A 342 -52.42 27.54 35.82
C ARG A 342 -52.44 29.05 35.60
N ASN A 343 -51.48 29.57 34.85
CA ASN A 343 -51.40 30.98 34.48
C ASN A 343 -51.71 31.13 32.99
N THR A 344 -51.80 32.38 32.55
CA THR A 344 -52.10 32.66 31.16
C THR A 344 -50.99 32.13 30.25
N ASP A 345 -51.39 31.58 29.11
CA ASP A 345 -50.48 31.09 28.08
C ASP A 345 -49.51 32.20 27.69
N PRO A 346 -48.20 31.99 27.84
CA PRO A 346 -47.24 33.04 27.43
C PRO A 346 -47.36 33.45 25.97
N ARG A 347 -47.91 32.60 25.11
CA ARG A 347 -48.13 32.98 23.72
C ARG A 347 -49.25 34.00 23.60
N TYR A 348 -50.23 33.95 24.51
CA TYR A 348 -51.23 35.01 24.59
C TYR A 348 -50.62 36.31 25.09
N VAL A 349 -49.75 36.22 26.10
CA VAL A 349 -49.18 37.42 26.71
C VAL A 349 -48.30 38.18 25.72
N CYS A 350 -47.46 37.45 24.97
CA CYS A 350 -46.54 38.12 24.06
C CYS A 350 -47.28 38.83 22.92
N GLN A 351 -48.42 38.28 22.50
CA GLN A 351 -49.25 38.96 21.51
C GLN A 351 -50.02 40.11 22.13
N ARG A 352 -50.30 40.04 23.43
CA ARG A 352 -50.87 41.18 24.14
C ARG A 352 -49.86 42.30 24.24
N GLU A 353 -48.58 41.96 24.47
CA GLU A 353 -47.52 42.97 24.46
C GLU A 353 -47.47 43.69 23.11
N PHE A 354 -47.59 42.95 22.02
CA PHE A 354 -47.59 43.56 20.69
C PHE A 354 -48.78 44.50 20.52
N ALA A 355 -49.96 44.03 20.90
CA ALA A 355 -51.17 44.83 20.71
C ALA A 355 -51.19 46.05 21.62
N LEU A 356 -50.75 45.90 22.87
CA LEU A 356 -50.67 47.05 23.77
C LEU A 356 -49.70 48.10 23.25
N LYS A 357 -48.73 47.70 22.43
CA LYS A 357 -47.75 48.63 21.90
C LYS A 357 -48.09 49.15 20.50
N HIS A 358 -48.76 48.33 19.67
CA HIS A 358 -48.97 48.68 18.27
C HIS A 358 -50.42 48.94 17.90
N LEU A 359 -51.37 48.59 18.76
CA LEU A 359 -52.77 48.88 18.43
C LEU A 359 -53.63 48.96 19.70
N PRO A 360 -53.32 49.86 20.63
CA PRO A 360 -54.15 49.95 21.85
C PRO A 360 -55.51 50.56 21.59
N ASP A 361 -55.66 51.32 20.51
CA ASP A 361 -56.91 51.98 20.18
C ASP A 361 -57.81 51.15 19.29
N ASP A 362 -57.40 49.95 18.92
CA ASP A 362 -58.25 49.08 18.11
C ASP A 362 -59.43 48.63 18.97
N PRO A 363 -60.68 48.89 18.55
CA PRO A 363 -61.82 48.52 19.40
C PRO A 363 -61.94 47.04 19.64
N LEU A 364 -61.59 46.21 18.64
CA LEU A 364 -61.68 44.77 18.82
C LEU A 364 -60.67 44.27 19.84
N PHE A 365 -59.48 44.87 19.87
CA PHE A 365 -58.49 44.48 20.88
C PHE A 365 -58.92 44.94 22.26
N GLN A 366 -59.56 46.11 22.34
CA GLN A 366 -60.08 46.57 23.63
C GLN A 366 -61.09 45.60 24.20
N LEU A 367 -61.88 44.95 23.33
CA LEU A 367 -62.80 43.94 23.82
C LEU A 367 -62.05 42.70 24.28
N VAL A 368 -61.01 42.31 23.55
CA VAL A 368 -60.15 41.21 24.01
C VAL A 368 -59.46 41.58 25.32
N SER A 369 -58.95 42.82 25.40
CA SER A 369 -58.29 43.25 26.63
C SER A 369 -59.26 43.30 27.79
N LYS A 370 -60.48 43.81 27.55
CA LYS A 370 -61.49 43.84 28.61
C LYS A 370 -61.93 42.42 28.99
N LEU A 371 -62.09 41.54 28.00
CA LEU A 371 -62.39 40.14 28.30
C LEU A 371 -61.28 39.52 29.15
N TYR A 372 -60.02 39.93 28.92
CA TYR A 372 -58.92 39.43 29.73
C TYR A 372 -59.07 39.82 31.19
N GLU A 373 -59.72 40.96 31.45
CA GLU A 373 -59.93 41.43 32.81
C GLU A 373 -61.21 40.87 33.41
N VAL A 374 -62.25 40.72 32.60
CA VAL A 374 -63.58 40.40 33.10
C VAL A 374 -63.86 38.91 33.15
N VAL A 375 -63.40 38.16 32.15
CA VAL A 375 -63.80 36.76 31.99
C VAL A 375 -63.14 35.84 33.02
N PRO A 376 -61.84 35.93 33.28
CA PRO A 376 -61.21 35.01 34.25
C PRO A 376 -61.86 35.08 35.62
N PRO A 377 -62.18 36.27 36.15
CA PRO A 377 -62.89 36.28 37.44
C PRO A 377 -64.27 35.64 37.38
N VAL A 378 -65.02 35.87 36.30
CA VAL A 378 -66.37 35.31 36.20
C VAL A 378 -66.31 33.79 36.14
N LEU A 379 -65.39 33.25 35.34
CA LEU A 379 -65.30 31.80 35.18
C LEU A 379 -65.00 31.09 36.50
N THR A 380 -64.19 31.71 37.37
CA THR A 380 -63.84 31.08 38.64
C THR A 380 -65.03 31.05 39.59
N GLU A 381 -65.83 32.12 39.60
CA GLU A 381 -67.01 32.16 40.47
C GLU A 381 -67.99 31.06 40.12
N LEU A 382 -68.09 30.73 38.84
CA LEU A 382 -69.01 29.70 38.39
C LEU A 382 -68.52 28.29 38.72
N GLY A 383 -67.20 28.11 38.87
CA GLY A 383 -66.63 26.84 39.28
C GLY A 383 -66.71 25.70 38.28
N LYS A 384 -67.12 25.97 37.04
CA LYS A 384 -67.23 24.93 36.02
C LYS A 384 -65.94 24.68 35.25
N VAL A 385 -64.94 25.53 35.38
CA VAL A 385 -63.74 25.46 34.54
C VAL A 385 -62.48 25.35 35.40
N LYS A 386 -61.53 24.55 34.92
CA LYS A 386 -60.28 24.32 35.64
C LYS A 386 -59.40 25.56 35.61
N ASN A 387 -59.01 26.00 34.41
CA ASN A 387 -58.17 27.17 34.23
C ASN A 387 -58.93 28.24 33.45
N PRO A 388 -59.22 29.40 34.05
CA PRO A 388 -60.05 30.39 33.35
C PRO A 388 -59.24 31.34 32.48
N TRP A 389 -58.02 30.95 32.10
CA TRP A 389 -57.15 31.86 31.38
C TRP A 389 -57.17 31.58 29.88
N PRO A 390 -56.96 32.60 29.06
CA PRO A 390 -56.98 32.41 27.61
C PRO A 390 -55.69 31.80 27.08
N ASN A 391 -55.75 31.38 25.83
CA ASN A 391 -54.61 30.85 25.10
C ASN A 391 -54.33 31.74 23.89
N VAL A 392 -53.35 31.31 23.08
CA VAL A 392 -52.87 32.15 21.97
C VAL A 392 -53.97 32.42 20.96
N ASP A 393 -54.91 31.49 20.78
CA ASP A 393 -55.94 31.68 19.75
C ASP A 393 -56.95 32.75 20.11
N ALA A 394 -57.01 33.17 21.38
CA ALA A 394 -57.91 34.24 21.78
C ALA A 394 -57.39 35.63 21.45
N HIS A 395 -56.14 35.73 20.99
CA HIS A 395 -55.51 37.03 20.78
C HIS A 395 -54.92 37.21 19.40
N SER A 396 -54.67 36.14 18.64
CA SER A 396 -54.01 36.29 17.35
C SER A 396 -54.95 36.86 16.29
N GLY A 397 -56.25 36.66 16.46
CA GLY A 397 -57.20 37.12 15.45
C GLY A 397 -57.25 38.62 15.31
N VAL A 398 -57.29 39.33 16.44
CA VAL A 398 -57.43 40.78 16.40
C VAL A 398 -56.17 41.42 15.82
N LEU A 399 -55.02 40.75 15.97
CA LEU A 399 -53.77 41.29 15.42
C LEU A 399 -53.77 41.20 13.90
N LEU A 400 -54.12 40.02 13.37
CA LEU A 400 -54.21 39.85 11.93
C LEU A 400 -55.34 40.71 11.34
N ASN A 401 -56.49 40.72 12.01
CA ASN A 401 -57.64 41.46 11.49
C ASN A 401 -57.38 42.96 11.46
N HIS A 402 -56.63 43.48 12.44
CA HIS A 402 -56.37 44.91 12.52
C HIS A 402 -55.63 45.42 11.29
N TYR A 403 -54.65 44.66 10.82
CA TYR A 403 -53.76 45.08 9.76
C TYR A 403 -54.29 44.77 8.37
N GLY A 404 -55.46 44.13 8.26
CA GLY A 404 -56.06 43.83 6.97
C GLY A 404 -56.28 42.37 6.68
N LEU A 405 -55.67 41.46 7.44
CA LEU A 405 -55.88 40.02 7.28
C LEU A 405 -57.14 39.64 8.04
N THR A 406 -58.29 39.91 7.41
CA THR A 406 -59.59 39.74 8.02
C THR A 406 -60.25 38.40 7.70
N GLU A 407 -59.74 37.69 6.70
CA GLU A 407 -60.34 36.44 6.22
C GLU A 407 -60.05 35.32 7.22
N ALA A 408 -60.93 35.18 8.21
CA ALA A 408 -60.70 34.24 9.29
C ALA A 408 -60.59 32.79 8.79
N ARG A 409 -61.34 32.44 7.74
CA ARG A 409 -61.27 31.08 7.21
C ARG A 409 -59.88 30.72 6.70
N TYR A 410 -59.06 31.72 6.36
CA TYR A 410 -57.70 31.47 5.91
C TYR A 410 -56.71 31.28 7.06
N TYR A 411 -57.10 31.67 8.27
CA TYR A 411 -56.15 31.71 9.40
C TYR A 411 -55.47 30.36 9.64
N THR A 412 -56.14 29.25 9.31
CA THR A 412 -55.54 27.96 9.55
C THR A 412 -54.37 27.69 8.59
N VAL A 413 -54.35 28.36 7.44
CA VAL A 413 -53.22 28.25 6.53
C VAL A 413 -51.98 28.89 7.14
N LEU A 414 -52.14 30.05 7.78
CA LEU A 414 -51.02 30.66 8.49
C LEU A 414 -50.53 29.75 9.60
N PHE A 415 -51.45 29.10 10.30
CA PHE A 415 -51.09 28.11 11.31
C PHE A 415 -50.24 26.99 10.70
N GLY A 416 -50.62 26.53 9.50
CA GLY A 416 -49.88 25.44 8.88
C GLY A 416 -48.48 25.83 8.47
N VAL A 417 -48.33 27.01 7.87
CA VAL A 417 -47.01 27.51 7.48
C VAL A 417 -46.10 27.61 8.70
N SER A 418 -46.64 28.13 9.81
CA SER A 418 -45.83 28.26 11.02
C SER A 418 -45.48 26.89 11.58
N ARG A 419 -46.46 25.99 11.66
CA ARG A 419 -46.24 24.69 12.27
C ARG A 419 -45.31 23.79 11.44
N SER A 420 -45.08 24.14 10.17
CA SER A 420 -44.13 23.38 9.37
C SER A 420 -42.73 23.43 9.96
N LEU A 421 -42.38 24.52 10.65
CA LEU A 421 -41.05 24.65 11.23
C LEU A 421 -40.82 23.60 12.30
N GLY A 422 -41.79 23.42 13.19
CA GLY A 422 -41.66 22.41 14.23
C GLY A 422 -41.82 21.00 13.70
N ILE A 423 -42.77 20.79 12.80
CA ILE A 423 -43.02 19.45 12.27
C ILE A 423 -41.84 18.97 11.45
N CYS A 424 -41.31 19.82 10.56
CA CYS A 424 -40.17 19.41 9.75
C CYS A 424 -38.91 19.22 10.58
N SER A 425 -38.75 20.02 11.64
CA SER A 425 -37.59 19.86 12.52
C SER A 425 -37.59 18.49 13.18
N GLN A 426 -38.76 18.07 13.66
CA GLN A 426 -38.87 16.74 14.25
C GLN A 426 -38.76 15.64 13.18
N LEU A 427 -39.27 15.90 11.97
CA LEU A 427 -39.16 14.90 10.92
C LEU A 427 -37.71 14.63 10.55
N ILE A 428 -36.84 15.64 10.66
CA ILE A 428 -35.42 15.43 10.41
C ILE A 428 -34.82 14.54 11.50
N TRP A 429 -35.17 14.82 12.76
CA TRP A 429 -34.63 14.04 13.86
C TRP A 429 -35.25 12.65 13.92
N ASP A 430 -36.47 12.48 13.40
CA ASP A 430 -37.05 11.15 13.29
C ASP A 430 -36.16 10.23 12.46
N ARG A 431 -35.61 10.75 11.37
CA ARG A 431 -34.69 9.96 10.54
C ARG A 431 -33.27 9.99 11.09
N ALA A 432 -32.89 11.09 11.75
CA ALA A 432 -31.58 11.15 12.39
C ALA A 432 -31.50 10.14 13.53
N LEU A 433 -32.56 10.03 14.33
CA LEU A 433 -32.62 9.05 15.39
C LEU A 433 -33.02 7.67 14.90
N GLY A 434 -33.37 7.53 13.62
CA GLY A 434 -33.77 6.24 13.08
C GLY A 434 -35.01 5.67 13.74
N LEU A 435 -35.99 6.52 14.06
CA LEU A 435 -37.18 6.06 14.76
C LEU A 435 -37.98 5.10 13.88
N ALA A 436 -38.55 4.09 14.53
CA ALA A 436 -39.16 2.98 13.81
C ALA A 436 -40.59 3.34 13.35
N LEU A 437 -41.18 2.41 12.62
CA LEU A 437 -42.55 2.56 12.16
C LEU A 437 -43.51 2.56 13.36
N GLU A 438 -44.49 3.45 13.31
CA GLU A 438 -45.46 3.55 14.39
C GLU A 438 -46.54 2.49 14.20
N ARG A 439 -46.61 1.55 15.14
CA ARG A 439 -47.49 0.38 15.04
C ARG A 439 -48.16 0.12 16.39
N PRO A 440 -49.10 0.98 16.78
CA PRO A 440 -49.92 0.64 17.95
C PRO A 440 -50.82 -0.52 17.61
N LYS A 441 -51.15 -1.33 18.62
CA LYS A 441 -52.02 -2.47 18.42
C LYS A 441 -53.47 -2.04 18.54
N SER A 442 -54.32 -2.60 17.68
CA SER A 442 -55.75 -2.31 17.67
C SER A 442 -56.53 -3.47 18.28
N VAL A 443 -57.67 -3.14 18.88
CA VAL A 443 -58.55 -4.12 19.48
C VAL A 443 -59.99 -3.74 19.16
N THR A 444 -60.89 -4.70 19.35
CA THR A 444 -62.33 -4.51 19.16
C THR A 444 -63.05 -4.62 20.49
N MET A 445 -64.31 -4.17 20.48
CA MET A 445 -65.13 -4.25 21.68
C MET A 445 -65.38 -5.69 22.10
N ASP A 446 -65.44 -6.62 21.14
CA ASP A 446 -65.52 -8.03 21.48
C ASP A 446 -64.29 -8.48 22.25
N TRP A 447 -63.11 -8.01 21.85
CA TRP A 447 -61.88 -8.37 22.54
C TRP A 447 -61.83 -7.73 23.93
N LEU A 448 -62.27 -6.47 24.03
CA LEU A 448 -62.26 -5.79 25.32
C LEU A 448 -63.21 -6.48 26.30
N GLU A 449 -64.42 -6.81 25.84
CA GLU A 449 -65.38 -7.49 26.70
C GLU A 449 -64.90 -8.88 27.09
N ALA A 450 -64.17 -9.56 26.21
CA ALA A 450 -63.61 -10.86 26.55
C ALA A 450 -62.47 -10.74 27.54
N HIS A 451 -61.73 -9.62 27.49
CA HIS A 451 -60.64 -9.40 28.44
C HIS A 451 -61.12 -8.98 29.81
N CYS A 452 -62.36 -8.47 29.91
CA CYS A 452 -62.90 -8.03 31.19
C CYS A 452 -63.72 -9.11 31.89
N LYS A 453 -64.11 -10.18 31.18
CA LYS A 453 -64.77 -11.31 31.80
C LYS A 453 -63.78 -12.34 32.35
N LYS A 454 -62.54 -11.93 32.60
CA LYS A 454 -61.54 -12.81 33.18
C LYS A 454 -60.41 -12.00 33.81
N LEU B 23 -82.61 -3.63 2.94
CA LEU B 23 -82.35 -3.33 1.54
C LEU B 23 -81.46 -2.10 1.39
N ASP B 24 -81.69 -1.09 2.22
CA ASP B 24 -80.90 0.13 2.16
C ASP B 24 -79.87 0.10 3.29
N LEU B 25 -78.64 0.49 2.95
CA LEU B 25 -77.52 0.32 3.86
C LEU B 25 -77.58 1.33 5.00
N LYS B 26 -78.00 2.56 4.70
CA LYS B 26 -78.05 3.60 5.73
C LYS B 26 -79.13 3.28 6.77
N SER B 27 -80.25 2.70 6.33
CA SER B 27 -81.30 2.32 7.26
C SER B 27 -80.86 1.13 8.12
N GLN B 28 -80.11 0.19 7.54
CA GLN B 28 -79.58 -0.92 8.32
C GLN B 28 -78.60 -0.43 9.38
N LEU B 29 -77.72 0.50 9.01
CA LEU B 29 -76.78 1.07 9.97
C LEU B 29 -77.51 1.83 11.08
N GLN B 30 -78.58 2.56 10.72
CA GLN B 30 -79.30 3.35 11.72
C GLN B 30 -79.89 2.46 12.80
N GLU B 31 -80.35 1.27 12.43
CA GLU B 31 -80.93 0.35 13.39
C GLU B 31 -79.86 -0.27 14.30
N LEU B 32 -78.68 -0.53 13.76
CA LEU B 32 -77.64 -1.25 14.48
C LEU B 32 -76.78 -0.37 15.36
N ILE B 33 -76.83 0.95 15.15
CA ILE B 33 -75.96 1.86 15.91
C ILE B 33 -76.27 1.86 17.41
N PRO B 34 -77.53 2.03 17.85
CA PRO B 34 -77.78 2.20 19.30
C PRO B 34 -77.23 1.10 20.20
N GLU B 35 -77.25 -0.16 19.75
CA GLU B 35 -76.72 -1.24 20.60
C GLU B 35 -75.21 -1.09 20.84
N GLN B 36 -74.47 -0.79 19.78
CA GLN B 36 -73.03 -0.60 19.96
C GLN B 36 -72.72 0.65 20.77
N GLN B 37 -73.57 1.68 20.65
CA GLN B 37 -73.43 2.84 21.52
C GLN B 37 -73.61 2.46 22.98
N ASP B 38 -74.58 1.60 23.28
CA ASP B 38 -74.78 1.13 24.64
C ASP B 38 -73.60 0.26 25.09
N ARG B 39 -73.09 -0.57 24.17
CA ARG B 39 -71.89 -1.36 24.46
C ARG B 39 -70.72 -0.46 24.86
N LEU B 40 -70.58 0.68 24.19
CA LEU B 40 -69.48 1.59 24.47
C LEU B 40 -69.62 2.22 25.84
N LYS B 41 -70.84 2.64 26.20
CA LYS B 41 -71.07 3.24 27.52
C LYS B 41 -70.80 2.23 28.63
N LYS B 42 -71.21 0.97 28.45
CA LYS B 42 -70.96 -0.05 29.46
C LYS B 42 -69.47 -0.30 29.61
N LEU B 43 -68.71 -0.24 28.51
CA LEU B 43 -67.27 -0.43 28.60
C LEU B 43 -66.63 0.67 29.45
N LYS B 44 -67.16 1.89 29.38
CA LYS B 44 -66.65 2.96 30.22
C LYS B 44 -67.12 2.79 31.66
N SER B 45 -68.43 2.57 31.85
CA SER B 45 -69.01 2.52 33.18
C SER B 45 -68.49 1.33 33.97
N GLU B 46 -68.47 0.15 33.36
CA GLU B 46 -68.13 -1.06 34.08
C GLU B 46 -66.63 -1.34 34.11
N HIS B 47 -65.94 -1.13 32.99
CA HIS B 47 -64.55 -1.58 32.85
C HIS B 47 -63.60 -0.46 32.43
N GLY B 48 -63.96 0.81 32.64
CA GLY B 48 -63.12 1.90 32.17
C GLY B 48 -61.72 1.89 32.74
N LYS B 49 -61.56 1.37 33.96
CA LYS B 49 -60.27 1.34 34.64
C LYS B 49 -59.59 -0.03 34.57
N VAL B 50 -60.15 -0.98 33.81
CA VAL B 50 -59.51 -2.28 33.66
C VAL B 50 -58.21 -2.11 32.90
N GLN B 51 -57.15 -2.74 33.40
CA GLN B 51 -55.82 -2.59 32.81
C GLN B 51 -55.64 -3.56 31.65
N LEU B 52 -55.10 -3.05 30.54
CA LEU B 52 -54.81 -3.85 29.36
C LEU B 52 -53.34 -4.09 29.15
N GLY B 53 -52.47 -3.36 29.86
CA GLY B 53 -51.05 -3.50 29.71
C GLY B 53 -50.34 -2.35 30.40
N ASN B 54 -49.05 -2.23 30.11
CA ASN B 54 -48.21 -1.21 30.72
C ASN B 54 -47.49 -0.45 29.63
N ILE B 55 -47.32 0.86 29.83
CA ILE B 55 -46.57 1.70 28.92
C ILE B 55 -45.12 1.74 29.38
N THR B 56 -44.20 1.42 28.47
CA THR B 56 -42.78 1.36 28.77
C THR B 56 -42.01 2.31 27.86
N VAL B 57 -40.74 2.50 28.19
CA VAL B 57 -39.87 3.33 27.38
C VAL B 57 -39.71 2.73 26.00
N ASP B 58 -39.70 1.39 25.90
CA ASP B 58 -39.60 0.73 24.60
C ASP B 58 -40.73 1.14 23.68
N MET B 59 -41.94 1.33 24.22
CA MET B 59 -43.09 1.65 23.39
C MET B 59 -43.07 3.10 22.91
N VAL B 60 -42.70 4.03 23.78
CA VAL B 60 -42.71 5.44 23.40
C VAL B 60 -41.67 5.72 22.33
N ILE B 61 -40.49 5.11 22.44
CA ILE B 61 -39.44 5.33 21.44
C ILE B 61 -39.51 4.36 20.27
N GLY B 62 -40.23 3.25 20.41
CA GLY B 62 -40.28 2.26 19.36
C GLY B 62 -41.59 2.22 18.60
N GLY B 63 -42.18 3.38 18.36
CA GLY B 63 -43.40 3.45 17.55
C GLY B 63 -44.58 2.70 18.12
N MET B 64 -44.83 2.83 19.42
CA MET B 64 -45.97 2.21 20.09
C MET B 64 -45.97 0.69 19.91
N ARG B 65 -44.80 0.08 19.80
CA ARG B 65 -44.72 -1.37 19.64
C ARG B 65 -45.22 -2.07 20.90
N GLY B 66 -46.20 -2.94 20.74
CA GLY B 66 -46.78 -3.64 21.88
C GLY B 66 -47.77 -2.83 22.68
N MET B 67 -48.22 -1.68 22.18
CA MET B 67 -49.15 -0.82 22.90
C MET B 67 -50.53 -0.92 22.26
N THR B 68 -51.52 -1.33 23.04
CA THR B 68 -52.91 -1.30 22.61
C THR B 68 -53.41 0.13 22.72
N GLY B 69 -53.64 0.77 21.57
CA GLY B 69 -53.85 2.21 21.59
C GLY B 69 -55.16 2.72 21.02
N LEU B 70 -55.77 1.99 20.09
CA LEU B 70 -56.95 2.50 19.41
C LEU B 70 -57.96 1.37 19.20
N LEU B 71 -59.18 1.78 18.84
CA LEU B 71 -60.33 0.90 18.69
C LEU B 71 -60.69 0.80 17.21
N TRP B 72 -60.65 -0.40 16.65
CA TRP B 72 -60.97 -0.64 15.24
C TRP B 72 -61.93 -1.82 15.17
N GLU B 73 -63.17 -1.55 14.80
CA GLU B 73 -64.25 -2.53 14.89
C GLU B 73 -64.42 -3.37 13.63
N THR B 74 -63.99 -2.89 12.47
CA THR B 74 -64.35 -3.55 11.22
C THR B 74 -63.60 -4.87 11.03
N SER B 75 -62.41 -5.01 11.61
CA SER B 75 -61.66 -6.24 11.45
C SER B 75 -60.70 -6.41 12.61
N LEU B 76 -60.28 -7.65 12.82
CA LEU B 76 -59.33 -8.01 13.87
C LEU B 76 -58.62 -9.29 13.44
N LEU B 77 -57.33 -9.37 13.75
CA LEU B 77 -56.50 -10.47 13.28
C LEU B 77 -56.60 -11.64 14.25
N ASP B 78 -57.06 -12.78 13.75
CA ASP B 78 -57.11 -14.01 14.53
C ASP B 78 -55.77 -14.72 14.39
N PRO B 79 -55.04 -14.98 15.48
CA PRO B 79 -53.72 -15.63 15.35
C PRO B 79 -53.77 -17.06 14.83
N GLU B 80 -54.96 -17.64 14.69
CA GLU B 80 -55.10 -19.01 14.21
C GLU B 80 -55.75 -19.10 12.83
N GLU B 81 -56.76 -18.27 12.56
CA GLU B 81 -57.51 -18.32 11.31
C GLU B 81 -57.25 -17.14 10.39
N GLY B 82 -56.32 -16.26 10.74
CA GLY B 82 -56.01 -15.12 9.91
C GLY B 82 -56.92 -13.93 10.19
N ILE B 83 -56.92 -12.98 9.25
CA ILE B 83 -57.71 -11.77 9.43
C ILE B 83 -59.19 -12.11 9.31
N ARG B 84 -60.01 -11.51 10.16
CA ARG B 84 -61.45 -11.72 10.19
C ARG B 84 -62.16 -10.41 9.93
N PHE B 85 -62.98 -10.37 8.88
CA PHE B 85 -63.82 -9.21 8.58
C PHE B 85 -65.12 -9.39 9.35
N ARG B 86 -65.25 -8.65 10.46
CA ARG B 86 -66.41 -8.74 11.34
C ARG B 86 -66.63 -10.17 11.84
N GLY B 87 -65.53 -10.85 12.17
CA GLY B 87 -65.58 -12.21 12.67
C GLY B 87 -65.59 -13.29 11.62
N LEU B 88 -65.64 -12.94 10.34
CA LEU B 88 -65.64 -13.92 9.26
C LEU B 88 -64.23 -14.00 8.65
N SER B 89 -63.64 -15.19 8.69
CA SER B 89 -62.33 -15.39 8.09
C SER B 89 -62.42 -15.32 6.57
N ILE B 90 -61.26 -15.39 5.91
CA ILE B 90 -61.24 -15.34 4.45
C ILE B 90 -61.98 -16.52 3.84
N PRO B 91 -61.76 -17.78 4.23
CA PRO B 91 -62.55 -18.87 3.65
C PRO B 91 -64.03 -18.77 3.97
N GLU B 92 -64.39 -18.31 5.17
CA GLU B 92 -65.80 -18.11 5.49
C GLU B 92 -66.41 -17.03 4.59
N CYS B 93 -65.63 -15.99 4.30
CA CYS B 93 -66.12 -14.94 3.40
C CYS B 93 -66.36 -15.49 1.99
N GLN B 94 -65.48 -16.37 1.51
CA GLN B 94 -65.66 -16.96 0.20
C GLN B 94 -66.87 -17.87 0.13
N LYS B 95 -67.31 -18.39 1.28
CA LYS B 95 -68.41 -19.33 1.33
C LYS B 95 -69.77 -18.63 1.29
N VAL B 96 -69.92 -17.54 2.03
CA VAL B 96 -71.22 -16.95 2.27
C VAL B 96 -71.43 -15.62 1.55
N LEU B 97 -70.39 -14.96 1.06
CA LEU B 97 -70.57 -13.68 0.39
C LEU B 97 -71.08 -13.90 -1.03
N PRO B 98 -72.12 -13.19 -1.44
CA PRO B 98 -72.62 -13.35 -2.81
C PRO B 98 -71.57 -13.00 -3.84
N THR B 99 -71.61 -13.71 -4.96
CA THR B 99 -70.73 -13.45 -6.09
C THR B 99 -71.53 -12.82 -7.21
N ALA B 100 -70.83 -12.38 -8.25
CA ALA B 100 -71.55 -11.85 -9.39
C ALA B 100 -72.21 -12.97 -10.18
N GLN B 101 -73.25 -12.61 -10.93
CA GLN B 101 -73.81 -13.55 -11.89
C GLN B 101 -72.76 -13.81 -12.95
N SER B 102 -72.53 -15.09 -13.24
CA SER B 102 -71.45 -15.58 -14.10
C SER B 102 -70.08 -15.39 -13.47
N GLY B 103 -70.00 -15.12 -12.17
CA GLY B 103 -68.74 -14.98 -11.47
C GLY B 103 -68.61 -15.95 -10.31
N ALA B 104 -67.39 -16.18 -9.83
CA ALA B 104 -67.17 -17.11 -8.73
C ALA B 104 -66.46 -16.50 -7.53
N GLU B 105 -65.95 -15.27 -7.63
CA GLU B 105 -65.22 -14.67 -6.54
C GLU B 105 -66.13 -13.74 -5.73
N PRO B 106 -65.87 -13.60 -4.42
CA PRO B 106 -66.77 -12.79 -3.59
C PRO B 106 -66.76 -11.33 -4.02
N LEU B 107 -67.96 -10.76 -4.14
CA LEU B 107 -68.10 -9.39 -4.59
C LEU B 107 -67.65 -8.40 -3.51
N PRO B 108 -66.88 -7.37 -3.87
CA PRO B 108 -66.47 -6.38 -2.88
C PRO B 108 -67.63 -5.65 -2.23
N GLU B 109 -68.76 -5.52 -2.94
CA GLU B 109 -69.94 -4.90 -2.33
C GLU B 109 -70.42 -5.67 -1.11
N GLY B 110 -70.48 -7.00 -1.23
CA GLY B 110 -70.89 -7.81 -0.09
C GLY B 110 -69.97 -7.67 1.09
N LEU B 111 -68.66 -7.61 0.83
CA LEU B 111 -67.70 -7.36 1.90
C LEU B 111 -67.96 -6.01 2.56
N LEU B 112 -68.22 -4.97 1.75
CA LEU B 112 -68.50 -3.65 2.29
C LEU B 112 -69.74 -3.67 3.18
N TRP B 113 -70.78 -4.39 2.76
CA TRP B 113 -71.95 -4.57 3.62
C TRP B 113 -71.59 -5.23 4.93
N LEU B 114 -70.70 -6.24 4.87
CA LEU B 114 -70.32 -6.96 6.08
C LEU B 114 -69.58 -6.05 7.07
N LEU B 115 -68.65 -5.23 6.58
CA LEU B 115 -67.88 -4.37 7.48
C LEU B 115 -68.76 -3.34 8.16
N LEU B 116 -69.71 -2.76 7.42
CA LEU B 116 -70.54 -1.70 7.98
C LEU B 116 -71.58 -2.25 8.96
N THR B 117 -72.25 -3.34 8.58
CA THR B 117 -73.37 -3.85 9.36
C THR B 117 -73.00 -5.01 10.26
N GLY B 118 -71.92 -5.73 9.96
CA GLY B 118 -71.64 -6.95 10.69
C GLY B 118 -72.47 -8.14 10.25
N LYS B 119 -73.30 -7.98 9.23
CA LYS B 119 -74.21 -9.01 8.77
C LYS B 119 -73.87 -9.38 7.34
N VAL B 120 -74.00 -10.66 7.01
CA VAL B 120 -73.78 -11.09 5.62
C VAL B 120 -74.94 -10.61 4.77
N PRO B 121 -74.69 -9.97 3.63
CA PRO B 121 -75.80 -9.44 2.84
C PRO B 121 -76.41 -10.48 1.92
N SER B 122 -77.66 -10.22 1.56
CA SER B 122 -78.37 -11.05 0.61
C SER B 122 -77.91 -10.75 -0.81
N LYS B 123 -78.36 -11.57 -1.76
CA LYS B 123 -78.03 -11.31 -3.16
C LYS B 123 -78.65 -10.01 -3.64
N GLU B 124 -79.85 -9.69 -3.14
CA GLU B 124 -80.53 -8.47 -3.57
C GLU B 124 -79.89 -7.23 -2.95
N GLN B 125 -79.47 -7.32 -1.69
CA GLN B 125 -78.82 -6.19 -1.05
C GLN B 125 -77.49 -5.85 -1.70
N VAL B 126 -76.75 -6.87 -2.15
CA VAL B 126 -75.49 -6.61 -2.85
C VAL B 126 -75.74 -5.93 -4.19
N GLU B 127 -76.76 -6.39 -4.92
CA GLU B 127 -77.08 -5.75 -6.20
C GLU B 127 -77.57 -4.33 -5.99
N ALA B 128 -78.36 -4.09 -4.94
CA ALA B 128 -78.78 -2.73 -4.63
C ALA B 128 -77.57 -1.87 -4.29
N LEU B 129 -76.65 -2.40 -3.49
CA LEU B 129 -75.43 -1.67 -3.17
C LEU B 129 -74.55 -1.48 -4.40
N SER B 130 -74.55 -2.44 -5.32
CA SER B 130 -73.76 -2.31 -6.54
C SER B 130 -74.29 -1.19 -7.42
N LYS B 131 -75.61 -1.11 -7.60
CA LYS B 131 -76.20 -0.02 -8.37
C LYS B 131 -76.07 1.31 -7.64
N ASP B 132 -76.13 1.28 -6.30
CA ASP B 132 -75.92 2.50 -5.52
C ASP B 132 -74.53 3.06 -5.76
N LEU B 133 -73.51 2.22 -5.66
CA LEU B 133 -72.14 2.65 -5.92
C LEU B 133 -71.99 3.22 -7.33
N ALA B 134 -72.60 2.56 -8.32
CA ALA B 134 -72.50 3.01 -9.69
C ALA B 134 -73.11 4.41 -9.87
N ASN B 135 -74.15 4.73 -9.11
CA ASN B 135 -74.78 6.05 -9.22
C ASN B 135 -74.00 7.15 -8.51
N ARG B 136 -73.18 6.80 -7.53
CA ARG B 136 -72.38 7.78 -6.81
C ARG B 136 -71.02 8.05 -7.44
N ALA B 137 -70.73 7.41 -8.57
CA ALA B 137 -69.39 7.42 -9.17
C ALA B 137 -69.14 8.63 -10.06
N ALA B 138 -69.95 9.68 -9.96
CA ALA B 138 -69.74 10.87 -10.77
C ALA B 138 -68.55 11.65 -10.24
N VAL B 139 -67.64 12.01 -11.14
CA VAL B 139 -66.43 12.73 -10.81
C VAL B 139 -66.42 14.05 -11.57
N PRO B 140 -66.37 15.19 -10.89
CA PRO B 140 -66.36 16.47 -11.60
C PRO B 140 -65.07 16.69 -12.39
N ASP B 141 -65.15 17.65 -13.31
CA ASP B 141 -64.04 17.84 -14.26
C ASP B 141 -62.81 18.42 -13.58
N TYR B 142 -62.97 19.17 -12.49
CA TYR B 142 -61.80 19.74 -11.83
C TYR B 142 -60.95 18.70 -11.12
N VAL B 143 -61.50 17.51 -10.87
CA VAL B 143 -60.68 16.42 -10.33
C VAL B 143 -59.70 15.94 -11.39
N TYR B 144 -60.18 15.76 -12.63
CA TYR B 144 -59.27 15.41 -13.72
C TYR B 144 -58.31 16.55 -14.03
N ASN B 145 -58.78 17.80 -13.93
CA ASN B 145 -57.91 18.94 -14.13
C ASN B 145 -56.78 18.95 -13.11
N ALA B 146 -57.09 18.66 -11.84
CA ALA B 146 -56.06 18.64 -10.80
C ALA B 146 -54.99 17.58 -11.09
N ILE B 147 -55.40 16.40 -11.55
CA ILE B 147 -54.44 15.34 -11.84
C ILE B 147 -53.61 15.71 -13.06
N ASP B 148 -54.26 16.18 -14.12
CA ASP B 148 -53.55 16.50 -15.35
C ASP B 148 -52.58 17.67 -15.19
N ALA B 149 -52.81 18.53 -14.20
CA ALA B 149 -51.91 19.65 -13.95
C ALA B 149 -50.55 19.18 -13.44
N LEU B 150 -50.52 18.06 -12.72
CA LEU B 150 -49.26 17.50 -12.26
C LEU B 150 -48.44 16.99 -13.44
N PRO B 151 -47.12 17.03 -13.32
CA PRO B 151 -46.27 16.47 -14.38
C PRO B 151 -46.41 14.96 -14.46
N SER B 152 -46.05 14.42 -15.62
CA SER B 152 -46.11 12.98 -15.82
C SER B 152 -45.18 12.23 -14.88
N THR B 153 -44.13 12.89 -14.39
CA THR B 153 -43.19 12.23 -13.49
C THR B 153 -43.75 12.05 -12.08
N ALA B 154 -44.90 12.65 -11.78
CA ALA B 154 -45.46 12.54 -10.44
C ALA B 154 -45.79 11.08 -10.12
N HIS B 155 -45.51 10.68 -8.89
CA HIS B 155 -45.80 9.32 -8.45
C HIS B 155 -47.28 9.04 -8.58
N PRO B 156 -47.68 7.85 -9.02
CA PRO B 156 -49.12 7.55 -9.13
C PRO B 156 -49.87 7.71 -7.81
N MET B 157 -49.23 7.41 -6.68
CA MET B 157 -49.86 7.65 -5.39
C MET B 157 -50.05 9.15 -5.14
N THR B 158 -49.16 9.99 -5.66
CA THR B 158 -49.34 11.43 -5.53
C THR B 158 -50.51 11.91 -6.38
N GLN B 159 -50.57 11.45 -7.63
CA GLN B 159 -51.70 11.79 -8.50
C GLN B 159 -53.01 11.25 -7.94
N PHE B 160 -52.96 10.06 -7.34
CA PHE B 160 -54.13 9.48 -6.70
C PHE B 160 -54.58 10.34 -5.52
N ALA B 161 -53.65 10.69 -4.64
CA ALA B 161 -53.99 11.47 -3.46
C ALA B 161 -54.45 12.88 -3.83
N SER B 162 -53.83 13.48 -4.85
CA SER B 162 -54.26 14.80 -5.31
C SER B 162 -55.68 14.76 -5.86
N GLY B 163 -56.05 13.67 -6.53
CA GLY B 163 -57.41 13.53 -7.02
C GLY B 163 -58.41 13.40 -5.89
N VAL B 164 -58.03 12.72 -4.81
CA VAL B 164 -58.91 12.61 -3.65
C VAL B 164 -59.10 13.96 -2.99
N MET B 165 -58.05 14.78 -2.95
CA MET B 165 -58.20 16.14 -2.42
C MET B 165 -59.18 16.96 -3.24
N ALA B 166 -59.21 16.74 -4.56
CA ALA B 166 -60.19 17.42 -5.40
C ALA B 166 -61.60 16.92 -5.11
N LEU B 167 -61.75 15.63 -4.81
CA LEU B 167 -63.05 15.10 -4.43
C LEU B 167 -63.55 15.68 -3.11
N GLN B 168 -62.64 16.20 -2.28
CA GLN B 168 -63.03 16.77 -0.99
C GLN B 168 -63.92 17.99 -1.15
N VAL B 169 -63.85 18.68 -2.29
CA VAL B 169 -64.65 19.89 -2.49
C VAL B 169 -66.14 19.59 -2.40
N GLN B 170 -66.56 18.38 -2.77
CA GLN B 170 -67.96 17.98 -2.68
C GLN B 170 -68.27 17.27 -1.37
N SER B 171 -67.46 17.47 -0.33
CA SER B 171 -67.69 16.80 0.94
C SER B 171 -68.97 17.30 1.58
N GLU B 172 -69.84 16.38 1.98
CA GLU B 172 -71.10 16.74 2.63
C GLU B 172 -70.98 16.84 4.14
N PHE B 173 -69.97 16.21 4.74
CA PHE B 173 -69.79 16.35 6.19
C PHE B 173 -69.19 17.71 6.55
N GLN B 174 -68.38 18.29 5.67
CA GLN B 174 -67.83 19.62 5.93
C GLN B 174 -68.92 20.66 6.03
N LYS B 175 -69.87 20.63 5.09
CA LYS B 175 -70.96 21.61 5.12
C LYS B 175 -71.94 21.31 6.24
N ALA B 176 -72.20 20.02 6.50
CA ALA B 176 -73.11 19.66 7.58
C ALA B 176 -72.58 20.12 8.94
N TYR B 177 -71.26 19.98 9.16
CA TYR B 177 -70.67 20.47 10.40
C TYR B 177 -70.71 21.99 10.48
N GLU B 178 -70.44 22.67 9.36
CA GLU B 178 -70.51 24.13 9.35
C GLU B 178 -71.93 24.63 9.57
N ASN B 179 -72.93 23.86 9.15
CA ASN B 179 -74.33 24.20 9.34
C ASN B 179 -74.87 23.76 10.69
N GLY B 180 -74.02 23.23 11.56
CA GLY B 180 -74.43 22.90 12.91
C GLY B 180 -75.30 21.67 13.02
N ILE B 181 -74.95 20.59 12.32
CA ILE B 181 -75.67 19.33 12.51
C ILE B 181 -75.39 18.80 13.90
N HIS B 182 -76.35 18.05 14.44
CA HIS B 182 -76.20 17.54 15.80
C HIS B 182 -75.13 16.46 15.84
N LYS B 183 -74.51 16.31 17.02
CA LYS B 183 -73.43 15.33 17.16
C LYS B 183 -73.93 13.91 16.93
N SER B 184 -75.15 13.61 17.40
CA SER B 184 -75.70 12.27 17.23
C SER B 184 -76.05 11.98 15.77
N LYS B 185 -75.95 12.96 14.88
CA LYS B 185 -76.21 12.80 13.46
C LYS B 185 -74.93 12.89 12.63
N PHE B 186 -73.76 12.86 13.26
CA PHE B 186 -72.50 13.02 12.54
C PHE B 186 -72.29 11.91 11.52
N TRP B 187 -72.72 10.69 11.83
CA TRP B 187 -72.45 9.56 10.95
C TRP B 187 -73.20 9.64 9.63
N GLU B 188 -74.33 10.37 9.59
CA GLU B 188 -75.13 10.40 8.37
C GLU B 188 -74.39 11.08 7.21
N PRO B 189 -73.86 12.30 7.35
CA PRO B 189 -73.05 12.86 6.25
C PRO B 189 -71.70 12.16 6.08
N THR B 190 -71.14 11.58 7.15
CA THR B 190 -69.96 10.74 7.00
C THR B 190 -70.26 9.53 6.12
N TYR B 191 -71.44 8.92 6.32
CA TYR B 191 -71.86 7.81 5.48
C TYR B 191 -71.95 8.23 4.01
N GLU B 192 -72.53 9.40 3.75
CA GLU B 192 -72.66 9.87 2.37
C GLU B 192 -71.31 10.13 1.74
N ASP B 193 -70.40 10.77 2.48
CA ASP B 193 -69.07 11.06 1.92
C ASP B 193 -68.28 9.78 1.67
N CYS B 194 -68.35 8.82 2.60
CA CYS B 194 -67.62 7.57 2.43
C CYS B 194 -68.11 6.80 1.21
N LEU B 195 -69.43 6.62 1.10
CA LEU B 195 -69.99 5.89 -0.03
C LEU B 195 -69.71 6.61 -1.35
N ASN B 196 -69.71 7.95 -1.33
CA ASN B 196 -69.31 8.70 -2.51
C ASN B 196 -67.82 8.52 -2.79
N LEU B 197 -67.00 8.53 -1.73
CA LEU B 197 -65.56 8.33 -1.91
C LEU B 197 -65.25 6.95 -2.48
N ILE B 198 -65.88 5.91 -1.92
CA ILE B 198 -65.63 4.55 -2.38
C ILE B 198 -66.02 4.40 -3.85
N ALA B 199 -67.10 5.07 -4.27
CA ALA B 199 -67.56 4.96 -5.65
C ALA B 199 -66.63 5.70 -6.60
N ARG B 200 -66.08 6.85 -6.18
CA ARG B 200 -65.35 7.73 -7.07
C ARG B 200 -63.85 7.45 -7.11
N VAL B 201 -63.30 6.84 -6.04
CA VAL B 201 -61.86 6.56 -6.00
C VAL B 201 -61.41 5.64 -7.13
N PRO B 202 -62.18 4.62 -7.57
CA PRO B 202 -61.71 3.84 -8.71
C PRO B 202 -61.66 4.64 -10.00
N VAL B 203 -62.61 5.56 -10.20
CA VAL B 203 -62.57 6.41 -11.38
C VAL B 203 -61.29 7.23 -11.40
N VAL B 204 -60.92 7.80 -10.26
CA VAL B 204 -59.67 8.56 -10.16
C VAL B 204 -58.48 7.64 -10.33
N ALA B 205 -58.50 6.47 -9.68
CA ALA B 205 -57.38 5.55 -9.76
C ALA B 205 -57.18 5.04 -11.19
N ALA B 206 -58.27 4.69 -11.87
CA ALA B 206 -58.14 4.24 -13.25
C ALA B 206 -57.71 5.37 -14.18
N TYR B 207 -58.16 6.60 -13.90
CA TYR B 207 -57.75 7.74 -14.72
C TYR B 207 -56.25 7.97 -14.62
N VAL B 208 -55.69 7.82 -13.41
CA VAL B 208 -54.24 7.91 -13.25
C VAL B 208 -53.55 6.81 -14.03
N TYR B 209 -54.15 5.61 -14.04
CA TYR B 209 -53.55 4.49 -14.75
C TYR B 209 -53.54 4.74 -16.26
N ARG B 210 -54.68 5.19 -16.79
CA ARG B 210 -54.76 5.46 -18.22
C ARG B 210 -53.85 6.60 -18.64
N ARG B 211 -53.63 7.58 -17.76
CA ARG B 211 -52.81 8.74 -18.12
C ARG B 211 -51.33 8.36 -18.22
N MET B 212 -50.84 7.57 -17.27
CA MET B 212 -49.41 7.25 -17.25
C MET B 212 -49.03 6.19 -18.26
N TYR B 213 -49.95 5.31 -18.62
CA TYR B 213 -49.62 4.15 -19.43
C TYR B 213 -50.46 4.00 -20.70
N LYS B 214 -51.55 4.75 -20.85
CA LYS B 214 -52.41 4.60 -22.02
C LYS B 214 -52.61 5.94 -22.73
N ASN B 215 -51.65 6.85 -22.59
CA ASN B 215 -51.67 8.14 -23.30
C ASN B 215 -52.98 8.87 -23.05
N GLY B 216 -53.43 8.87 -21.80
CA GLY B 216 -54.63 9.60 -21.43
C GLY B 216 -55.90 9.10 -22.08
N ASP B 217 -55.89 7.87 -22.60
CA ASP B 217 -57.08 7.29 -23.24
C ASP B 217 -58.00 6.78 -22.15
N SER B 218 -58.72 7.72 -21.53
CA SER B 218 -59.60 7.38 -20.41
C SER B 218 -60.82 6.61 -20.89
N ILE B 219 -61.31 5.72 -20.03
CA ILE B 219 -62.46 4.89 -20.30
C ILE B 219 -63.55 5.25 -19.29
N PRO B 220 -64.75 5.63 -19.72
CA PRO B 220 -65.77 6.06 -18.76
C PRO B 220 -66.33 4.91 -17.97
N SER B 221 -66.94 5.24 -16.84
CA SER B 221 -67.54 4.24 -15.97
C SER B 221 -68.81 3.66 -16.56
N ASP B 222 -69.04 2.38 -16.30
CA ASP B 222 -70.24 1.67 -16.74
C ASP B 222 -71.06 1.37 -15.50
N LYS B 223 -72.23 2.00 -15.39
CA LYS B 223 -73.06 1.79 -14.20
C LYS B 223 -73.75 0.44 -14.19
N SER B 224 -73.67 -0.32 -15.28
CA SER B 224 -74.27 -1.66 -15.31
C SER B 224 -73.38 -2.69 -14.63
N LEU B 225 -72.07 -2.45 -14.57
CA LEU B 225 -71.15 -3.40 -13.98
C LEU B 225 -71.12 -3.25 -12.46
N ASP B 226 -70.62 -4.29 -11.80
CA ASP B 226 -70.41 -4.23 -10.36
C ASP B 226 -69.09 -3.50 -10.07
N TYR B 227 -68.77 -3.37 -8.78
CA TYR B 227 -67.67 -2.51 -8.35
C TYR B 227 -66.34 -2.98 -8.91
N GLY B 228 -65.96 -4.23 -8.63
CA GLY B 228 -64.67 -4.72 -9.10
C GLY B 228 -64.55 -4.77 -10.61
N ALA B 229 -65.64 -5.13 -11.29
CA ALA B 229 -65.62 -5.21 -12.75
C ALA B 229 -65.53 -3.82 -13.37
N ASN B 230 -66.23 -2.85 -12.80
CA ASN B 230 -66.17 -1.50 -13.34
C ASN B 230 -64.78 -0.90 -13.19
N PHE B 231 -64.10 -1.20 -12.08
CA PHE B 231 -62.72 -0.76 -11.91
C PHE B 231 -61.82 -1.43 -12.95
N SER B 232 -61.95 -2.74 -13.11
CA SER B 232 -61.18 -3.45 -14.14
C SER B 232 -61.50 -2.90 -15.53
N HIS B 233 -62.77 -2.57 -15.78
CA HIS B 233 -63.16 -2.02 -17.06
C HIS B 233 -62.55 -0.64 -17.28
N MET B 234 -62.58 0.21 -16.26
CA MET B 234 -62.00 1.55 -16.38
C MET B 234 -60.48 1.50 -16.47
N LEU B 235 -59.85 0.45 -15.93
CA LEU B 235 -58.41 0.29 -16.11
C LEU B 235 -58.04 -0.14 -17.52
N GLY B 236 -58.99 -0.65 -18.28
CA GLY B 236 -58.73 -1.14 -19.62
C GLY B 236 -58.71 -2.65 -19.75
N PHE B 237 -59.28 -3.37 -18.79
CA PHE B 237 -59.29 -4.83 -18.77
C PHE B 237 -60.75 -5.29 -18.74
N ASP B 238 -61.25 -5.73 -19.89
CA ASP B 238 -62.62 -6.21 -19.99
C ASP B 238 -62.72 -7.73 -19.89
N ASP B 239 -61.59 -8.43 -19.79
CA ASP B 239 -61.61 -9.88 -19.66
C ASP B 239 -62.37 -10.28 -18.40
N GLU B 240 -63.16 -11.35 -18.51
CA GLU B 240 -63.96 -11.77 -17.38
C GLU B 240 -63.10 -12.33 -16.25
N LYS B 241 -61.94 -12.90 -16.58
CA LYS B 241 -61.06 -13.43 -15.55
C LYS B 241 -60.33 -12.32 -14.81
N VAL B 242 -60.07 -11.19 -15.47
CA VAL B 242 -59.47 -10.05 -14.79
C VAL B 242 -60.48 -9.40 -13.86
N LYS B 243 -61.74 -9.33 -14.29
CA LYS B 243 -62.81 -8.87 -13.41
C LYS B 243 -62.89 -9.75 -12.16
N GLU B 244 -62.82 -11.07 -12.35
CA GLU B 244 -62.79 -11.99 -11.22
C GLU B 244 -61.58 -11.73 -10.32
N LEU B 245 -60.43 -11.44 -10.94
CA LEU B 245 -59.24 -11.13 -10.15
C LEU B 245 -59.41 -9.82 -9.38
N MET B 246 -59.96 -8.79 -10.02
CA MET B 246 -60.10 -7.51 -9.34
C MET B 246 -61.16 -7.56 -8.24
N ARG B 247 -62.23 -8.32 -8.45
CA ARG B 247 -63.22 -8.50 -7.39
C ARG B 247 -62.60 -9.15 -6.17
N LEU B 248 -61.77 -10.18 -6.38
CA LEU B 248 -61.11 -10.85 -5.26
C LEU B 248 -60.04 -9.97 -4.64
N TYR B 249 -59.32 -9.21 -5.46
CA TYR B 249 -58.25 -8.35 -4.95
C TYR B 249 -58.80 -7.29 -4.01
N ILE B 250 -59.84 -6.57 -4.46
CA ILE B 250 -60.40 -5.50 -3.65
C ILE B 250 -60.97 -6.05 -2.34
N THR B 251 -61.53 -7.26 -2.38
CA THR B 251 -62.17 -7.81 -1.18
C THR B 251 -61.14 -8.18 -0.11
N ILE B 252 -60.04 -8.82 -0.50
CA ILE B 252 -59.10 -9.34 0.50
C ILE B 252 -58.15 -8.29 1.04
N HIS B 253 -57.91 -7.21 0.30
CA HIS B 253 -57.07 -6.12 0.78
C HIS B 253 -57.87 -5.00 1.44
N SER B 254 -59.17 -5.22 1.68
CA SER B 254 -60.06 -4.14 2.04
C SER B 254 -59.74 -3.57 3.43
N ASP B 255 -59.34 -4.41 4.37
CA ASP B 255 -59.13 -3.94 5.74
C ASP B 255 -58.20 -4.89 6.47
N HIS B 256 -57.51 -4.35 7.47
CA HIS B 256 -56.59 -5.14 8.29
C HIS B 256 -56.24 -4.39 9.56
N GLU B 257 -57.19 -4.33 10.50
CA GLU B 257 -57.03 -3.64 11.78
C GLU B 257 -56.83 -2.15 11.59
N GLY B 258 -56.52 -1.45 12.67
CA GLY B 258 -56.34 -0.01 12.62
C GLY B 258 -54.95 0.43 13.03
N GLY B 259 -54.10 -0.55 13.33
CA GLY B 259 -52.73 -0.23 13.74
C GLY B 259 -51.80 0.13 12.61
N ASN B 260 -52.10 -0.29 11.39
CA ASN B 260 -51.27 0.08 10.26
C ASN B 260 -51.37 1.58 10.00
N VAL B 261 -50.36 2.11 9.30
CA VAL B 261 -50.20 3.56 9.19
C VAL B 261 -51.38 4.18 8.46
N SER B 262 -51.84 3.53 7.37
CA SER B 262 -52.90 4.13 6.57
C SER B 262 -54.21 4.17 7.34
N ALA B 263 -54.59 3.06 7.98
CA ALA B 263 -55.82 3.05 8.76
C ALA B 263 -55.72 3.98 9.97
N HIS B 264 -54.59 3.94 10.68
CA HIS B 264 -54.40 4.82 11.82
C HIS B 264 -54.43 6.28 11.41
N THR B 265 -53.80 6.62 10.28
CA THR B 265 -53.76 8.01 9.82
C THR B 265 -55.17 8.53 9.58
N GLY B 266 -55.96 7.81 8.77
CA GLY B 266 -57.31 8.26 8.49
C GLY B 266 -58.15 8.37 9.75
N HIS B 267 -57.99 7.42 10.67
CA HIS B 267 -58.69 7.51 11.96
C HIS B 267 -58.18 8.68 12.78
N LEU B 268 -56.88 8.99 12.68
CA LEU B 268 -56.32 10.10 13.43
C LEU B 268 -56.80 11.43 12.87
N VAL B 269 -56.74 11.60 11.55
CA VAL B 269 -57.24 12.82 10.94
C VAL B 269 -58.76 12.94 11.12
N GLY B 270 -59.46 11.81 11.08
CA GLY B 270 -60.91 11.84 11.26
C GLY B 270 -61.33 12.19 12.67
N SER B 271 -60.48 11.92 13.67
CA SER B 271 -60.82 12.24 15.05
C SER B 271 -60.90 13.75 15.27
N ALA B 272 -60.22 14.54 14.45
CA ALA B 272 -60.34 16.00 14.48
C ALA B 272 -61.57 16.49 13.74
N LEU B 273 -62.48 15.58 13.37
CA LEU B 273 -63.72 15.88 12.67
C LEU B 273 -63.47 16.40 11.25
N SER B 274 -62.39 15.96 10.62
CA SER B 274 -62.22 16.14 9.19
C SER B 274 -63.04 15.11 8.42
N ASP B 275 -63.51 15.52 7.25
CA ASP B 275 -64.37 14.67 6.45
C ASP B 275 -63.58 13.47 5.91
N PRO B 276 -64.28 12.40 5.50
CA PRO B 276 -63.56 11.20 5.04
C PRO B 276 -62.61 11.43 3.87
N TYR B 277 -62.87 12.41 3.02
CA TYR B 277 -61.95 12.67 1.90
C TYR B 277 -60.59 13.11 2.40
N LEU B 278 -60.55 13.99 3.41
CA LEU B 278 -59.27 14.43 3.97
C LEU B 278 -58.59 13.30 4.73
N SER B 279 -59.37 12.50 5.46
CA SER B 279 -58.78 11.41 6.23
C SER B 279 -58.21 10.34 5.30
N PHE B 280 -58.90 10.03 4.21
CA PHE B 280 -58.41 8.99 3.30
C PHE B 280 -57.24 9.50 2.47
N ALA B 281 -57.27 10.77 2.07
CA ALA B 281 -56.14 11.34 1.35
C ALA B 281 -54.89 11.34 2.21
N ALA B 282 -55.03 11.64 3.50
CA ALA B 282 -53.90 11.52 4.43
C ALA B 282 -53.50 10.06 4.59
N ALA B 283 -54.47 9.15 4.59
CA ALA B 283 -54.18 7.73 4.68
C ALA B 283 -53.35 7.26 3.48
N LEU B 284 -53.65 7.80 2.30
CA LEU B 284 -52.87 7.44 1.11
C LEU B 284 -51.42 7.85 1.25
N ASN B 285 -51.15 9.05 1.78
CA ASN B 285 -49.78 9.50 2.00
C ASN B 285 -49.03 8.56 2.93
N GLY B 286 -49.73 8.01 3.93
CA GLY B 286 -49.12 6.98 4.76
C GLY B 286 -48.98 5.66 4.01
N LEU B 287 -49.99 5.31 3.21
CA LEU B 287 -49.90 4.08 2.42
C LEU B 287 -48.80 4.17 1.37
N ALA B 288 -48.45 5.39 0.95
CA ALA B 288 -47.36 5.59 -0.01
C ALA B 288 -45.98 5.34 0.60
N GLY B 289 -45.89 5.16 1.91
CA GLY B 289 -44.64 4.92 2.56
C GLY B 289 -44.02 3.59 2.16
N PRO B 290 -42.72 3.60 1.85
CA PRO B 290 -42.05 2.35 1.45
C PRO B 290 -42.17 1.23 2.47
N LEU B 291 -42.31 1.54 3.75
CA LEU B 291 -42.50 0.52 4.78
C LEU B 291 -43.95 0.08 4.91
N HIS B 292 -44.83 0.50 4.00
CA HIS B 292 -46.24 0.21 4.17
C HIS B 292 -46.90 -0.34 2.91
N GLY B 293 -46.64 0.25 1.74
CA GLY B 293 -47.39 -0.13 0.56
C GLY B 293 -46.56 -0.49 -0.66
N LEU B 294 -45.40 -1.11 -0.46
CA LEU B 294 -44.54 -1.51 -1.56
C LEU B 294 -44.18 -3.00 -1.57
N ALA B 295 -44.68 -3.78 -0.61
CA ALA B 295 -44.34 -5.20 -0.56
C ALA B 295 -44.82 -5.94 -1.80
N ASN B 296 -46.00 -5.57 -2.31
CA ASN B 296 -46.51 -6.17 -3.55
C ASN B 296 -45.52 -5.96 -4.69
N GLN B 297 -44.95 -4.77 -4.78
CA GLN B 297 -44.04 -4.46 -5.89
C GLN B 297 -42.69 -5.12 -5.70
N GLU B 298 -42.23 -5.23 -4.44
CA GLU B 298 -40.92 -5.84 -4.19
C GLU B 298 -40.93 -7.31 -4.57
N VAL B 299 -42.02 -8.01 -4.31
CA VAL B 299 -42.10 -9.44 -4.63
C VAL B 299 -42.07 -9.66 -6.14
N LEU B 300 -42.90 -8.91 -6.88
CA LEU B 300 -42.99 -9.14 -8.32
C LEU B 300 -41.67 -8.83 -9.01
N LEU B 301 -41.02 -7.73 -8.63
CA LEU B 301 -39.73 -7.40 -9.24
C LEU B 301 -38.68 -8.43 -8.86
N TRP B 302 -38.75 -8.95 -7.63
CA TRP B 302 -37.78 -9.97 -7.21
C TRP B 302 -38.02 -11.27 -7.95
N ILE B 303 -39.28 -11.67 -8.10
CA ILE B 303 -39.60 -12.92 -8.79
C ILE B 303 -39.13 -12.87 -10.24
N LYS B 304 -39.26 -11.71 -10.88
CA LYS B 304 -38.84 -11.58 -12.27
C LYS B 304 -37.32 -11.67 -12.42
N SER B 305 -36.57 -11.16 -11.43
CA SER B 305 -35.11 -11.25 -11.50
C SER B 305 -34.63 -12.67 -11.20
N VAL B 306 -35.35 -13.41 -10.37
CA VAL B 306 -34.98 -14.79 -10.09
C VAL B 306 -35.18 -15.66 -11.32
N VAL B 307 -36.26 -15.43 -12.06
CA VAL B 307 -36.50 -16.20 -13.28
C VAL B 307 -35.45 -15.91 -14.33
N GLU B 308 -34.85 -14.70 -14.29
CA GLU B 308 -33.80 -14.38 -15.25
C GLU B 308 -32.46 -14.97 -14.83
N GLU B 309 -32.18 -15.01 -13.52
CA GLU B 309 -30.89 -15.49 -13.03
C GLU B 309 -30.82 -17.02 -13.00
N CYS B 310 -31.95 -17.71 -12.82
CA CYS B 310 -31.94 -19.15 -12.61
C CYS B 310 -32.69 -19.93 -13.69
N GLY B 311 -33.28 -19.26 -14.67
CA GLY B 311 -34.04 -19.93 -15.70
C GLY B 311 -35.49 -20.13 -15.31
N GLU B 312 -36.30 -20.53 -16.29
CA GLU B 312 -37.73 -20.67 -16.05
C GLU B 312 -38.06 -21.96 -15.33
N ASP B 313 -37.51 -23.09 -15.77
CA ASP B 313 -37.81 -24.39 -15.16
C ASP B 313 -36.63 -24.78 -14.28
N ILE B 314 -36.57 -24.17 -13.10
CA ILE B 314 -35.57 -24.52 -12.12
C ILE B 314 -36.18 -25.54 -11.16
N SER B 315 -35.43 -26.60 -10.85
CA SER B 315 -35.94 -27.61 -9.95
C SER B 315 -36.09 -27.05 -8.54
N LYS B 316 -36.94 -27.72 -7.75
CA LYS B 316 -37.14 -27.31 -6.37
C LYS B 316 -35.88 -27.48 -5.53
N GLU B 317 -35.06 -28.48 -5.81
CA GLU B 317 -33.86 -28.68 -5.02
C GLU B 317 -32.77 -27.67 -5.39
N GLN B 318 -32.66 -27.33 -6.67
CA GLN B 318 -31.76 -26.23 -7.05
C GLN B 318 -32.28 -24.90 -6.51
N LEU B 319 -33.60 -24.75 -6.45
CA LEU B 319 -34.18 -23.55 -5.85
C LEU B 319 -33.92 -23.53 -4.34
N LYS B 320 -33.93 -24.71 -3.71
CA LYS B 320 -33.60 -24.80 -2.29
C LYS B 320 -32.20 -24.31 -2.00
N GLU B 321 -31.23 -24.70 -2.83
CA GLU B 321 -29.87 -24.18 -2.66
C GLU B 321 -29.82 -22.68 -2.91
N TYR B 322 -30.59 -22.20 -3.89
CA TYR B 322 -30.66 -20.77 -4.15
C TYR B 322 -31.27 -20.05 -2.96
N VAL B 323 -32.38 -20.57 -2.44
CA VAL B 323 -33.03 -19.95 -1.29
C VAL B 323 -32.09 -19.93 -0.10
N TRP B 324 -31.33 -21.02 0.11
CA TRP B 324 -30.43 -21.09 1.25
C TRP B 324 -29.28 -20.09 1.13
N LYS B 325 -28.64 -20.02 -0.05
CA LYS B 325 -27.55 -19.06 -0.22
C LYS B 325 -28.02 -17.61 -0.07
N THR B 326 -29.19 -17.30 -0.60
CA THR B 326 -29.68 -15.92 -0.49
C THR B 326 -29.91 -15.53 0.98
N LEU B 327 -30.51 -16.43 1.75
CA LEU B 327 -30.81 -16.11 3.15
C LEU B 327 -29.53 -16.03 3.99
N ASN B 328 -28.58 -16.93 3.74
CA ASN B 328 -27.31 -16.89 4.47
C ASN B 328 -26.40 -15.76 4.00
N SER B 329 -26.65 -15.19 2.83
CA SER B 329 -25.90 -14.03 2.35
C SER B 329 -26.39 -12.73 2.99
N GLY B 330 -27.31 -12.79 3.94
CA GLY B 330 -27.85 -11.60 4.56
C GLY B 330 -29.06 -11.04 3.86
N LYS B 331 -29.59 -11.73 2.85
CA LYS B 331 -30.70 -11.25 2.05
C LYS B 331 -31.98 -11.94 2.53
N VAL B 332 -33.12 -11.33 2.20
CA VAL B 332 -34.42 -11.88 2.57
C VAL B 332 -35.19 -12.27 1.32
N ILE B 333 -36.22 -13.08 1.51
CA ILE B 333 -37.13 -13.46 0.44
C ILE B 333 -38.37 -12.59 0.56
N PRO B 334 -38.68 -11.74 -0.42
CA PRO B 334 -39.80 -10.83 -0.27
C PRO B 334 -41.11 -11.58 -0.09
N GLY B 335 -41.97 -11.04 0.78
CA GLY B 335 -43.22 -11.68 1.11
C GLY B 335 -43.12 -12.77 2.15
N TYR B 336 -41.92 -13.18 2.54
CA TYR B 336 -41.69 -14.24 3.51
C TYR B 336 -40.97 -13.69 4.73
N GLY B 337 -41.30 -14.24 5.89
CA GLY B 337 -40.68 -13.84 7.14
C GLY B 337 -41.42 -12.74 7.87
N HIS B 338 -42.29 -12.02 7.18
CA HIS B 338 -43.06 -10.92 7.72
C HIS B 338 -44.34 -11.39 8.42
N GLY B 339 -44.50 -12.70 8.61
CA GLY B 339 -45.75 -13.24 9.12
C GLY B 339 -45.83 -13.25 10.63
N VAL B 340 -47.02 -12.96 11.14
CA VAL B 340 -47.36 -13.07 12.55
C VAL B 340 -48.43 -14.14 12.79
N LEU B 341 -48.66 -15.00 11.80
CA LEU B 341 -49.63 -16.08 11.89
C LEU B 341 -48.92 -17.43 11.96
N ARG B 342 -49.41 -18.31 12.83
CA ARG B 342 -48.80 -19.63 12.94
C ARG B 342 -48.91 -20.39 11.62
N ASN B 343 -49.97 -20.16 10.86
CA ASN B 343 -50.17 -20.75 9.55
C ASN B 343 -50.07 -19.68 8.48
N THR B 344 -50.08 -20.12 7.22
CA THR B 344 -49.98 -19.19 6.10
C THR B 344 -51.21 -18.27 6.06
N ASP B 345 -50.97 -17.01 5.69
CA ASP B 345 -52.01 -16.02 5.51
C ASP B 345 -53.12 -16.56 4.60
N PRO B 346 -54.36 -16.65 5.08
CA PRO B 346 -55.45 -17.13 4.20
C PRO B 346 -55.63 -16.29 2.96
N ARG B 347 -55.20 -15.03 2.98
CA ARG B 347 -55.26 -14.21 1.77
C ARG B 347 -54.23 -14.66 0.74
N TYR B 348 -53.11 -15.21 1.20
CA TYR B 348 -52.17 -15.82 0.27
C TYR B 348 -52.76 -17.08 -0.35
N VAL B 349 -53.45 -17.89 0.47
CA VAL B 349 -53.96 -19.18 -0.01
C VAL B 349 -55.03 -18.97 -1.10
N CYS B 350 -55.94 -18.02 -0.89
CA CYS B 350 -57.03 -17.83 -1.85
C CYS B 350 -56.51 -17.34 -3.20
N GLN B 351 -55.43 -16.57 -3.20
CA GLN B 351 -54.84 -16.16 -4.47
C GLN B 351 -54.06 -17.29 -5.12
N ARG B 352 -53.57 -18.24 -4.32
CA ARG B 352 -52.99 -19.45 -4.90
C ARG B 352 -54.06 -20.31 -5.54
N GLU B 353 -55.23 -20.42 -4.88
CA GLU B 353 -56.36 -21.11 -5.46
C GLU B 353 -56.76 -20.49 -6.79
N PHE B 354 -56.74 -19.16 -6.87
CA PHE B 354 -57.07 -18.48 -8.12
C PHE B 354 -56.09 -18.86 -9.23
N ALA B 355 -54.78 -18.82 -8.92
CA ALA B 355 -53.77 -19.09 -9.94
C ALA B 355 -53.79 -20.55 -10.36
N LEU B 356 -53.99 -21.47 -9.41
CA LEU B 356 -54.06 -22.89 -9.74
C LEU B 356 -55.21 -23.19 -10.71
N LYS B 357 -56.24 -22.35 -10.74
CA LYS B 357 -57.38 -22.59 -11.62
C LYS B 357 -57.26 -21.88 -12.97
N HIS B 358 -56.65 -20.70 -12.99
CA HIS B 358 -56.71 -19.84 -14.16
C HIS B 358 -55.36 -19.55 -14.81
N LEU B 359 -54.25 -19.91 -14.17
CA LEU B 359 -52.94 -19.68 -14.79
C LEU B 359 -51.89 -20.63 -14.22
N PRO B 360 -52.08 -21.95 -14.31
CA PRO B 360 -51.07 -22.87 -13.77
C PRO B 360 -49.81 -22.93 -14.61
N ASP B 361 -49.88 -22.52 -15.88
CA ASP B 361 -48.74 -22.56 -16.79
C ASP B 361 -47.93 -21.28 -16.78
N ASP B 362 -48.31 -20.30 -15.98
CA ASP B 362 -47.57 -19.04 -15.90
C ASP B 362 -46.22 -19.28 -15.22
N PRO B 363 -45.10 -18.95 -15.86
CA PRO B 363 -43.79 -19.23 -15.23
C PRO B 363 -43.57 -18.44 -13.95
N LEU B 364 -44.05 -17.20 -13.89
CA LEU B 364 -43.85 -16.40 -12.69
C LEU B 364 -44.62 -16.98 -11.50
N PHE B 365 -45.83 -17.48 -11.74
CA PHE B 365 -46.57 -18.15 -10.68
C PHE B 365 -45.93 -19.48 -10.32
N GLN B 366 -45.38 -20.19 -11.32
CA GLN B 366 -44.72 -21.46 -11.05
C GLN B 366 -43.56 -21.28 -10.09
N LEU B 367 -42.83 -20.16 -10.20
CA LEU B 367 -41.75 -19.90 -9.26
C LEU B 367 -42.33 -19.52 -7.89
N VAL B 368 -43.45 -18.79 -7.88
CA VAL B 368 -44.14 -18.52 -6.62
C VAL B 368 -44.60 -19.82 -5.97
N SER B 369 -45.16 -20.72 -6.78
CA SER B 369 -45.63 -22.00 -6.23
C SER B 369 -44.49 -22.84 -5.68
N LYS B 370 -43.35 -22.88 -6.40
CA LYS B 370 -42.20 -23.63 -5.90
C LYS B 370 -41.63 -22.99 -4.64
N LEU B 371 -41.57 -21.66 -4.59
CA LEU B 371 -41.16 -20.99 -3.36
C LEU B 371 -42.07 -21.34 -2.19
N TYR B 372 -43.37 -21.53 -2.45
CA TYR B 372 -44.29 -21.88 -1.38
C TYR B 372 -43.91 -23.20 -0.73
N GLU B 373 -43.30 -24.10 -1.49
CA GLU B 373 -42.88 -25.40 -0.98
C GLU B 373 -41.49 -25.37 -0.36
N VAL B 374 -40.58 -24.57 -0.92
CA VAL B 374 -39.16 -24.70 -0.60
C VAL B 374 -38.71 -23.79 0.54
N VAL B 375 -39.13 -22.53 0.57
CA VAL B 375 -38.53 -21.59 1.52
C VAL B 375 -39.02 -21.80 2.96
N PRO B 376 -40.31 -22.06 3.23
CA PRO B 376 -40.74 -22.22 4.64
C PRO B 376 -39.93 -23.25 5.39
N PRO B 377 -39.62 -24.42 4.80
CA PRO B 377 -38.70 -25.33 5.50
C PRO B 377 -37.33 -24.73 5.71
N VAL B 378 -36.81 -24.00 4.71
CA VAL B 378 -35.48 -23.39 4.84
C VAL B 378 -35.48 -22.36 5.97
N LEU B 379 -36.53 -21.53 6.03
CA LEU B 379 -36.60 -20.52 7.08
C LEU B 379 -36.69 -21.17 8.46
N THR B 380 -37.38 -22.31 8.56
CA THR B 380 -37.46 -23.00 9.84
C THR B 380 -36.12 -23.63 10.20
N GLU B 381 -35.41 -24.18 9.22
CA GLU B 381 -34.12 -24.80 9.48
C GLU B 381 -33.09 -23.77 9.92
N LEU B 382 -33.15 -22.56 9.35
CA LEU B 382 -32.18 -21.54 9.75
C LEU B 382 -32.50 -20.97 11.12
N GLY B 383 -33.76 -21.03 11.55
CA GLY B 383 -34.14 -20.59 12.88
C GLY B 383 -34.02 -19.11 13.14
N LYS B 384 -33.79 -18.29 12.13
CA LYS B 384 -33.61 -16.85 12.32
C LYS B 384 -34.93 -16.09 12.31
N VAL B 385 -36.02 -16.71 11.86
CA VAL B 385 -37.32 -16.04 11.70
C VAL B 385 -38.39 -16.80 12.46
N LYS B 386 -39.34 -16.05 13.05
CA LYS B 386 -40.37 -16.66 13.88
C LYS B 386 -41.38 -17.45 13.04
N ASN B 387 -42.02 -16.80 12.07
CA ASN B 387 -43.03 -17.44 11.24
C ASN B 387 -42.54 -17.54 9.79
N PRO B 388 -42.37 -18.75 9.25
CA PRO B 388 -41.79 -18.88 7.91
C PRO B 388 -42.84 -18.86 6.80
N TRP B 389 -44.03 -18.33 7.07
CA TRP B 389 -45.04 -18.43 6.03
C TRP B 389 -45.20 -17.11 5.29
N PRO B 390 -45.60 -17.16 4.02
CA PRO B 390 -45.79 -15.92 3.25
C PRO B 390 -47.10 -15.24 3.59
N ASN B 391 -47.23 -14.00 3.12
CA ASN B 391 -48.46 -13.23 3.26
C ASN B 391 -49.03 -12.91 1.88
N VAL B 392 -50.10 -12.11 1.88
CA VAL B 392 -50.82 -11.81 0.65
C VAL B 392 -49.92 -11.10 -0.36
N ASP B 393 -48.96 -10.31 0.11
CA ASP B 393 -48.11 -9.56 -0.80
C ASP B 393 -47.15 -10.45 -1.58
N ALA B 394 -46.94 -11.69 -1.15
CA ALA B 394 -46.09 -12.61 -1.87
C ALA B 394 -46.75 -13.24 -3.09
N HIS B 395 -48.05 -13.03 -3.28
CA HIS B 395 -48.78 -13.72 -4.34
C HIS B 395 -49.59 -12.81 -5.25
N SER B 396 -49.86 -11.55 -4.86
CA SER B 396 -50.73 -10.70 -5.66
C SER B 396 -50.05 -10.20 -6.93
N GLY B 397 -48.71 -10.13 -6.93
CA GLY B 397 -48.02 -9.57 -8.07
C GLY B 397 -48.16 -10.40 -9.33
N VAL B 398 -48.00 -11.72 -9.21
CA VAL B 398 -48.02 -12.57 -10.40
C VAL B 398 -49.41 -12.62 -11.03
N LEU B 399 -50.47 -12.44 -10.22
CA LEU B 399 -51.82 -12.47 -10.78
C LEU B 399 -52.09 -11.22 -11.60
N LEU B 400 -51.77 -10.04 -11.04
CA LEU B 400 -51.93 -8.80 -11.80
C LEU B 400 -51.02 -8.76 -13.02
N ASN B 401 -49.76 -9.20 -12.85
CA ASN B 401 -48.81 -9.16 -13.95
C ASN B 401 -49.23 -10.08 -15.09
N HIS B 402 -49.83 -11.22 -14.76
CA HIS B 402 -50.15 -12.22 -15.77
C HIS B 402 -51.13 -11.67 -16.80
N TYR B 403 -52.14 -10.93 -16.37
CA TYR B 403 -53.21 -10.49 -17.26
C TYR B 403 -52.91 -9.16 -17.96
N GLY B 404 -51.76 -8.54 -17.70
CA GLY B 404 -51.39 -7.29 -18.34
C GLY B 404 -51.13 -6.13 -17.41
N LEU B 405 -51.50 -6.23 -16.13
CA LEU B 405 -51.18 -5.17 -15.16
C LEU B 405 -49.76 -5.40 -14.67
N THR B 406 -48.81 -4.98 -15.50
CA THR B 406 -47.39 -5.21 -15.24
C THR B 406 -46.69 -4.04 -14.56
N GLU B 407 -47.30 -2.86 -14.57
CA GLU B 407 -46.67 -1.64 -14.05
C GLU B 407 -46.70 -1.69 -12.53
N ALA B 408 -45.66 -2.29 -11.96
CA ALA B 408 -45.63 -2.52 -10.51
C ALA B 408 -45.70 -1.22 -9.73
N ARG B 409 -45.12 -0.15 -10.26
CA ARG B 409 -45.13 1.14 -9.55
C ARG B 409 -46.56 1.61 -9.28
N TYR B 410 -47.54 1.13 -10.04
CA TYR B 410 -48.95 1.47 -9.83
C TYR B 410 -49.62 0.63 -8.75
N TYR B 411 -49.00 -0.49 -8.35
CA TYR B 411 -49.69 -1.47 -7.51
C TYR B 411 -50.21 -0.87 -6.20
N THR B 412 -49.55 0.18 -5.68
CA THR B 412 -50.01 0.76 -4.43
C THR B 412 -51.33 1.53 -4.62
N VAL B 413 -51.60 1.99 -5.84
CA VAL B 413 -52.87 2.62 -6.12
C VAL B 413 -54.01 1.61 -6.02
N LEU B 414 -53.79 0.40 -6.53
CA LEU B 414 -54.77 -0.67 -6.35
C LEU B 414 -54.99 -0.99 -4.88
N PHE B 415 -53.91 -0.99 -4.09
CA PHE B 415 -54.03 -1.16 -2.66
C PHE B 415 -54.93 -0.10 -2.03
N GLY B 416 -54.77 1.15 -2.48
CA GLY B 416 -55.57 2.22 -1.90
C GLY B 416 -57.05 2.09 -2.19
N VAL B 417 -57.41 1.72 -3.42
CA VAL B 417 -58.82 1.53 -3.77
C VAL B 417 -59.47 0.48 -2.88
N SER B 418 -58.77 -0.65 -2.65
CA SER B 418 -59.32 -1.70 -1.81
C SER B 418 -59.40 -1.25 -0.35
N ARG B 419 -58.33 -0.64 0.16
CA ARG B 419 -58.28 -0.29 1.58
C ARG B 419 -59.26 0.83 1.93
N SER B 420 -59.78 1.55 0.93
CA SER B 420 -60.80 2.55 1.20
C SER B 420 -62.06 1.93 1.80
N LEU B 421 -62.35 0.68 1.45
CA LEU B 421 -63.54 0.01 1.96
C LEU B 421 -63.45 -0.20 3.47
N GLY B 422 -62.29 -0.66 3.95
CA GLY B 422 -62.13 -0.85 5.39
C GLY B 422 -62.00 0.47 6.15
N ILE B 423 -61.24 1.42 5.58
CA ILE B 423 -61.02 2.69 6.27
C ILE B 423 -62.31 3.48 6.40
N CYS B 424 -63.09 3.55 5.31
CA CYS B 424 -64.35 4.29 5.36
C CYS B 424 -65.36 3.63 6.27
N SER B 425 -65.35 2.30 6.35
CA SER B 425 -66.29 1.60 7.24
C SER B 425 -66.03 1.97 8.70
N GLN B 426 -64.76 2.00 9.12
CA GLN B 426 -64.45 2.39 10.48
C GLN B 426 -64.69 3.87 10.72
N LEU B 427 -64.44 4.72 9.72
CA LEU B 427 -64.69 6.15 9.89
C LEU B 427 -66.16 6.44 10.14
N ILE B 428 -67.06 5.61 9.59
CA ILE B 428 -68.48 5.79 9.87
C ILE B 428 -68.79 5.44 11.32
N TRP B 429 -68.23 4.35 11.83
CA TRP B 429 -68.49 3.97 13.21
C TRP B 429 -67.77 4.88 14.20
N ASP B 430 -66.67 5.52 13.79
CA ASP B 430 -66.05 6.54 14.64
C ASP B 430 -67.04 7.64 14.98
N ARG B 431 -67.84 8.06 14.00
CA ARG B 431 -68.85 9.08 14.26
C ARG B 431 -70.11 8.48 14.85
N ALA B 432 -70.43 7.24 14.50
CA ALA B 432 -71.58 6.57 15.11
C ALA B 432 -71.34 6.33 16.60
N LEU B 433 -70.13 5.89 16.97
CA LEU B 433 -69.77 5.70 18.36
C LEU B 433 -69.31 6.98 19.04
N GLY B 434 -69.20 8.08 18.28
CA GLY B 434 -68.79 9.34 18.87
C GLY B 434 -67.40 9.33 19.49
N LEU B 435 -66.46 8.65 18.86
CA LEU B 435 -65.11 8.54 19.41
C LEU B 435 -64.43 9.90 19.46
N ALA B 436 -63.66 10.11 20.53
CA ALA B 436 -63.11 11.43 20.84
C ALA B 436 -61.83 11.68 20.05
N LEU B 437 -61.31 12.90 20.21
CA LEU B 437 -60.05 13.29 19.57
C LEU B 437 -58.89 12.48 20.11
N GLU B 438 -58.01 12.04 19.22
CA GLU B 438 -56.85 11.26 19.61
C GLU B 438 -55.72 12.18 20.07
N ARG B 439 -55.35 12.08 21.35
CA ARG B 439 -54.35 12.95 21.96
C ARG B 439 -53.41 12.13 22.83
N PRO B 440 -52.51 11.36 22.22
CA PRO B 440 -51.44 10.75 23.01
C PRO B 440 -50.52 11.83 23.55
N LYS B 441 -49.93 11.57 24.70
CA LYS B 441 -49.03 12.55 25.31
C LYS B 441 -47.62 12.39 24.75
N SER B 442 -46.96 13.52 24.56
CA SER B 442 -45.60 13.56 24.03
C SER B 442 -44.58 13.81 25.14
N VAL B 443 -43.38 13.24 24.96
CA VAL B 443 -42.29 13.42 25.89
C VAL B 443 -40.99 13.59 25.11
N THR B 444 -39.97 14.08 25.81
CA THR B 444 -38.63 14.23 25.26
C THR B 444 -37.66 13.29 25.97
N MET B 445 -36.49 13.11 25.37
CA MET B 445 -35.47 12.27 25.98
C MET B 445 -35.00 12.83 27.31
N ASP B 446 -34.99 14.16 27.45
CA ASP B 446 -34.72 14.74 28.76
C ASP B 446 -35.76 14.33 29.79
N TRP B 447 -37.03 14.26 29.37
CA TRP B 447 -38.09 13.86 30.29
C TRP B 447 -37.97 12.38 30.65
N LEU B 448 -37.67 11.53 29.68
CA LEU B 448 -37.53 10.10 29.96
C LEU B 448 -36.34 9.84 30.89
N GLU B 449 -35.21 10.49 30.61
CA GLU B 449 -34.03 10.33 31.46
C GLU B 449 -34.28 10.88 32.86
N ALA B 450 -35.11 11.92 32.98
CA ALA B 450 -35.44 12.47 34.29
C ALA B 450 -36.36 11.54 35.07
N HIS B 451 -37.20 10.76 34.38
CA HIS B 451 -38.08 9.81 35.04
C HIS B 451 -37.35 8.56 35.50
N CYS B 452 -36.21 8.25 34.90
CA CYS B 452 -35.46 7.06 35.25
C CYS B 452 -34.35 7.36 36.26
N ASP C 22 79.12 -15.13 10.61
CA ASP C 22 79.78 -14.33 9.59
C ASP C 22 79.95 -15.12 8.30
N LEU C 23 78.89 -15.85 7.92
CA LEU C 23 78.90 -16.67 6.72
C LEU C 23 77.58 -16.52 5.97
N ASP C 24 77.20 -17.54 5.20
CA ASP C 24 75.95 -17.50 4.43
C ASP C 24 74.93 -18.45 5.06
N LEU C 25 73.73 -18.46 4.47
CA LEU C 25 72.61 -19.17 5.08
C LEU C 25 72.76 -20.68 4.95
N LYS C 26 73.19 -21.18 3.80
CA LYS C 26 73.26 -22.62 3.60
C LYS C 26 74.36 -23.27 4.43
N SER C 27 75.52 -22.61 4.54
CA SER C 27 76.60 -23.18 5.35
C SER C 27 76.29 -23.07 6.84
N GLN C 28 75.65 -21.98 7.26
CA GLN C 28 75.25 -21.86 8.66
C GLN C 28 74.24 -22.94 9.02
N LEU C 29 73.27 -23.19 8.14
CA LEU C 29 72.35 -24.31 8.35
C LEU C 29 73.09 -25.63 8.39
N GLN C 30 74.06 -25.79 7.49
CA GLN C 30 74.79 -27.05 7.38
C GLN C 30 75.60 -27.34 8.64
N GLU C 31 76.13 -26.29 9.28
CA GLU C 31 76.90 -26.49 10.50
C GLU C 31 76.01 -26.95 11.65
N LEU C 32 74.77 -26.49 11.69
CA LEU C 32 73.87 -26.71 12.80
C LEU C 32 73.09 -28.02 12.71
N ILE C 33 73.06 -28.66 11.54
CA ILE C 33 72.24 -29.86 11.32
C ILE C 33 72.72 -31.04 12.16
N PRO C 34 74.02 -31.41 12.15
CA PRO C 34 74.39 -32.65 12.86
C PRO C 34 74.05 -32.69 14.34
N GLU C 35 74.16 -31.56 15.04
CA GLU C 35 73.83 -31.55 16.47
C GLU C 35 72.34 -31.77 16.70
N GLN C 36 71.48 -31.12 15.90
CA GLN C 36 70.05 -31.34 16.04
C GLN C 36 69.66 -32.76 15.67
N GLN C 37 70.39 -33.36 14.73
CA GLN C 37 70.19 -34.78 14.43
C GLN C 37 70.48 -35.64 15.66
N ASP C 38 71.53 -35.29 16.41
CA ASP C 38 71.86 -36.04 17.62
C ASP C 38 70.79 -35.89 18.69
N ARG C 39 70.21 -34.69 18.86
CA ARG C 39 69.13 -34.53 19.82
C ARG C 39 67.96 -35.45 19.51
N LEU C 40 67.62 -35.61 18.23
CA LEU C 40 66.52 -36.49 17.87
C LEU C 40 66.84 -37.94 18.20
N LYS C 41 68.06 -38.38 17.87
CA LYS C 41 68.47 -39.75 18.19
C LYS C 41 68.49 -39.97 19.70
N LYS C 42 69.01 -39.00 20.45
CA LYS C 42 69.05 -39.12 21.91
C LYS C 42 67.64 -39.13 22.51
N LEU C 43 66.72 -38.38 21.91
CA LEU C 43 65.35 -38.36 22.39
C LEU C 43 64.69 -39.73 22.29
N LYS C 44 65.05 -40.50 21.26
CA LYS C 44 64.51 -41.86 21.12
C LYS C 44 65.16 -42.80 22.12
N SER C 45 66.49 -42.78 22.21
CA SER C 45 67.21 -43.76 23.02
C SER C 45 66.86 -43.62 24.50
N GLU C 46 66.87 -42.39 25.01
CA GLU C 46 66.64 -42.15 26.42
C GLU C 46 65.16 -41.98 26.76
N HIS C 47 64.40 -41.27 25.91
CA HIS C 47 63.05 -40.87 26.24
C HIS C 47 62.01 -41.37 25.23
N GLY C 48 62.35 -42.39 24.44
CA GLY C 48 61.43 -42.85 23.41
C GLY C 48 60.11 -43.36 23.95
N LYS C 49 60.11 -43.91 25.17
CA LYS C 49 58.90 -44.46 25.77
C LYS C 49 58.27 -43.52 26.79
N VAL C 50 58.77 -42.30 26.94
CA VAL C 50 58.17 -41.37 27.88
C VAL C 50 56.77 -41.00 27.39
N GLN C 51 55.79 -41.11 28.29
CA GLN C 51 54.41 -40.85 27.94
C GLN C 51 54.13 -39.35 28.10
N LEU C 52 53.49 -38.77 27.09
CA LEU C 52 53.22 -37.34 27.06
C LEU C 52 51.76 -36.96 27.27
N GLY C 53 50.85 -37.93 27.26
CA GLY C 53 49.44 -37.61 27.40
C GLY C 53 48.58 -38.83 27.12
N ASN C 54 47.30 -38.58 26.95
CA ASN C 54 46.32 -39.64 26.74
C ASN C 54 45.53 -39.40 25.46
N ILE C 55 45.26 -40.48 24.75
CA ILE C 55 44.39 -40.46 23.58
C ILE C 55 43.00 -40.88 24.05
N THR C 56 42.00 -40.06 23.77
CA THR C 56 40.63 -40.34 24.19
C THR C 56 39.73 -40.38 22.96
N VAL C 57 38.51 -40.86 23.17
CA VAL C 57 37.54 -40.92 22.08
C VAL C 57 37.21 -39.53 21.58
N ASP C 58 37.17 -38.55 22.48
CA ASP C 58 36.92 -37.17 22.10
C ASP C 58 37.95 -36.67 21.11
N MET C 59 39.20 -37.09 21.26
CA MET C 59 40.26 -36.58 20.41
C MET C 59 40.18 -37.18 19.01
N VAL C 60 39.90 -38.47 18.91
CA VAL C 60 39.74 -39.10 17.59
C VAL C 60 38.48 -38.59 16.92
N ILE C 61 37.43 -38.32 17.69
CA ILE C 61 36.19 -37.80 17.13
C ILE C 61 36.20 -36.29 16.98
N GLY C 62 37.06 -35.59 17.73
CA GLY C 62 37.09 -34.14 17.69
C GLY C 62 38.31 -33.53 17.02
N GLY C 63 38.79 -34.17 15.95
CA GLY C 63 39.90 -33.63 15.20
C GLY C 63 41.20 -33.46 15.95
N MET C 64 41.60 -34.49 16.71
CA MET C 64 42.85 -34.50 17.46
C MET C 64 42.94 -33.33 18.44
N ARG C 65 41.80 -32.90 18.98
CA ARG C 65 41.80 -31.80 19.94
C ARG C 65 42.51 -32.22 21.23
N GLY C 66 43.49 -31.43 21.65
CA GLY C 66 44.23 -31.77 22.85
C GLY C 66 45.29 -32.83 22.68
N MET C 67 45.65 -33.17 21.44
CA MET C 67 46.61 -34.23 21.16
C MET C 67 47.94 -33.60 20.74
N THR C 68 49.01 -33.92 21.48
CA THR C 68 50.35 -33.56 21.08
C THR C 68 50.77 -34.51 19.97
N GLY C 69 50.84 -34.01 18.73
CA GLY C 69 50.93 -34.91 17.61
C GLY C 69 52.11 -34.79 16.68
N LEU C 70 52.73 -33.61 16.59
CA LEU C 70 53.79 -33.39 15.63
C LEU C 70 54.89 -32.53 16.23
N LEU C 71 56.03 -32.49 15.52
CA LEU C 71 57.22 -31.78 15.93
C LEU C 71 57.42 -30.60 15.00
N TRP C 72 57.41 -29.38 15.56
CA TRP C 72 57.57 -28.16 14.78
C TRP C 72 58.59 -27.28 15.50
N GLU C 73 59.76 -27.12 14.90
CA GLU C 73 60.90 -26.49 15.56
C GLU C 73 60.95 -24.98 15.39
N THR C 74 60.35 -24.44 14.32
CA THR C 74 60.59 -23.04 13.98
C THR C 74 59.88 -22.09 14.95
N SER C 75 58.79 -22.51 15.58
CA SER C 75 58.08 -21.64 16.49
C SER C 75 57.28 -22.47 17.49
N LEU C 76 56.97 -21.83 18.61
CA LEU C 76 56.17 -22.44 19.67
C LEU C 76 55.49 -21.31 20.44
N LEU C 77 54.26 -21.54 20.86
CA LEU C 77 53.45 -20.50 21.50
C LEU C 77 53.76 -20.48 22.99
N ASP C 78 54.24 -19.32 23.47
CA ASP C 78 54.45 -19.10 24.89
C ASP C 78 53.16 -18.59 25.49
N PRO C 79 52.58 -19.26 26.49
CA PRO C 79 51.30 -18.81 27.06
C PRO C 79 51.38 -17.46 27.74
N GLU C 80 52.56 -16.90 27.92
CA GLU C 80 52.73 -15.59 28.55
C GLU C 80 53.25 -14.53 27.60
N GLU C 81 54.18 -14.87 26.71
CA GLU C 81 54.81 -13.90 25.83
C GLU C 81 54.37 -14.03 24.37
N GLY C 82 53.42 -14.91 24.06
CA GLY C 82 52.96 -15.04 22.70
C GLY C 82 53.80 -16.02 21.90
N ILE C 83 53.68 -15.90 20.58
CA ILE C 83 54.42 -16.79 19.68
C ILE C 83 55.90 -16.45 19.75
N ARG C 84 56.73 -17.49 19.75
CA ARG C 84 58.18 -17.33 19.85
C ARG C 84 58.83 -17.93 18.61
N PHE C 85 59.55 -17.10 17.86
CA PHE C 85 60.31 -17.56 16.70
C PHE C 85 61.68 -18.01 17.18
N ARG C 86 61.89 -19.33 17.27
CA ARG C 86 63.14 -19.90 17.75
C ARG C 86 63.48 -19.39 19.15
N GLY C 87 62.47 -19.28 20.00
CA GLY C 87 62.65 -18.81 21.35
C GLY C 87 62.63 -17.31 21.52
N LEU C 88 62.54 -16.55 20.43
CA LEU C 88 62.51 -15.10 20.48
C LEU C 88 61.06 -14.62 20.30
N SER C 89 60.57 -13.86 21.27
CA SER C 89 59.21 -13.32 21.17
C SER C 89 59.15 -12.25 20.09
N ILE C 90 57.92 -11.78 19.83
CA ILE C 90 57.75 -10.72 18.82
C ILE C 90 58.47 -9.43 19.21
N PRO C 91 58.32 -8.90 20.43
CA PRO C 91 59.09 -7.68 20.77
C PRO C 91 60.60 -7.89 20.74
N GLU C 92 61.06 -9.08 21.15
CA GLU C 92 62.48 -9.38 21.09
C GLU C 92 62.99 -9.39 19.64
N CYS C 93 62.18 -9.92 18.72
CA CYS C 93 62.58 -9.97 17.32
C CYS C 93 62.73 -8.58 16.71
N GLN C 94 61.81 -7.66 17.02
CA GLN C 94 61.95 -6.31 16.46
C GLN C 94 63.17 -5.59 17.01
N LYS C 95 63.70 -6.02 18.16
CA LYS C 95 64.87 -5.36 18.73
C LYS C 95 66.15 -5.81 18.04
N VAL C 96 66.26 -7.10 17.71
CA VAL C 96 67.52 -7.68 17.25
C VAL C 96 67.54 -8.01 15.77
N LEU C 97 66.40 -8.03 15.09
CA LEU C 97 66.38 -8.34 13.66
C LEU C 97 66.78 -7.12 12.84
N PRO C 98 67.69 -7.26 11.87
CA PRO C 98 68.07 -6.11 11.05
C PRO C 98 66.89 -5.51 10.30
N THR C 99 66.93 -4.20 10.15
CA THR C 99 65.90 -3.45 9.44
C THR C 99 66.45 -2.91 8.13
N ALA C 100 65.58 -2.29 7.35
CA ALA C 100 66.00 -1.62 6.13
C ALA C 100 66.73 -0.32 6.48
N GLN C 101 67.50 0.18 5.52
CA GLN C 101 68.16 1.46 5.69
C GLN C 101 67.12 2.57 5.87
N SER C 102 67.28 3.35 6.93
CA SER C 102 66.35 4.43 7.30
C SER C 102 64.96 3.90 7.66
N GLY C 103 64.86 2.61 7.96
CA GLY C 103 63.60 1.98 8.30
C GLY C 103 63.63 1.39 9.71
N ALA C 104 62.44 1.08 10.21
CA ALA C 104 62.28 0.56 11.56
C ALA C 104 61.63 -0.81 11.64
N GLU C 105 61.13 -1.36 10.53
CA GLU C 105 60.50 -2.64 10.76
C GLU C 105 61.46 -3.79 10.42
N PRO C 106 61.34 -4.92 11.12
CA PRO C 106 62.29 -6.03 10.89
C PRO C 106 62.14 -6.63 9.50
N LEU C 107 63.28 -6.85 8.86
CA LEU C 107 63.28 -7.41 7.51
C LEU C 107 62.88 -8.88 7.55
N PRO C 108 61.99 -9.33 6.66
CA PRO C 108 61.62 -10.75 6.65
C PRO C 108 62.78 -11.68 6.36
N GLU C 109 63.81 -11.21 5.66
CA GLU C 109 64.99 -12.04 5.44
C GLU C 109 65.64 -12.43 6.76
N GLY C 110 65.78 -11.47 7.68
CA GLY C 110 66.37 -11.78 8.98
C GLY C 110 65.55 -12.78 9.75
N LEU C 111 64.22 -12.66 9.70
CA LEU C 111 63.36 -13.66 10.32
C LEU C 111 63.57 -15.04 9.70
N LEU C 112 63.62 -15.10 8.36
CA LEU C 112 63.84 -16.38 7.70
C LEU C 112 65.17 -16.98 8.11
N TRP C 113 66.21 -16.15 8.22
CA TRP C 113 67.48 -16.61 8.76
C TRP C 113 67.31 -17.15 10.18
N LEU C 114 66.51 -16.45 10.99
CA LEU C 114 66.32 -16.88 12.37
C LEU C 114 65.60 -18.23 12.45
N LEU C 115 64.56 -18.42 11.65
CA LEU C 115 63.82 -19.68 11.69
C LEU C 115 64.68 -20.85 11.23
N LEU C 116 65.50 -20.63 10.19
CA LEU C 116 66.29 -21.73 9.65
C LEU C 116 67.46 -22.07 10.57
N THR C 117 68.19 -21.06 11.04
CA THR C 117 69.41 -21.30 11.79
C THR C 117 69.24 -21.17 13.30
N GLY C 118 68.23 -20.46 13.77
CA GLY C 118 68.11 -20.19 15.19
C GLY C 118 69.01 -19.09 15.70
N LYS C 119 69.78 -18.44 14.84
CA LYS C 119 70.73 -17.41 15.23
C LYS C 119 70.37 -16.08 14.59
N VAL C 120 70.58 -15.00 15.33
CA VAL C 120 70.29 -13.66 14.78
C VAL C 120 71.34 -13.30 13.74
N PRO C 121 70.95 -12.90 12.54
CA PRO C 121 71.94 -12.53 11.52
C PRO C 121 72.36 -11.07 11.61
N SER C 122 73.54 -10.80 11.08
CA SER C 122 74.01 -9.42 10.96
C SER C 122 73.30 -8.73 9.81
N LYS C 123 73.51 -7.42 9.69
CA LYS C 123 72.91 -6.68 8.59
C LYS C 123 73.46 -7.13 7.24
N GLU C 124 74.74 -7.50 7.18
CA GLU C 124 75.32 -7.94 5.91
C GLU C 124 74.83 -9.32 5.51
N GLN C 125 74.64 -10.22 6.49
CA GLN C 125 74.07 -11.53 6.16
C GLN C 125 72.66 -11.39 5.62
N VAL C 126 71.89 -10.44 6.17
CA VAL C 126 70.55 -10.18 5.67
C VAL C 126 70.62 -9.55 4.28
N GLU C 127 71.56 -8.63 4.07
CA GLU C 127 71.71 -8.01 2.75
C GLU C 127 72.11 -9.04 1.71
N ALA C 128 72.97 -9.99 2.07
CA ALA C 128 73.34 -11.06 1.16
C ALA C 128 72.14 -11.92 0.80
N LEU C 129 71.31 -12.25 1.79
CA LEU C 129 70.13 -13.08 1.53
C LEU C 129 69.11 -12.37 0.64
N SER C 130 69.03 -11.04 0.72
CA SER C 130 68.09 -10.32 -0.13
C SER C 130 68.47 -10.44 -1.60
N LYS C 131 69.77 -10.32 -1.91
CA LYS C 131 70.20 -10.49 -3.29
C LYS C 131 70.08 -11.94 -3.75
N ASP C 132 70.28 -12.90 -2.84
CA ASP C 132 70.06 -14.29 -3.18
C ASP C 132 68.61 -14.54 -3.57
N LEU C 133 67.67 -14.07 -2.74
CA LEU C 133 66.25 -14.18 -3.06
C LEU C 133 65.91 -13.49 -4.38
N ALA C 134 66.47 -12.29 -4.59
CA ALA C 134 66.18 -11.54 -5.81
C ALA C 134 66.63 -12.29 -7.05
N ASN C 135 67.72 -13.07 -6.95
CA ASN C 135 68.20 -13.83 -8.09
C ASN C 135 67.39 -15.11 -8.33
N ARG C 136 66.72 -15.61 -7.31
CA ARG C 136 65.90 -16.82 -7.42
C ARG C 136 64.48 -16.52 -7.86
N ALA C 137 64.14 -15.24 -8.11
CA ALA C 137 62.77 -14.84 -8.36
C ALA C 137 62.37 -14.97 -9.83
N ALA C 138 63.14 -15.70 -10.63
CA ALA C 138 62.78 -15.89 -12.03
C ALA C 138 61.62 -16.86 -12.15
N VAL C 139 60.58 -16.45 -12.87
CA VAL C 139 59.38 -17.23 -13.05
C VAL C 139 59.15 -17.43 -14.54
N PRO C 140 59.11 -18.67 -15.03
CA PRO C 140 58.89 -18.88 -16.47
C PRO C 140 57.49 -18.45 -16.89
N ASP C 141 57.34 -18.24 -18.21
CA ASP C 141 56.12 -17.65 -18.73
C ASP C 141 54.94 -18.61 -18.64
N TYR C 142 55.17 -19.92 -18.63
CA TYR C 142 54.05 -20.85 -18.57
C TYR C 142 53.36 -20.82 -17.20
N VAL C 143 54.02 -20.28 -16.18
CA VAL C 143 53.35 -20.08 -14.90
C VAL C 143 52.28 -19.00 -15.03
N TYR C 144 52.61 -17.90 -15.73
CA TYR C 144 51.61 -16.88 -16.00
C TYR C 144 50.52 -17.42 -16.91
N ASN C 145 50.89 -18.25 -17.89
CA ASN C 145 49.89 -18.88 -18.75
C ASN C 145 48.97 -19.79 -17.95
N ALA C 146 49.53 -20.56 -17.01
CA ALA C 146 48.70 -21.43 -16.17
C ALA C 146 47.69 -20.62 -15.37
N ILE C 147 48.12 -19.47 -14.84
CA ILE C 147 47.21 -18.61 -14.09
C ILE C 147 46.18 -17.97 -15.02
N ASP C 148 46.64 -17.47 -16.17
CA ASP C 148 45.75 -16.78 -17.10
C ASP C 148 44.72 -17.70 -17.73
N ALA C 149 44.97 -19.02 -17.76
CA ALA C 149 43.98 -19.93 -18.33
C ALA C 149 42.73 -19.99 -17.48
N LEU C 150 42.86 -19.80 -16.17
CA LEU C 150 41.69 -19.72 -15.30
C LEU C 150 40.91 -18.43 -15.58
N PRO C 151 39.60 -18.42 -15.35
CA PRO C 151 38.84 -17.19 -15.51
C PRO C 151 39.26 -16.16 -14.48
N SER C 152 39.00 -14.89 -14.82
CA SER C 152 39.35 -13.80 -13.93
C SER C 152 38.57 -13.86 -12.62
N THR C 153 37.41 -14.51 -12.63
CA THR C 153 36.56 -14.62 -11.45
C THR C 153 37.05 -15.65 -10.44
N ALA C 154 38.05 -16.46 -10.80
CA ALA C 154 38.55 -17.50 -9.92
C ALA C 154 39.08 -16.93 -8.61
N HIS C 155 38.88 -17.68 -7.53
CA HIS C 155 39.33 -17.26 -6.22
C HIS C 155 40.83 -16.99 -6.23
N PRO C 156 41.29 -15.92 -5.57
CA PRO C 156 42.73 -15.63 -5.58
C PRO C 156 43.60 -16.75 -5.01
N MET C 157 43.11 -17.46 -4.00
CA MET C 157 43.87 -18.60 -3.48
C MET C 157 43.95 -19.73 -4.50
N THR C 158 42.92 -19.89 -5.33
CA THR C 158 42.97 -20.90 -6.38
C THR C 158 43.96 -20.51 -7.46
N GLN C 159 43.90 -19.25 -7.93
CA GLN C 159 44.86 -18.77 -8.90
C GLN C 159 46.28 -18.80 -8.33
N PHE C 160 46.42 -18.48 -7.04
CA PHE C 160 47.72 -18.54 -6.39
C PHE C 160 48.24 -19.99 -6.35
N ALA C 161 47.39 -20.90 -5.89
CA ALA C 161 47.81 -22.30 -5.76
C ALA C 161 48.08 -22.93 -7.13
N SER C 162 47.28 -22.56 -8.14
CA SER C 162 47.53 -23.07 -9.49
C SER C 162 48.88 -22.58 -10.01
N GLY C 163 49.27 -21.36 -9.65
CA GLY C 163 50.58 -20.88 -10.03
C GLY C 163 51.70 -21.61 -9.31
N VAL C 164 51.48 -21.98 -8.05
CA VAL C 164 52.48 -22.73 -7.29
C VAL C 164 52.66 -24.12 -7.91
N MET C 165 51.58 -24.73 -8.39
CA MET C 165 51.70 -26.01 -9.08
C MET C 165 52.55 -25.86 -10.34
N ALA C 166 52.45 -24.72 -11.01
CA ALA C 166 53.30 -24.46 -12.18
C ALA C 166 54.76 -24.29 -11.77
N LEU C 167 55.01 -23.68 -10.61
CA LEU C 167 56.38 -23.57 -10.10
C LEU C 167 56.97 -24.93 -9.76
N GLN C 168 56.12 -25.93 -9.51
CA GLN C 168 56.59 -27.27 -9.16
C GLN C 168 57.35 -27.94 -10.29
N VAL C 169 57.12 -27.53 -11.54
CA VAL C 169 57.78 -28.18 -12.68
C VAL C 169 59.29 -28.05 -12.58
N GLN C 170 59.79 -26.97 -11.99
CA GLN C 170 61.22 -26.75 -11.81
C GLN C 170 61.73 -27.24 -10.45
N SER C 171 61.02 -28.18 -9.83
CA SER C 171 61.44 -28.68 -8.52
C SER C 171 62.76 -29.43 -8.64
N GLU C 172 63.71 -29.07 -7.79
CA GLU C 172 65.01 -29.71 -7.79
C GLU C 172 65.08 -30.93 -6.88
N PHE C 173 64.20 -31.01 -5.87
CA PHE C 173 64.15 -32.20 -5.04
C PHE C 173 63.47 -33.37 -5.73
N GLN C 174 62.50 -33.09 -6.60
CA GLN C 174 61.83 -34.17 -7.33
C GLN C 174 62.82 -34.89 -8.25
N LYS C 175 63.60 -34.13 -9.01
CA LYS C 175 64.55 -34.73 -9.94
C LYS C 175 65.73 -35.34 -9.20
N ALA C 176 66.19 -34.69 -8.14
CA ALA C 176 67.30 -35.24 -7.36
C ALA C 176 66.92 -36.56 -6.72
N TYR C 177 65.69 -36.67 -6.23
CA TYR C 177 65.23 -37.95 -5.69
C TYR C 177 65.13 -39.00 -6.79
N GLU C 178 64.69 -38.58 -7.98
CA GLU C 178 64.65 -39.48 -9.12
C GLU C 178 66.05 -39.91 -9.55
N ASN C 179 67.05 -39.04 -9.34
CA ASN C 179 68.43 -39.36 -9.65
C ASN C 179 69.16 -40.05 -8.51
N GLY C 180 68.45 -40.38 -7.43
CA GLY C 180 69.03 -41.19 -6.37
C GLY C 180 70.04 -40.53 -5.46
N ILE C 181 69.79 -39.29 -5.02
CA ILE C 181 70.66 -38.68 -4.02
C ILE C 181 70.52 -39.43 -2.70
N HIS C 182 71.56 -39.33 -1.88
CA HIS C 182 71.57 -40.06 -0.61
C HIS C 182 70.51 -39.51 0.33
N LYS C 183 70.04 -40.37 1.23
CA LYS C 183 68.95 -39.98 2.14
C LYS C 183 69.38 -38.85 3.05
N SER C 184 70.63 -38.86 3.51
CA SER C 184 71.16 -37.81 4.38
C SER C 184 71.35 -36.50 3.64
N LYS C 185 71.13 -36.48 2.33
CA LYS C 185 71.28 -35.29 1.51
C LYS C 185 69.95 -34.73 1.03
N PHE C 186 68.84 -35.20 1.60
CA PHE C 186 67.52 -34.76 1.16
C PHE C 186 67.33 -33.26 1.35
N TRP C 187 67.90 -32.70 2.42
CA TRP C 187 67.65 -31.30 2.74
C TRP C 187 68.30 -30.35 1.74
N GLU C 188 69.36 -30.79 1.06
CA GLU C 188 70.07 -29.87 0.16
C GLU C 188 69.20 -29.43 -1.01
N PRO C 189 68.59 -30.32 -1.81
CA PRO C 189 67.66 -29.83 -2.84
C PRO C 189 66.37 -29.30 -2.24
N THR C 190 65.98 -29.78 -1.06
CA THR C 190 64.85 -29.18 -0.35
C THR C 190 65.12 -27.71 -0.02
N TYR C 191 66.35 -27.41 0.41
CA TYR C 191 66.72 -26.01 0.65
C TYR C 191 66.60 -25.19 -0.62
N GLU C 192 67.07 -25.72 -1.75
CA GLU C 192 67.00 -24.98 -3.01
C GLU C 192 65.57 -24.73 -3.43
N ASP C 193 64.69 -25.73 -3.29
CA ASP C 193 63.30 -25.54 -3.67
C ASP C 193 62.60 -24.53 -2.77
N CYS C 194 62.87 -24.59 -1.46
CA CYS C 194 62.25 -23.65 -0.53
C CYS C 194 62.68 -22.22 -0.81
N LEU C 195 63.99 -22.00 -0.97
CA LEU C 195 64.48 -20.66 -1.25
C LEU C 195 63.97 -20.15 -2.59
N ASN C 196 63.86 -21.04 -3.58
CA ASN C 196 63.25 -20.67 -4.85
C ASN C 196 61.76 -20.40 -4.67
N LEU C 197 61.08 -21.22 -3.86
CA LEU C 197 59.66 -21.03 -3.62
C LEU C 197 59.41 -19.70 -2.92
N ILE C 198 60.18 -19.41 -1.87
CA ILE C 198 60.02 -18.16 -1.14
C ILE C 198 60.27 -16.97 -2.05
N ALA C 199 61.24 -17.09 -2.96
CA ALA C 199 61.57 -16.00 -3.85
C ALA C 199 60.49 -15.78 -4.92
N ARG C 200 59.89 -16.87 -5.41
CA ARG C 200 58.97 -16.80 -6.54
C ARG C 200 57.52 -16.62 -6.12
N VAL C 201 57.15 -17.01 -4.90
CA VAL C 201 55.76 -16.88 -4.47
C VAL C 201 55.27 -15.44 -4.50
N PRO C 202 56.07 -14.42 -4.16
CA PRO C 202 55.58 -13.04 -4.33
C PRO C 202 55.36 -12.66 -5.77
N VAL C 203 56.18 -13.14 -6.69
CA VAL C 203 55.98 -12.85 -8.12
C VAL C 203 54.64 -13.40 -8.57
N VAL C 204 54.34 -14.65 -8.20
CA VAL C 204 53.07 -15.26 -8.58
C VAL C 204 51.91 -14.57 -7.86
N ALA C 205 52.05 -14.32 -6.56
CA ALA C 205 50.97 -13.69 -5.81
C ALA C 205 50.66 -12.29 -6.32
N ALA C 206 51.71 -11.52 -6.62
CA ALA C 206 51.50 -10.18 -7.16
C ALA C 206 50.90 -10.24 -8.56
N TYR C 207 51.26 -11.26 -9.34
CA TYR C 207 50.67 -11.41 -10.66
C TYR C 207 49.17 -11.66 -10.56
N VAL C 208 48.75 -12.45 -9.58
CA VAL C 208 47.32 -12.67 -9.34
C VAL C 208 46.66 -11.36 -8.94
N TYR C 209 47.35 -10.54 -8.14
CA TYR C 209 46.79 -9.28 -7.69
C TYR C 209 46.60 -8.30 -8.83
N ARG C 210 47.63 -8.11 -9.66
CA ARG C 210 47.50 -7.16 -10.76
C ARG C 210 46.49 -7.65 -11.80
N ARG C 211 46.37 -8.96 -11.97
CA ARG C 211 45.43 -9.51 -12.94
C ARG C 211 43.99 -9.33 -12.48
N MET C 212 43.73 -9.55 -11.19
CA MET C 212 42.36 -9.49 -10.68
C MET C 212 41.88 -8.06 -10.45
N TYR C 213 42.78 -7.12 -10.18
CA TYR C 213 42.34 -5.80 -9.77
C TYR C 213 42.95 -4.64 -10.57
N LYS C 214 43.99 -4.88 -11.36
CA LYS C 214 44.64 -3.80 -12.11
C LYS C 214 44.70 -4.11 -13.60
N ASN C 215 43.77 -4.91 -14.10
CA ASN C 215 43.63 -5.18 -15.54
C ASN C 215 44.92 -5.74 -16.14
N GLY C 216 45.52 -6.71 -15.43
CA GLY C 216 46.69 -7.38 -15.94
C GLY C 216 47.92 -6.51 -16.11
N ASP C 217 47.97 -5.36 -15.44
CA ASP C 217 49.11 -4.45 -15.51
C ASP C 217 50.21 -4.98 -14.59
N SER C 218 50.90 -6.02 -15.05
CA SER C 218 51.93 -6.67 -14.26
C SER C 218 53.16 -5.78 -14.13
N ILE C 219 53.81 -5.87 -12.98
CA ILE C 219 54.99 -5.08 -12.65
C ILE C 219 56.16 -6.02 -12.39
N PRO C 220 57.28 -5.88 -13.10
CA PRO C 220 58.39 -6.82 -12.92
C PRO C 220 59.12 -6.61 -11.60
N SER C 221 59.88 -7.65 -11.23
CA SER C 221 60.66 -7.63 -10.00
C SER C 221 61.89 -6.73 -10.14
N ASP C 222 62.28 -6.10 -9.03
CA ASP C 222 63.47 -5.28 -8.94
C ASP C 222 64.48 -6.00 -8.05
N LYS C 223 65.62 -6.37 -8.62
CA LYS C 223 66.63 -7.13 -7.89
C LYS C 223 67.37 -6.30 -6.84
N SER C 224 67.19 -4.97 -6.84
CA SER C 224 67.84 -4.14 -5.84
C SER C 224 67.09 -4.11 -4.51
N LEU C 225 65.79 -4.38 -4.52
CA LEU C 225 64.97 -4.25 -3.33
C LEU C 225 65.08 -5.50 -2.45
N ASP C 226 64.67 -5.35 -1.19
CA ASP C 226 64.58 -6.47 -0.27
C ASP C 226 63.28 -7.22 -0.49
N TYR C 227 63.07 -8.28 0.29
CA TYR C 227 61.95 -9.20 0.06
C TYR C 227 60.61 -8.49 0.20
N GLY C 228 60.36 -7.91 1.38
CA GLY C 228 59.07 -7.25 1.61
C GLY C 228 58.84 -6.06 0.72
N ALA C 229 59.91 -5.30 0.43
CA ALA C 229 59.76 -4.13 -0.43
C ALA C 229 59.51 -4.52 -1.88
N ASN C 230 60.16 -5.60 -2.34
CA ASN C 230 59.94 -6.06 -3.72
C ASN C 230 58.54 -6.57 -3.91
N PHE C 231 57.96 -7.21 -2.89
CA PHE C 231 56.58 -7.66 -2.96
C PHE C 231 55.64 -6.47 -3.08
N SER C 232 55.85 -5.45 -2.24
CA SER C 232 55.04 -4.24 -2.33
C SER C 232 55.21 -3.57 -3.70
N HIS C 233 56.41 -3.61 -4.26
CA HIS C 233 56.64 -3.00 -5.56
C HIS C 233 55.84 -3.71 -6.65
N MET C 234 55.86 -5.06 -6.64
CA MET C 234 55.12 -5.82 -7.63
C MET C 234 53.61 -5.73 -7.42
N LEU C 235 53.17 -5.45 -6.19
CA LEU C 235 51.75 -5.22 -5.94
C LEU C 235 51.29 -3.87 -6.46
N GLY C 236 52.21 -2.95 -6.72
CA GLY C 236 51.90 -1.62 -7.19
C GLY C 236 52.03 -0.51 -6.17
N PHE C 237 52.73 -0.73 -5.06
CA PHE C 237 52.89 0.26 -3.99
C PHE C 237 54.39 0.47 -3.78
N ASP C 238 54.91 1.59 -4.27
CA ASP C 238 56.33 1.91 -4.15
C ASP C 238 56.64 2.84 -2.98
N ASP C 239 55.62 3.30 -2.25
CA ASP C 239 55.87 4.18 -1.11
C ASP C 239 56.72 3.47 -0.06
N GLU C 240 57.62 4.24 0.57
CA GLU C 240 58.52 3.66 1.57
C GLU C 240 57.78 3.20 2.81
N LYS C 241 56.67 3.86 3.16
CA LYS C 241 55.91 3.47 4.33
C LYS C 241 55.09 2.21 4.08
N VAL C 242 54.71 1.96 2.83
CA VAL C 242 54.03 0.71 2.50
C VAL C 242 55.02 -0.44 2.55
N LYS C 243 56.24 -0.20 2.06
CA LYS C 243 57.30 -1.21 2.16
C LYS C 243 57.56 -1.59 3.61
N GLU C 244 57.60 -0.60 4.51
CA GLU C 244 57.75 -0.90 5.93
C GLU C 244 56.58 -1.73 6.44
N LEU C 245 55.37 -1.44 5.96
CA LEU C 245 54.21 -2.25 6.36
C LEU C 245 54.35 -3.68 5.87
N MET C 246 54.77 -3.88 4.62
CA MET C 246 54.90 -5.22 4.08
C MET C 246 56.03 -5.99 4.76
N ARG C 247 57.11 -5.29 5.13
CA ARG C 247 58.19 -5.94 5.89
C ARG C 247 57.67 -6.47 7.22
N LEU C 248 56.86 -5.67 7.93
CA LEU C 248 56.34 -6.11 9.22
C LEU C 248 55.28 -7.19 9.07
N TYR C 249 54.44 -7.09 8.05
CA TYR C 249 53.37 -8.07 7.86
C TYR C 249 53.95 -9.45 7.59
N ILE C 250 54.90 -9.54 6.66
CA ILE C 250 55.49 -10.84 6.31
C ILE C 250 56.20 -11.46 7.50
N THR C 251 56.85 -10.62 8.33
CA THR C 251 57.65 -11.16 9.43
C THR C 251 56.78 -11.77 10.52
N ILE C 252 55.70 -11.09 10.90
CA ILE C 252 54.91 -11.55 12.05
C ILE C 252 53.93 -12.66 11.68
N HIS C 253 53.54 -12.78 10.41
CA HIS C 253 52.67 -13.85 9.95
C HIS C 253 53.44 -15.04 9.43
N SER C 254 54.76 -15.05 9.59
CA SER C 254 55.60 -16.02 8.88
C SER C 254 55.39 -17.44 9.39
N ASP C 255 55.15 -17.61 10.70
CA ASP C 255 55.05 -18.94 11.26
C ASP C 255 54.29 -18.86 12.58
N HIS C 256 53.63 -19.97 12.92
CA HIS C 256 52.86 -20.06 14.17
C HIS C 256 52.54 -21.52 14.50
N GLU C 257 53.55 -22.26 14.97
CA GLU C 257 53.40 -23.67 15.33
C GLU C 257 53.07 -24.52 14.11
N GLY C 258 52.82 -25.81 14.33
CA GLY C 258 52.52 -26.73 13.25
C GLY C 258 51.18 -27.39 13.36
N GLY C 259 50.40 -27.03 14.39
CA GLY C 259 49.10 -27.63 14.56
C GLY C 259 48.02 -27.08 13.66
N ASN C 260 48.21 -25.87 13.14
CA ASN C 260 47.24 -25.28 12.23
C ASN C 260 47.20 -26.08 10.93
N VAL C 261 46.08 -25.93 10.21
CA VAL C 261 45.79 -26.79 9.08
C VAL C 261 46.84 -26.63 7.97
N SER C 262 47.21 -25.38 7.69
CA SER C 262 48.14 -25.13 6.57
C SER C 262 49.53 -25.68 6.88
N ALA C 263 50.05 -25.40 8.07
CA ALA C 263 51.37 -25.91 8.44
C ALA C 263 51.36 -27.44 8.53
N HIS C 264 50.32 -28.00 9.13
CA HIS C 264 50.20 -29.45 9.22
C HIS C 264 50.13 -30.09 7.83
N THR C 265 49.36 -29.49 6.92
CA THR C 265 49.20 -30.04 5.58
C THR C 265 50.54 -30.15 4.85
N GLY C 266 51.29 -29.05 4.81
CA GLY C 266 52.58 -29.08 4.14
C GLY C 266 53.53 -30.09 4.75
N HIS C 267 53.53 -30.20 6.08
CA HIS C 267 54.33 -31.23 6.74
C HIS C 267 53.80 -32.61 6.40
N LEU C 268 52.49 -32.76 6.27
CA LEU C 268 51.90 -34.07 5.98
C LEU C 268 52.21 -34.52 4.56
N VAL C 269 51.99 -33.63 3.59
CA VAL C 269 52.30 -33.95 2.20
C VAL C 269 53.81 -34.09 2.01
N GLY C 270 54.59 -33.28 2.74
CA GLY C 270 56.04 -33.35 2.61
C GLY C 270 56.64 -34.62 3.18
N SER C 271 55.98 -35.23 4.15
CA SER C 271 56.50 -36.46 4.74
C SER C 271 56.50 -37.61 3.75
N ALA C 272 55.64 -37.57 2.73
CA ALA C 272 55.67 -38.54 1.66
C ALA C 272 56.75 -38.25 0.63
N LEU C 273 57.65 -37.31 0.94
CA LEU C 273 58.75 -36.90 0.08
C LEU C 273 58.26 -36.20 -1.19
N SER C 274 57.13 -35.51 -1.09
CA SER C 274 56.76 -34.55 -2.12
C SER C 274 57.56 -33.28 -1.96
N ASP C 275 57.89 -32.65 -3.08
CA ASP C 275 58.76 -31.49 -3.07
C ASP C 275 58.06 -30.30 -2.39
N PRO C 276 58.82 -29.31 -1.94
CA PRO C 276 58.20 -28.18 -1.22
C PRO C 276 57.12 -27.45 -2.01
N TYR C 277 57.20 -27.42 -3.34
CA TYR C 277 56.15 -26.78 -4.11
C TYR C 277 54.82 -27.51 -3.95
N LEU C 278 54.84 -28.84 -3.99
CA LEU C 278 53.62 -29.61 -3.80
C LEU C 278 53.11 -29.49 -2.37
N SER C 279 54.03 -29.46 -1.39
CA SER C 279 53.62 -29.34 0.00
C SER C 279 52.99 -27.98 0.25
N PHE C 280 53.55 -26.92 -0.32
CA PHE C 280 53.02 -25.58 -0.09
C PHE C 280 51.73 -25.36 -0.88
N ALA C 281 51.64 -25.92 -2.08
CA ALA C 281 50.39 -25.83 -2.84
C ALA C 281 49.25 -26.51 -2.11
N ALA C 282 49.51 -27.66 -1.49
CA ALA C 282 48.50 -28.30 -0.66
C ALA C 282 48.21 -27.48 0.59
N ALA C 283 49.23 -26.85 1.16
CA ALA C 283 49.05 -26.02 2.35
C ALA C 283 48.13 -24.83 2.07
N LEU C 284 48.27 -24.22 0.88
CA LEU C 284 47.41 -23.10 0.53
C LEU C 284 45.94 -23.50 0.50
N ASN C 285 45.65 -24.69 -0.04
CA ASN C 285 44.28 -25.17 -0.07
C ASN C 285 43.71 -25.31 1.34
N GLY C 286 44.54 -25.68 2.31
CA GLY C 286 44.09 -25.68 3.69
C GLY C 286 43.96 -24.27 4.25
N LEU C 287 44.90 -23.39 3.91
CA LEU C 287 44.80 -21.99 4.35
C LEU C 287 43.61 -21.29 3.73
N ALA C 288 43.17 -21.74 2.55
CA ALA C 288 42.01 -21.15 1.89
C ALA C 288 40.70 -21.49 2.60
N GLY C 289 40.73 -22.39 3.57
CA GLY C 289 39.54 -22.76 4.30
C GLY C 289 39.01 -21.63 5.15
N PRO C 290 37.69 -21.43 5.11
CA PRO C 290 37.08 -20.35 5.90
C PRO C 290 37.41 -20.40 7.39
N LEU C 291 37.66 -21.58 7.94
CA LEU C 291 38.04 -21.72 9.34
C LEU C 291 39.53 -21.51 9.59
N HIS C 292 40.27 -21.04 8.59
CA HIS C 292 41.72 -20.94 8.75
C HIS C 292 42.30 -19.60 8.32
N GLY C 293 41.86 -19.05 7.19
CA GLY C 293 42.50 -17.88 6.66
C GLY C 293 41.60 -16.72 6.29
N LEU C 294 40.50 -16.52 7.04
CA LEU C 294 39.58 -15.44 6.74
C LEU C 294 39.34 -14.48 7.90
N ALA C 295 40.00 -14.69 9.05
CA ALA C 295 39.78 -13.79 10.19
C ALA C 295 40.19 -12.36 9.85
N ASN C 296 41.27 -12.20 9.10
CA ASN C 296 41.68 -10.88 8.64
C ASN C 296 40.56 -10.18 7.87
N GLN C 297 39.86 -10.93 7.01
CA GLN C 297 38.81 -10.34 6.19
C GLN C 297 37.54 -10.07 6.99
N GLU C 298 37.24 -10.91 7.98
CA GLU C 298 36.03 -10.73 8.77
C GLU C 298 36.06 -9.44 9.57
N VAL C 299 37.23 -9.10 10.13
CA VAL C 299 37.35 -7.90 10.96
C VAL C 299 37.21 -6.64 10.11
N LEU C 300 37.89 -6.60 8.96
CA LEU C 300 37.90 -5.38 8.15
C LEU C 300 36.50 -5.06 7.63
N LEU C 301 35.78 -6.05 7.13
CA LEU C 301 34.42 -5.80 6.63
C LEU C 301 33.49 -5.38 7.76
N TRP C 302 33.68 -5.95 8.95
CA TRP C 302 32.83 -5.56 10.08
C TRP C 302 33.12 -4.14 10.53
N ILE C 303 34.41 -3.77 10.61
CA ILE C 303 34.77 -2.42 11.03
C ILE C 303 34.23 -1.39 10.05
N LYS C 304 34.27 -1.71 8.75
CA LYS C 304 33.75 -0.79 7.75
C LYS C 304 32.23 -0.62 7.87
N SER C 305 31.53 -1.68 8.26
CA SER C 305 30.09 -1.55 8.45
C SER C 305 29.77 -0.76 9.71
N VAL C 306 30.63 -0.84 10.72
CA VAL C 306 30.43 -0.05 11.94
C VAL C 306 30.70 1.42 11.68
N VAL C 307 31.77 1.73 10.95
CA VAL C 307 32.10 3.13 10.65
C VAL C 307 31.08 3.73 9.69
N GLU C 308 30.44 2.89 8.87
CA GLU C 308 29.42 3.39 7.94
C GLU C 308 28.08 3.58 8.63
N GLU C 309 27.78 2.75 9.64
CA GLU C 309 26.53 2.84 10.37
C GLU C 309 26.52 3.99 11.36
N CYS C 310 27.69 4.35 11.90
CA CYS C 310 27.76 5.33 12.97
C CYS C 310 28.58 6.57 12.61
N GLY C 311 29.14 6.65 11.41
CA GLY C 311 29.95 7.77 11.02
C GLY C 311 31.41 7.63 11.43
N GLU C 312 32.23 8.56 10.92
CA GLU C 312 33.66 8.50 11.17
C GLU C 312 34.01 8.99 12.56
N ASP C 313 33.33 10.03 13.05
CA ASP C 313 33.64 10.64 14.34
C ASP C 313 32.74 10.03 15.40
N ILE C 314 33.10 8.81 15.80
CA ILE C 314 32.39 8.11 16.87
C ILE C 314 33.07 8.43 18.18
N SER C 315 32.28 8.83 19.17
CA SER C 315 32.85 9.10 20.49
C SER C 315 33.27 7.79 21.16
N LYS C 316 34.21 7.91 22.10
CA LYS C 316 34.60 6.74 22.87
C LYS C 316 33.44 6.25 23.73
N GLU C 317 32.60 7.18 24.19
CA GLU C 317 31.43 6.84 25.00
C GLU C 317 30.32 6.27 24.14
N GLN C 318 30.18 6.77 22.91
CA GLN C 318 29.20 6.23 21.97
C GLN C 318 29.56 4.83 21.52
N LEU C 319 30.86 4.53 21.38
CA LEU C 319 31.29 3.19 21.00
C LEU C 319 31.05 2.21 22.14
N LYS C 320 31.23 2.65 23.38
CA LYS C 320 30.97 1.79 24.53
C LYS C 320 29.52 1.33 24.55
N GLU C 321 28.59 2.24 24.26
CA GLU C 321 27.18 1.85 24.15
C GLU C 321 26.95 0.90 22.98
N TYR C 322 27.63 1.13 21.85
CA TYR C 322 27.45 0.29 20.68
C TYR C 322 27.93 -1.12 20.95
N VAL C 323 29.15 -1.25 21.51
CA VAL C 323 29.70 -2.57 21.80
C VAL C 323 28.84 -3.31 22.82
N TRP C 324 28.32 -2.59 23.82
CA TRP C 324 27.50 -3.23 24.84
C TRP C 324 26.20 -3.74 24.27
N LYS C 325 25.50 -2.92 23.48
CA LYS C 325 24.24 -3.34 22.88
C LYS C 325 24.45 -4.50 21.91
N THR C 326 25.53 -4.45 21.12
CA THR C 326 25.79 -5.52 20.16
C THR C 326 26.00 -6.85 20.87
N LEU C 327 26.77 -6.84 21.96
CA LEU C 327 27.01 -8.08 22.70
C LEU C 327 25.73 -8.54 23.39
N ASN C 328 24.93 -7.59 23.89
CA ASN C 328 23.66 -7.92 24.51
C ASN C 328 22.63 -8.37 23.47
N SER C 329 22.85 -8.03 22.20
CA SER C 329 21.98 -8.48 21.10
C SER C 329 22.28 -9.89 20.65
N GLY C 330 23.19 -10.59 21.31
CA GLY C 330 23.56 -11.93 20.91
C GLY C 330 24.66 -12.04 19.88
N LYS C 331 25.26 -10.92 19.47
CA LYS C 331 26.32 -10.95 18.48
C LYS C 331 27.68 -10.84 19.16
N VAL C 332 28.72 -11.16 18.38
CA VAL C 332 30.08 -11.15 18.86
C VAL C 332 30.82 -10.00 18.19
N ILE C 333 31.96 -9.64 18.78
CA ILE C 333 32.87 -8.64 18.21
C ILE C 333 33.97 -9.40 17.49
N PRO C 334 34.09 -9.29 16.17
CA PRO C 334 35.09 -10.09 15.45
C PRO C 334 36.51 -9.76 15.90
N GLY C 335 37.34 -10.79 15.98
CA GLY C 335 38.71 -10.65 16.43
C GLY C 335 38.91 -10.64 17.93
N TYR C 336 37.83 -10.61 18.72
CA TYR C 336 37.93 -10.56 20.17
C TYR C 336 37.28 -11.78 20.82
N GLY C 337 37.90 -12.22 21.93
CA GLY C 337 37.37 -13.24 22.81
C GLY C 337 37.82 -14.68 22.58
N HIS C 338 38.18 -15.04 21.35
CA HIS C 338 38.63 -16.41 21.07
C HIS C 338 40.13 -16.59 21.27
N GLY C 339 40.79 -15.65 21.96
CA GLY C 339 42.22 -15.73 22.12
C GLY C 339 42.60 -16.66 23.26
N VAL C 340 43.74 -17.32 23.11
CA VAL C 340 44.25 -18.24 24.12
C VAL C 340 45.48 -17.69 24.83
N LEU C 341 45.72 -16.38 24.74
CA LEU C 341 46.83 -15.74 25.43
C LEU C 341 46.27 -14.91 26.57
N ARG C 342 46.88 -15.03 27.75
CA ARG C 342 46.42 -14.28 28.91
C ARG C 342 46.55 -12.79 28.69
N ASN C 343 47.54 -12.36 27.92
CA ASN C 343 47.70 -10.97 27.54
C ASN C 343 47.43 -10.81 26.04
N THR C 344 47.42 -9.56 25.58
CA THR C 344 47.13 -9.29 24.18
C THR C 344 48.23 -9.89 23.30
N ASP C 345 47.81 -10.43 22.15
CA ASP C 345 48.73 -10.98 21.16
C ASP C 345 49.80 -9.95 20.81
N PRO C 346 51.08 -10.24 21.04
CA PRO C 346 52.13 -9.27 20.67
C PRO C 346 52.15 -8.89 19.21
N ARG C 347 51.62 -9.75 18.32
CA ARG C 347 51.54 -9.37 16.91
C ARG C 347 50.47 -8.31 16.69
N TYR C 348 49.42 -8.30 17.51
CA TYR C 348 48.46 -7.20 17.45
C TYR C 348 49.09 -5.90 17.94
N VAL C 349 49.89 -5.99 19.01
CA VAL C 349 50.48 -4.78 19.61
C VAL C 349 51.44 -4.11 18.63
N CYS C 350 52.29 -4.89 17.96
CA CYS C 350 53.28 -4.30 17.07
C CYS C 350 52.63 -3.61 15.88
N GLN C 351 51.48 -4.12 15.41
CA GLN C 351 50.76 -3.43 14.35
C GLN C 351 50.03 -2.21 14.88
N ARG C 352 49.67 -2.20 16.16
CA ARG C 352 49.14 -0.98 16.77
C ARG C 352 50.22 0.08 16.89
N GLU C 353 51.44 -0.33 17.23
CA GLU C 353 52.57 0.60 17.24
C GLU C 353 52.78 1.24 15.88
N PHE C 354 52.66 0.44 14.81
CA PHE C 354 52.81 0.97 13.46
C PHE C 354 51.71 1.99 13.15
N ALA C 355 50.47 1.65 13.46
CA ALA C 355 49.35 2.52 13.11
C ALA C 355 49.37 3.81 13.92
N LEU C 356 49.71 3.72 15.21
CA LEU C 356 49.84 4.94 16.01
C LEU C 356 50.93 5.87 15.49
N LYS C 357 51.90 5.34 14.75
CA LYS C 357 53.02 6.12 14.26
C LYS C 357 52.81 6.65 12.84
N HIS C 358 52.10 5.89 11.98
CA HIS C 358 52.02 6.22 10.57
C HIS C 358 50.63 6.57 10.07
N LEU C 359 49.58 6.33 10.86
CA LEU C 359 48.24 6.67 10.40
C LEU C 359 47.26 6.84 11.56
N PRO C 360 47.52 7.76 12.50
CA PRO C 360 46.57 7.93 13.61
C PRO C 360 45.28 8.62 13.20
N ASP C 361 45.27 9.32 12.07
CA ASP C 361 44.09 10.05 11.61
C ASP C 361 43.19 9.22 10.71
N ASP C 362 43.55 7.97 10.43
CA ASP C 362 42.70 7.10 9.62
C ASP C 362 41.45 6.74 10.41
N PRO C 363 40.24 6.98 9.87
CA PRO C 363 39.03 6.70 10.66
C PRO C 363 38.86 5.23 11.00
N LEU C 364 39.27 4.32 10.11
CA LEU C 364 39.15 2.90 10.39
C LEU C 364 40.04 2.47 11.55
N PHE C 365 41.26 3.02 11.62
CA PHE C 365 42.14 2.68 12.74
C PHE C 365 41.65 3.28 14.03
N GLN C 366 41.09 4.50 13.99
CA GLN C 366 40.57 5.10 15.21
C GLN C 366 39.46 4.25 15.82
N LEU C 367 38.66 3.59 14.99
CA LEU C 367 37.68 2.64 15.50
C LEU C 367 38.36 1.40 16.05
N VAL C 368 39.41 0.93 15.36
CA VAL C 368 40.17 -0.22 15.86
C VAL C 368 40.81 0.12 17.21
N SER C 369 41.42 1.31 17.30
CA SER C 369 42.08 1.71 18.54
C SER C 369 41.07 1.90 19.68
N LYS C 370 39.93 2.54 19.38
CA LYS C 370 38.92 2.73 20.42
C LYS C 370 38.29 1.41 20.85
N LEU C 371 38.05 0.49 19.90
CA LEU C 371 37.60 -0.85 20.28
C LEU C 371 38.60 -1.54 21.20
N TYR C 372 39.90 -1.27 21.01
CA TYR C 372 40.92 -1.85 21.89
C TYR C 372 40.71 -1.42 23.33
N GLU C 373 40.12 -0.24 23.54
CA GLU C 373 39.87 0.28 24.88
C GLU C 373 38.54 -0.23 25.44
N VAL C 374 37.53 -0.37 24.58
CA VAL C 374 36.16 -0.58 25.06
C VAL C 374 35.81 -2.06 25.17
N VAL C 375 36.26 -2.90 24.24
CA VAL C 375 35.74 -4.27 24.15
C VAL C 375 36.25 -5.18 25.26
N PRO C 376 37.55 -5.21 25.58
CA PRO C 376 38.03 -6.13 26.64
C PRO C 376 37.33 -5.90 27.98
N PRO C 377 37.13 -4.65 28.43
CA PRO C 377 36.39 -4.47 29.69
C PRO C 377 34.95 -4.97 29.61
N VAL C 378 34.28 -4.73 28.48
CA VAL C 378 32.89 -5.18 28.36
C VAL C 378 32.82 -6.70 28.40
N LEU C 379 33.70 -7.38 27.66
CA LEU C 379 33.66 -8.84 27.63
C LEU C 379 33.89 -9.44 29.00
N THR C 380 34.75 -8.80 29.82
CA THR C 380 35.00 -9.29 31.16
C THR C 380 33.79 -9.08 32.06
N GLU C 381 33.08 -7.96 31.89
CA GLU C 381 31.89 -7.72 32.73
C GLU C 381 30.81 -8.76 32.45
N LEU C 382 30.68 -9.18 31.19
CA LEU C 382 29.74 -10.24 30.85
C LEU C 382 30.22 -11.60 31.33
N GLY C 383 31.53 -11.78 31.49
CA GLY C 383 32.07 -13.01 32.05
C GLY C 383 31.88 -14.25 31.22
N LYS C 384 31.44 -14.11 29.98
CA LYS C 384 31.19 -15.25 29.10
C LYS C 384 32.42 -15.69 28.34
N VAL C 385 33.51 -14.92 28.38
CA VAL C 385 34.69 -15.17 27.58
C VAL C 385 35.90 -15.33 28.49
N LYS C 386 36.78 -16.28 28.15
CA LYS C 386 37.93 -16.58 28.99
C LYS C 386 38.98 -15.48 28.87
N ASN C 387 39.46 -15.23 27.66
CA ASN C 387 40.46 -14.20 27.39
C ASN C 387 39.88 -13.12 26.48
N PRO C 388 39.74 -11.87 26.93
CA PRO C 388 39.07 -10.85 26.11
C PRO C 388 40.00 -10.09 25.17
N TRP C 389 41.18 -10.65 24.85
CA TRP C 389 42.07 -9.79 24.10
C TRP C 389 42.05 -10.13 22.61
N PRO C 390 42.29 -9.16 21.74
CA PRO C 390 42.30 -9.40 20.30
C PRO C 390 43.59 -10.07 19.85
N ASN C 391 43.57 -10.54 18.60
CA ASN C 391 44.74 -11.16 17.98
C ASN C 391 45.17 -10.34 16.76
N VAL C 392 46.16 -10.87 16.04
CA VAL C 392 46.77 -10.15 14.92
C VAL C 392 45.76 -9.85 13.83
N ASP C 393 44.75 -10.71 13.66
CA ASP C 393 43.77 -10.54 12.59
C ASP C 393 42.83 -9.37 12.82
N ALA C 394 42.77 -8.85 14.03
CA ALA C 394 41.93 -7.70 14.34
C ALA C 394 42.56 -6.38 13.90
N HIS C 395 43.82 -6.38 13.46
CA HIS C 395 44.54 -5.14 13.18
C HIS C 395 45.16 -5.07 11.79
N SER C 396 45.35 -6.18 11.09
CA SER C 396 46.04 -6.14 9.80
C SER C 396 45.17 -5.56 8.69
N GLY C 397 43.84 -5.64 8.83
CA GLY C 397 42.97 -5.20 7.74
C GLY C 397 43.04 -3.70 7.49
N VAL C 398 42.99 -2.90 8.56
CA VAL C 398 42.95 -1.46 8.40
C VAL C 398 44.28 -0.92 7.90
N LEU C 399 45.38 -1.60 8.20
CA LEU C 399 46.69 -1.14 7.72
C LEU C 399 46.82 -1.35 6.22
N LEU C 400 46.47 -2.55 5.74
CA LEU C 400 46.48 -2.81 4.31
C LEU C 400 45.49 -1.92 3.58
N ASN C 401 44.29 -1.76 4.15
CA ASN C 401 43.26 -0.96 3.50
C ASN C 401 43.65 0.51 3.40
N HIS C 402 44.37 1.02 4.40
CA HIS C 402 44.71 2.44 4.43
C HIS C 402 45.54 2.84 3.21
N TYR C 403 46.50 2.01 2.83
CA TYR C 403 47.46 2.35 1.79
C TYR C 403 46.99 1.99 0.38
N GLY C 404 45.81 1.41 0.23
CA GLY C 404 45.27 1.05 -1.07
C GLY C 404 44.98 -0.42 -1.25
N LEU C 405 45.45 -1.29 -0.35
CA LEU C 405 45.17 -2.72 -0.43
C LEU C 405 43.79 -2.96 0.21
N THR C 406 42.75 -2.66 -0.57
CA THR C 406 41.38 -2.69 -0.11
C THR C 406 40.68 -4.01 -0.43
N GLU C 407 41.21 -4.81 -1.34
CA GLU C 407 40.57 -6.04 -1.80
C GLU C 407 40.74 -7.12 -0.74
N ALA C 408 39.79 -7.16 0.21
CA ALA C 408 39.90 -8.07 1.34
C ALA C 408 39.94 -9.53 0.90
N ARG C 409 39.27 -9.86 -0.20
CA ARG C 409 39.28 -11.23 -0.71
C ARG C 409 40.69 -11.71 -1.04
N TYR C 410 41.61 -10.78 -1.31
CA TYR C 410 42.99 -11.12 -1.61
C TYR C 410 43.85 -11.30 -0.35
N TYR C 411 43.38 -10.83 0.81
CA TYR C 411 44.23 -10.79 2.00
C TYR C 411 44.78 -12.15 2.39
N THR C 412 44.04 -13.24 2.11
CA THR C 412 44.51 -14.55 2.48
C THR C 412 45.68 -14.99 1.62
N VAL C 413 45.83 -14.44 0.42
CA VAL C 413 47.01 -14.70 -0.40
C VAL C 413 48.25 -14.09 0.25
N LEU C 414 48.12 -12.87 0.79
CA LEU C 414 49.23 -12.26 1.52
C LEU C 414 49.64 -13.11 2.72
N PHE C 415 48.64 -13.70 3.41
CA PHE C 415 48.94 -14.64 4.48
C PHE C 415 49.80 -15.79 3.97
N GLY C 416 49.48 -16.31 2.79
CA GLY C 416 50.23 -17.43 2.25
C GLY C 416 51.67 -17.07 1.92
N VAL C 417 51.88 -15.88 1.33
CA VAL C 417 53.23 -15.44 1.02
C VAL C 417 54.07 -15.38 2.30
N SER C 418 53.50 -14.82 3.37
CA SER C 418 54.23 -14.74 4.63
C SER C 418 54.44 -16.12 5.25
N ARG C 419 53.39 -16.93 5.30
CA ARG C 419 53.46 -18.22 5.97
C ARG C 419 54.37 -19.21 5.25
N SER C 420 54.71 -18.93 3.99
CA SER C 420 55.65 -19.78 3.27
C SER C 420 57.01 -19.81 3.94
N LEU C 421 57.41 -18.72 4.60
CA LEU C 421 58.71 -18.65 5.24
C LEU C 421 58.81 -19.65 6.39
N GLY C 422 57.77 -19.70 7.23
CA GLY C 422 57.78 -20.65 8.33
C GLY C 422 57.58 -22.09 7.88
N ILE C 423 56.68 -22.30 6.92
CA ILE C 423 56.39 -23.64 6.44
C ILE C 423 57.61 -24.23 5.75
N CYS C 424 58.26 -23.46 4.88
CA CYS C 424 59.45 -23.94 4.20
C CYS C 424 60.62 -24.13 5.15
N SER C 425 60.72 -23.29 6.19
CA SER C 425 61.79 -23.47 7.17
C SER C 425 61.66 -24.80 7.89
N GLN C 426 60.44 -25.15 8.29
CA GLN C 426 60.23 -26.47 8.90
C GLN C 426 60.36 -27.59 7.88
N LEU C 427 59.95 -27.33 6.63
CA LEU C 427 60.07 -28.34 5.59
C LEU C 427 61.53 -28.71 5.32
N ILE C 428 62.45 -27.75 5.49
CA ILE C 428 63.87 -28.05 5.33
C ILE C 428 64.36 -28.92 6.48
N TRP C 429 63.96 -28.59 7.72
CA TRP C 429 64.40 -29.37 8.86
C TRP C 429 63.72 -30.73 8.92
N ASP C 430 62.53 -30.86 8.34
CA ASP C 430 61.89 -32.16 8.23
C ASP C 430 62.78 -33.15 7.48
N ARG C 431 63.42 -32.69 6.41
CA ARG C 431 64.34 -33.56 5.67
C ARG C 431 65.72 -33.63 6.31
N ALA C 432 66.16 -32.54 6.95
CA ALA C 432 67.44 -32.57 7.65
C ALA C 432 67.41 -33.54 8.83
N LEU C 433 66.31 -33.55 9.59
CA LEU C 433 66.15 -34.46 10.70
C LEU C 433 65.70 -35.85 10.28
N GLY C 434 65.44 -36.06 9.00
CA GLY C 434 65.01 -37.37 8.52
C GLY C 434 63.70 -37.84 9.11
N LEU C 435 62.75 -36.91 9.29
CA LEU C 435 61.47 -37.27 9.89
C LEU C 435 60.70 -38.22 8.98
N ALA C 436 60.00 -39.16 9.60
CA ALA C 436 59.38 -40.26 8.87
C ALA C 436 58.03 -39.85 8.29
N LEU C 437 57.44 -40.77 7.54
CA LEU C 437 56.11 -40.56 6.99
C LEU C 437 55.09 -40.45 8.11
N GLU C 438 54.16 -39.51 7.96
CA GLU C 438 53.11 -39.31 8.96
C GLU C 438 52.00 -40.33 8.74
N ARG C 439 51.82 -41.24 9.72
CA ARG C 439 50.87 -42.34 9.60
C ARG C 439 50.11 -42.54 10.90
N PRO C 440 49.18 -41.65 11.22
CA PRO C 440 48.26 -41.93 12.33
C PRO C 440 47.34 -43.07 11.97
N LYS C 441 46.88 -43.80 12.99
CA LYS C 441 45.99 -44.93 12.76
C LYS C 441 44.55 -44.45 12.66
N SER C 442 43.79 -45.08 11.77
CA SER C 442 42.39 -44.76 11.56
C SER C 442 41.50 -45.82 12.23
N VAL C 443 40.33 -45.39 12.69
CA VAL C 443 39.35 -46.27 13.31
C VAL C 443 37.96 -45.87 12.84
N THR C 444 37.01 -46.78 13.03
CA THR C 444 35.61 -46.58 12.70
C THR C 444 34.76 -46.54 13.97
N MET C 445 33.53 -46.06 13.82
CA MET C 445 32.61 -46.05 14.96
C MET C 445 32.28 -47.47 15.43
N ASP C 446 32.27 -48.43 14.51
CA ASP C 446 32.13 -49.83 14.89
C ASP C 446 33.27 -50.28 15.79
N TRP C 447 34.49 -49.85 15.48
CA TRP C 447 35.64 -50.23 16.28
C TRP C 447 35.61 -49.55 17.64
N LEU C 448 35.21 -48.27 17.68
CA LEU C 448 35.13 -47.54 18.95
C LEU C 448 34.06 -48.14 19.86
N GLU C 449 32.88 -48.42 19.30
CA GLU C 449 31.83 -49.01 20.11
C GLU C 449 32.21 -50.41 20.59
N ALA C 450 32.96 -51.17 19.78
CA ALA C 450 33.42 -52.48 20.22
C ALA C 450 34.53 -52.36 21.26
N HIS C 451 35.32 -51.27 21.21
CA HIS C 451 36.39 -51.07 22.17
C HIS C 451 35.88 -50.60 23.52
N CYS C 452 34.66 -50.08 23.59
CA CYS C 452 34.08 -49.60 24.84
C CYS C 452 33.22 -50.64 25.53
N LYS C 453 33.18 -51.87 25.00
CA LYS C 453 32.48 -52.98 25.63
C LYS C 453 33.45 -53.90 26.37
N LYS C 454 34.50 -53.35 26.96
CA LYS C 454 35.49 -54.13 27.68
C LYS C 454 35.23 -54.04 29.18
N LEU D 23 16.93 -45.56 -4.65
CA LEU D 23 16.70 -45.10 -6.01
C LEU D 23 17.54 -43.84 -6.28
N ASP D 24 17.53 -42.90 -5.35
CA ASP D 24 18.33 -41.69 -5.44
C ASP D 24 19.43 -41.78 -4.40
N LEU D 25 20.66 -41.44 -4.79
CA LEU D 25 21.78 -41.60 -3.87
C LEU D 25 21.74 -40.52 -2.79
N LYS D 26 21.39 -39.29 -3.18
CA LYS D 26 21.33 -38.19 -2.22
C LYS D 26 20.20 -38.42 -1.22
N SER D 27 19.09 -38.99 -1.67
CA SER D 27 17.98 -39.29 -0.78
C SER D 27 18.33 -40.41 0.18
N GLN D 28 19.10 -41.40 -0.29
CA GLN D 28 19.54 -42.45 0.61
C GLN D 28 20.49 -41.91 1.68
N LEU D 29 21.41 -41.02 1.29
CA LEU D 29 22.26 -40.39 2.29
C LEU D 29 21.43 -39.60 3.29
N GLN D 30 20.38 -38.94 2.82
CA GLN D 30 19.53 -38.15 3.70
C GLN D 30 18.86 -39.03 4.76
N GLU D 31 18.48 -40.26 4.39
CA GLU D 31 17.79 -41.12 5.35
C GLU D 31 18.73 -41.62 6.44
N LEU D 32 19.98 -41.94 6.09
CA LEU D 32 20.90 -42.55 7.04
C LEU D 32 21.68 -41.55 7.89
N ILE D 33 21.71 -40.28 7.51
CA ILE D 33 22.54 -39.29 8.22
C ILE D 33 22.07 -39.06 9.65
N PRO D 34 20.78 -38.77 9.92
CA PRO D 34 20.40 -38.44 11.30
C PRO D 34 20.73 -39.53 12.30
N GLU D 35 20.59 -40.80 11.92
CA GLU D 35 20.89 -41.89 12.83
C GLU D 35 22.39 -41.94 13.13
N GLN D 36 23.23 -41.76 12.11
CA GLN D 36 24.68 -41.75 12.31
C GLN D 36 25.13 -40.55 13.14
N GLN D 37 24.43 -39.42 13.02
CA GLN D 37 24.72 -38.28 13.89
C GLN D 37 24.47 -38.65 15.34
N ASP D 38 23.38 -39.39 15.60
CA ASP D 38 23.08 -39.83 16.95
C ASP D 38 24.13 -40.82 17.45
N ARG D 39 24.63 -41.68 16.56
CA ARG D 39 25.73 -42.57 16.93
C ARG D 39 26.93 -41.78 17.41
N LEU D 40 27.24 -40.68 16.72
CA LEU D 40 28.39 -39.86 17.12
C LEU D 40 28.13 -39.15 18.44
N LYS D 41 26.92 -38.59 18.61
CA LYS D 41 26.59 -37.94 19.87
C LYS D 41 26.61 -38.92 21.04
N LYS D 42 26.03 -40.10 20.83
CA LYS D 42 25.99 -41.10 21.89
C LYS D 42 27.38 -41.64 22.20
N LEU D 43 28.21 -41.82 21.17
CA LEU D 43 29.58 -42.29 21.38
C LEU D 43 30.37 -41.28 22.20
N LYS D 44 30.07 -39.98 22.02
CA LYS D 44 30.69 -38.94 22.83
C LYS D 44 30.14 -38.93 24.25
N SER D 45 28.82 -38.97 24.39
CA SER D 45 28.21 -38.84 25.70
C SER D 45 28.59 -40.00 26.61
N GLU D 46 28.57 -41.22 26.09
CA GLU D 46 28.79 -42.41 26.91
C GLU D 46 30.27 -42.76 27.05
N HIS D 47 31.04 -42.61 25.97
CA HIS D 47 32.43 -43.09 25.93
C HIS D 47 33.43 -42.00 25.54
N GLY D 48 33.06 -40.73 25.68
CA GLY D 48 33.94 -39.66 25.24
C GLY D 48 35.28 -39.64 25.95
N LYS D 49 35.34 -40.10 27.20
CA LYS D 49 36.54 -40.07 28.00
C LYS D 49 37.28 -41.40 28.01
N VAL D 50 36.83 -42.39 27.23
CA VAL D 50 37.49 -43.68 27.18
C VAL D 50 38.86 -43.53 26.52
N GLN D 51 39.87 -44.14 27.14
CA GLN D 51 41.23 -44.03 26.64
C GLN D 51 41.48 -45.07 25.56
N LEU D 52 42.11 -44.63 24.47
CA LEU D 52 42.45 -45.52 23.37
C LEU D 52 43.94 -45.81 23.30
N GLY D 53 44.75 -45.08 24.05
CA GLY D 53 46.19 -45.28 24.05
C GLY D 53 46.88 -44.12 24.74
N ASN D 54 48.20 -44.11 24.61
CA ASN D 54 49.03 -43.10 25.22
C ASN D 54 49.95 -42.49 24.17
N ILE D 55 50.21 -41.20 24.28
CA ILE D 55 51.11 -40.49 23.38
C ILE D 55 52.51 -40.52 23.98
N THR D 56 53.48 -40.96 23.18
CA THR D 56 54.87 -41.08 23.59
C THR D 56 55.75 -40.24 22.68
N VAL D 57 57.01 -40.07 23.10
CA VAL D 57 57.96 -39.28 22.33
C VAL D 57 58.19 -39.91 20.95
N ASP D 58 58.20 -41.24 20.89
CA ASP D 58 58.37 -41.92 19.61
C ASP D 58 57.28 -41.51 18.62
N MET D 59 56.07 -41.27 19.13
CA MET D 59 54.93 -40.99 18.25
C MET D 59 54.99 -39.57 17.68
N VAL D 60 55.38 -38.59 18.50
CA VAL D 60 55.42 -37.20 18.02
C VAL D 60 56.52 -37.01 16.99
N ILE D 61 57.66 -37.66 17.18
CA ILE D 61 58.78 -37.52 16.24
C ILE D 61 58.73 -38.51 15.08
N GLY D 62 57.94 -39.57 15.19
CA GLY D 62 57.90 -40.58 14.15
C GLY D 62 56.64 -40.57 13.32
N GLY D 63 56.12 -39.39 13.04
CA GLY D 63 54.94 -39.28 12.19
C GLY D 63 53.71 -39.95 12.74
N MET D 64 53.45 -39.78 14.04
CA MET D 64 52.28 -40.35 14.72
C MET D 64 52.21 -41.87 14.55
N ARG D 65 53.36 -42.53 14.46
CA ARG D 65 53.38 -43.99 14.35
C ARG D 65 52.85 -44.62 15.64
N GLY D 66 51.85 -45.50 15.51
CA GLY D 66 51.22 -46.12 16.64
C GLY D 66 50.16 -45.28 17.33
N MET D 67 49.74 -44.18 16.71
CA MET D 67 48.77 -43.26 17.28
C MET D 67 47.42 -43.42 16.59
N THR D 68 46.39 -43.77 17.35
CA THR D 68 45.02 -43.76 16.85
C THR D 68 44.55 -42.31 16.85
N GLY D 69 44.43 -41.71 15.68
CA GLY D 69 44.28 -40.27 15.60
C GLY D 69 43.04 -39.73 14.91
N LEU D 70 42.46 -40.48 13.98
CA LEU D 70 41.38 -39.95 13.16
C LEU D 70 40.30 -41.00 12.96
N LEU D 71 39.14 -40.53 12.47
CA LEU D 71 37.95 -41.35 12.27
C LEU D 71 37.70 -41.47 10.77
N TRP D 72 37.70 -42.71 10.28
CA TRP D 72 37.47 -42.99 8.86
C TRP D 72 36.44 -44.11 8.77
N GLU D 73 35.25 -43.79 8.26
CA GLU D 73 34.11 -44.69 8.29
C GLU D 73 34.06 -45.63 7.09
N THR D 74 34.63 -45.23 5.95
CA THR D 74 34.42 -45.98 4.72
C THR D 74 35.19 -47.30 4.70
N SER D 75 36.30 -47.40 5.43
CA SER D 75 37.09 -48.62 5.38
C SER D 75 37.88 -48.80 6.67
N LEU D 76 38.26 -50.05 6.93
CA LEU D 76 39.08 -50.43 8.06
C LEU D 76 39.80 -51.72 7.72
N LEU D 77 41.06 -51.82 8.14
CA LEU D 77 41.90 -52.96 7.81
C LEU D 77 41.70 -54.08 8.82
N ASP D 78 41.27 -55.24 8.35
CA ASP D 78 41.16 -56.42 9.20
C ASP D 78 42.50 -57.13 9.22
N PRO D 79 43.12 -57.33 10.39
CA PRO D 79 44.45 -57.97 10.43
C PRO D 79 44.46 -59.41 9.95
N GLU D 80 43.30 -60.00 9.68
CA GLU D 80 43.24 -61.37 9.18
C GLU D 80 42.71 -61.49 7.76
N GLU D 81 41.71 -60.69 7.39
CA GLU D 81 41.06 -60.80 6.09
C GLU D 81 41.38 -59.63 5.15
N GLY D 82 42.24 -58.71 5.54
CA GLY D 82 42.59 -57.60 4.68
C GLY D 82 41.66 -56.41 4.83
N ILE D 83 41.71 -55.53 3.83
CA ILE D 83 40.91 -54.31 3.86
C ILE D 83 39.44 -54.65 3.66
N ARG D 84 38.58 -53.98 4.43
CA ARG D 84 37.14 -54.22 4.40
C ARG D 84 36.45 -52.91 4.01
N PHE D 85 35.69 -52.94 2.92
CA PHE D 85 34.89 -51.80 2.49
C PHE D 85 33.52 -51.89 3.16
N ARG D 86 33.32 -51.07 4.19
CA ARG D 86 32.09 -51.08 4.99
C ARG D 86 31.84 -52.47 5.59
N GLY D 87 32.91 -53.11 6.04
CA GLY D 87 32.83 -54.42 6.65
C GLY D 87 32.86 -55.59 5.70
N LEU D 88 32.87 -55.35 4.38
CA LEU D 88 32.91 -56.41 3.38
C LEU D 88 34.34 -56.52 2.83
N SER D 89 34.92 -57.71 2.94
CA SER D 89 36.25 -57.96 2.42
C SER D 89 36.25 -57.94 0.90
N ILE D 90 37.45 -58.06 0.31
CA ILE D 90 37.57 -58.07 -1.14
C ILE D 90 36.82 -59.23 -1.78
N PRO D 91 36.98 -60.49 -1.34
CA PRO D 91 36.17 -61.55 -1.95
C PRO D 91 34.68 -61.39 -1.72
N GLU D 92 34.28 -60.89 -0.55
CA GLU D 92 32.87 -60.63 -0.30
C GLU D 92 32.32 -59.56 -1.24
N CYS D 93 33.11 -58.53 -1.52
CA CYS D 93 32.68 -57.51 -2.48
C CYS D 93 32.51 -58.11 -3.86
N GLN D 94 33.37 -59.06 -4.24
CA GLN D 94 33.24 -59.72 -5.53
C GLN D 94 31.97 -60.56 -5.63
N LYS D 95 31.39 -60.97 -4.50
CA LYS D 95 30.19 -61.80 -4.53
C LYS D 95 28.92 -60.99 -4.72
N VAL D 96 28.79 -59.85 -4.04
CA VAL D 96 27.51 -59.15 -3.95
C VAL D 96 27.46 -57.87 -4.75
N LEU D 97 28.59 -57.34 -5.19
CA LEU D 97 28.51 -56.09 -5.95
C LEU D 97 28.04 -56.37 -7.36
N PRO D 98 27.03 -55.65 -7.84
CA PRO D 98 26.57 -55.85 -9.22
C PRO D 98 27.70 -55.55 -10.20
N THR D 99 27.71 -56.30 -11.30
CA THR D 99 28.69 -56.07 -12.35
C THR D 99 28.00 -55.44 -13.55
N ALA D 100 28.80 -55.06 -14.53
CA ALA D 100 28.20 -54.55 -15.75
C ALA D 100 27.57 -55.69 -16.54
N GLN D 101 26.63 -55.33 -17.40
CA GLN D 101 26.08 -56.31 -18.32
C GLN D 101 27.20 -56.75 -19.26
N SER D 102 27.35 -58.06 -19.40
CA SER D 102 28.43 -58.70 -20.15
C SER D 102 29.79 -58.56 -19.46
N GLY D 103 29.80 -58.17 -18.18
CA GLY D 103 31.04 -58.07 -17.42
C GLY D 103 31.03 -58.94 -16.19
N ALA D 104 32.20 -59.22 -15.61
CA ALA D 104 32.28 -60.08 -14.43
C ALA D 104 32.94 -59.44 -13.22
N GLU D 105 33.55 -58.28 -13.37
CA GLU D 105 34.23 -57.65 -12.25
C GLU D 105 33.33 -56.62 -11.59
N PRO D 106 33.49 -56.36 -10.29
CA PRO D 106 32.57 -55.46 -9.60
C PRO D 106 32.64 -54.04 -10.15
N LEU D 107 31.46 -53.47 -10.39
CA LEU D 107 31.37 -52.13 -10.94
C LEU D 107 31.77 -51.10 -9.89
N PRO D 108 32.60 -50.12 -10.24
CA PRO D 108 32.98 -49.10 -9.26
C PRO D 108 31.82 -48.27 -8.73
N GLU D 109 30.75 -48.10 -9.51
CA GLU D 109 29.58 -47.38 -9.01
C GLU D 109 28.97 -48.08 -7.81
N GLY D 110 28.81 -49.40 -7.89
CA GLY D 110 28.26 -50.14 -6.76
C GLY D 110 29.12 -50.02 -5.52
N LEU D 111 30.44 -50.05 -5.70
CA LEU D 111 31.35 -49.81 -4.58
C LEU D 111 31.13 -48.43 -3.98
N LEU D 112 31.02 -47.41 -4.83
CA LEU D 112 30.77 -46.05 -4.34
C LEU D 112 29.47 -45.96 -3.57
N TRP D 113 28.43 -46.62 -4.06
CA TRP D 113 27.17 -46.70 -3.31
C TRP D 113 27.38 -47.35 -1.95
N LEU D 114 28.20 -48.41 -1.91
CA LEU D 114 28.43 -49.11 -0.65
C LEU D 114 29.14 -48.21 0.36
N LEU D 115 30.14 -47.46 -0.09
CA LEU D 115 30.88 -46.60 0.83
C LEU D 115 29.99 -45.49 1.41
N LEU D 116 29.12 -44.91 0.58
CA LEU D 116 28.29 -43.80 1.04
C LEU D 116 27.16 -44.29 1.95
N THR D 117 26.50 -45.39 1.59
CA THR D 117 25.33 -45.82 2.32
C THR D 117 25.61 -46.92 3.34
N GLY D 118 26.69 -47.67 3.19
CA GLY D 118 26.92 -48.81 4.03
C GLY D 118 26.11 -50.03 3.65
N LYS D 119 25.32 -49.94 2.59
CA LYS D 119 24.43 -51.00 2.14
C LYS D 119 24.82 -51.41 0.73
N VAL D 120 24.70 -52.70 0.44
CA VAL D 120 25.01 -53.19 -0.90
C VAL D 120 23.92 -52.73 -1.87
N PRO D 121 24.26 -52.14 -3.01
CA PRO D 121 23.23 -51.64 -3.92
C PRO D 121 22.69 -52.72 -4.84
N SER D 122 21.46 -52.47 -5.30
CA SER D 122 20.82 -53.33 -6.29
C SER D 122 21.36 -53.03 -7.69
N LYS D 123 20.96 -53.87 -8.64
CA LYS D 123 21.35 -53.66 -10.03
C LYS D 123 20.78 -52.36 -10.59
N GLU D 124 19.56 -52.01 -10.17
CA GLU D 124 18.93 -50.80 -10.69
C GLU D 124 19.56 -49.55 -10.09
N GLN D 125 19.93 -49.61 -8.81
CA GLN D 125 20.56 -48.47 -8.15
C GLN D 125 21.92 -48.15 -8.77
N VAL D 126 22.68 -49.19 -9.16
CA VAL D 126 23.98 -48.98 -9.78
C VAL D 126 23.83 -48.34 -11.16
N GLU D 127 22.86 -48.79 -11.96
CA GLU D 127 22.67 -48.22 -13.29
C GLU D 127 22.27 -46.75 -13.21
N ALA D 128 21.44 -46.40 -12.22
CA ALA D 128 21.06 -45.00 -12.04
C ALA D 128 22.27 -44.14 -11.69
N LEU D 129 23.14 -44.64 -10.80
CA LEU D 129 24.32 -43.88 -10.43
C LEU D 129 25.30 -43.74 -11.59
N SER D 130 25.33 -44.73 -12.49
CA SER D 130 26.21 -44.64 -13.65
C SER D 130 25.78 -43.51 -14.60
N LYS D 131 24.47 -43.40 -14.86
CA LYS D 131 24.00 -42.32 -15.71
C LYS D 131 24.14 -40.96 -15.02
N ASP D 132 24.01 -40.92 -13.70
CA ASP D 132 24.26 -39.70 -12.96
C ASP D 132 25.69 -39.22 -13.15
N LEU D 133 26.66 -40.12 -12.96
CA LEU D 133 28.06 -39.78 -13.19
C LEU D 133 28.30 -39.32 -14.62
N ALA D 134 27.69 -40.01 -15.60
CA ALA D 134 27.87 -39.63 -16.99
C ALA D 134 27.37 -38.22 -17.28
N ASN D 135 26.30 -37.79 -16.61
CA ASN D 135 25.78 -36.46 -16.81
C ASN D 135 26.57 -35.39 -16.05
N ARG D 136 27.28 -35.78 -14.99
CA ARG D 136 28.08 -34.84 -14.22
C ARG D 136 29.50 -34.68 -14.75
N ALA D 137 29.84 -35.36 -15.84
CA ALA D 137 31.21 -35.43 -16.34
C ALA D 137 31.57 -34.29 -17.28
N ALA D 138 30.77 -33.21 -17.30
CA ALA D 138 31.08 -32.08 -18.17
C ALA D 138 32.26 -31.29 -17.61
N VAL D 139 33.24 -31.03 -18.45
CA VAL D 139 34.46 -30.34 -18.06
C VAL D 139 34.60 -29.09 -18.93
N PRO D 140 34.66 -27.89 -18.35
CA PRO D 140 34.80 -26.68 -19.15
C PRO D 140 36.16 -26.61 -19.82
N ASP D 141 36.23 -25.78 -20.86
CA ASP D 141 37.43 -25.74 -21.71
C ASP D 141 38.62 -25.09 -21.01
N TYR D 142 38.39 -24.20 -20.04
CA TYR D 142 39.52 -23.57 -19.38
C TYR D 142 40.30 -24.55 -18.50
N VAL D 143 39.69 -25.69 -18.15
CA VAL D 143 40.44 -26.74 -17.47
C VAL D 143 41.48 -27.34 -18.40
N TYR D 144 41.10 -27.59 -19.66
CA TYR D 144 42.06 -28.07 -20.64
C TYR D 144 43.12 -27.01 -20.92
N ASN D 145 42.73 -25.74 -20.95
CA ASN D 145 43.70 -24.66 -21.11
C ASN D 145 44.68 -24.63 -19.94
N ALA D 146 44.18 -24.82 -18.72
CA ALA D 146 45.07 -24.83 -17.56
C ALA D 146 46.09 -25.95 -17.67
N ILE D 147 45.67 -27.13 -18.11
CA ILE D 147 46.61 -28.24 -18.28
C ILE D 147 47.55 -27.95 -19.45
N ASP D 148 47.01 -27.45 -20.56
CA ASP D 148 47.83 -27.19 -21.75
C ASP D 148 48.82 -26.07 -21.53
N ALA D 149 48.58 -25.18 -20.57
CA ALA D 149 49.53 -24.09 -20.31
C ALA D 149 50.82 -24.63 -19.70
N LEU D 150 50.75 -25.71 -18.93
CA LEU D 150 51.95 -26.33 -18.41
C LEU D 150 52.74 -26.99 -19.54
N PRO D 151 54.06 -27.06 -19.41
CA PRO D 151 54.86 -27.76 -20.42
C PRO D 151 54.59 -29.25 -20.39
N SER D 152 54.89 -29.90 -21.53
CA SER D 152 54.70 -31.34 -21.64
C SER D 152 55.59 -32.11 -20.67
N THR D 153 56.71 -31.53 -20.24
CA THR D 153 57.62 -32.19 -19.32
C THR D 153 57.10 -32.21 -17.89
N ALA D 154 56.02 -31.51 -17.59
CA ALA D 154 55.46 -31.50 -16.24
C ALA D 154 55.01 -32.90 -15.86
N HIS D 155 55.20 -33.25 -14.58
CA HIS D 155 54.78 -34.55 -14.09
C HIS D 155 53.27 -34.72 -14.29
N PRO D 156 52.82 -35.90 -14.71
CA PRO D 156 51.38 -36.10 -14.91
C PRO D 156 50.53 -35.85 -13.68
N MET D 157 51.05 -36.15 -12.48
CA MET D 157 50.33 -35.84 -11.25
C MET D 157 50.19 -34.33 -11.06
N THR D 158 51.16 -33.56 -11.51
CA THR D 158 51.04 -32.10 -11.44
C THR D 158 49.95 -31.60 -12.38
N GLN D 159 49.96 -32.09 -13.63
CA GLN D 159 48.92 -31.72 -14.58
C GLN D 159 47.55 -32.20 -14.10
N PHE D 160 47.48 -33.38 -13.48
CA PHE D 160 46.23 -33.87 -12.92
C PHE D 160 45.73 -32.97 -11.80
N ALA D 161 46.60 -32.66 -10.83
CA ALA D 161 46.19 -31.84 -9.70
C ALA D 161 45.87 -30.41 -10.15
N SER D 162 46.62 -29.88 -11.11
CA SER D 162 46.32 -28.56 -11.64
C SER D 162 44.96 -28.54 -12.34
N GLY D 163 44.60 -29.63 -13.01
CA GLY D 163 43.28 -29.72 -13.60
C GLY D 163 42.19 -29.75 -12.55
N VAL D 164 42.45 -30.41 -11.42
CA VAL D 164 41.48 -30.43 -10.33
C VAL D 164 41.32 -29.04 -9.74
N MET D 165 42.42 -28.27 -9.66
CA MET D 165 42.32 -26.87 -9.23
C MET D 165 41.47 -26.06 -10.20
N ALA D 166 41.56 -26.38 -11.49
CA ALA D 166 40.72 -25.70 -12.47
C ALA D 166 39.25 -26.07 -12.28
N LEU D 167 38.97 -27.32 -11.88
CA LEU D 167 37.61 -27.71 -11.56
C LEU D 167 37.07 -27.00 -10.33
N GLN D 168 37.95 -26.49 -9.45
CA GLN D 168 37.51 -25.84 -8.22
C GLN D 168 36.73 -24.57 -8.48
N VAL D 169 36.93 -23.93 -9.64
CA VAL D 169 36.22 -22.69 -9.94
C VAL D 169 34.72 -22.93 -9.94
N GLN D 170 34.29 -24.14 -10.27
CA GLN D 170 32.88 -24.52 -10.28
C GLN D 170 32.42 -25.14 -8.96
N SER D 171 33.11 -24.85 -7.85
CA SER D 171 32.77 -25.46 -6.57
C SER D 171 31.41 -24.98 -6.08
N GLU D 172 30.56 -25.93 -5.71
CA GLU D 172 29.23 -25.61 -5.20
C GLU D 172 29.19 -25.46 -3.68
N PHE D 173 30.14 -26.07 -2.96
CA PHE D 173 30.20 -25.86 -1.52
C PHE D 173 30.80 -24.50 -1.18
N GLN D 174 31.72 -24.02 -2.01
CA GLN D 174 32.33 -22.71 -1.76
C GLN D 174 31.29 -21.61 -1.89
N LYS D 175 30.46 -21.66 -2.93
CA LYS D 175 29.44 -20.63 -3.12
C LYS D 175 28.31 -20.78 -2.11
N ALA D 176 27.94 -22.01 -1.78
CA ALA D 176 26.91 -22.24 -0.78
C ALA D 176 27.34 -21.72 0.59
N TYR D 177 28.61 -21.94 0.95
CA TYR D 177 29.10 -21.44 2.22
C TYR D 177 29.15 -19.91 2.26
N GLU D 178 29.56 -19.29 1.15
CA GLU D 178 29.60 -17.84 1.10
C GLU D 178 28.21 -17.23 1.19
N ASN D 179 27.19 -17.94 0.73
CA ASN D 179 25.82 -17.48 0.85
C ASN D 179 25.18 -17.84 2.18
N GLY D 180 25.95 -18.42 3.10
CA GLY D 180 25.49 -18.66 4.46
C GLY D 180 24.48 -19.78 4.62
N ILE D 181 24.71 -20.92 3.96
CA ILE D 181 23.85 -22.07 4.22
C ILE D 181 24.09 -22.59 5.63
N HIS D 182 23.08 -23.24 6.19
CA HIS D 182 23.15 -23.71 7.56
C HIS D 182 24.18 -24.83 7.71
N LYS D 183 24.71 -24.96 8.93
CA LYS D 183 25.73 -25.97 9.20
C LYS D 183 25.21 -27.38 8.96
N SER D 184 23.95 -27.63 9.31
CA SER D 184 23.35 -28.96 9.15
C SER D 184 23.11 -29.32 7.69
N LYS D 185 23.29 -28.39 6.76
CA LYS D 185 23.08 -28.66 5.34
C LYS D 185 24.38 -28.66 4.54
N PHE D 186 25.53 -28.67 5.22
CA PHE D 186 26.82 -28.61 4.54
C PHE D 186 27.04 -29.80 3.60
N TRP D 187 26.53 -30.97 3.97
CA TRP D 187 26.82 -32.16 3.17
C TRP D 187 26.18 -32.11 1.79
N GLU D 188 25.08 -31.35 1.64
CA GLU D 188 24.37 -31.34 0.36
C GLU D 188 25.21 -30.75 -0.77
N PRO D 189 25.77 -29.53 -0.66
CA PRO D 189 26.70 -29.08 -1.70
C PRO D 189 28.02 -29.84 -1.68
N THR D 190 28.41 -30.38 -0.52
CA THR D 190 29.55 -31.28 -0.48
C THR D 190 29.29 -32.53 -1.33
N TYR D 191 28.07 -33.07 -1.24
CA TYR D 191 27.69 -34.19 -2.09
C TYR D 191 27.76 -33.81 -3.57
N GLU D 192 27.27 -32.60 -3.91
CA GLU D 192 27.29 -32.17 -5.30
C GLU D 192 28.71 -32.02 -5.81
N ASP D 193 29.61 -31.43 -5.01
CA ASP D 193 30.99 -31.28 -5.44
C ASP D 193 31.69 -32.62 -5.56
N CYS D 194 31.46 -33.52 -4.59
CA CYS D 194 32.10 -34.83 -4.63
C CYS D 194 31.63 -35.65 -5.83
N LEU D 195 30.31 -35.73 -6.04
CA LEU D 195 29.79 -36.51 -7.17
C LEU D 195 30.22 -35.91 -8.50
N ASN D 196 30.26 -34.57 -8.58
CA ASN D 196 30.78 -33.93 -9.78
C ASN D 196 32.28 -34.17 -9.94
N LEU D 197 33.02 -34.11 -8.83
CA LEU D 197 34.46 -34.36 -8.89
C LEU D 197 34.76 -35.78 -9.35
N ILE D 198 34.07 -36.76 -8.76
CA ILE D 198 34.27 -38.16 -9.12
C ILE D 198 33.95 -38.38 -10.59
N ALA D 199 32.92 -37.69 -11.10
CA ALA D 199 32.54 -37.84 -12.50
C ALA D 199 33.55 -37.19 -13.44
N ARG D 200 34.10 -36.04 -13.05
CA ARG D 200 34.93 -35.25 -13.95
C ARG D 200 36.42 -35.58 -13.84
N VAL D 201 36.88 -36.10 -12.70
CA VAL D 201 38.31 -36.39 -12.55
C VAL D 201 38.81 -37.40 -13.58
N PRO D 202 38.05 -38.42 -14.02
CA PRO D 202 38.55 -39.27 -15.11
C PRO D 202 38.69 -38.52 -16.43
N VAL D 203 37.80 -37.56 -16.72
CA VAL D 203 37.93 -36.77 -17.94
C VAL D 203 39.24 -36.01 -17.94
N VAL D 204 39.58 -35.39 -16.80
CA VAL D 204 40.83 -34.65 -16.69
C VAL D 204 42.01 -35.61 -16.75
N ALA D 205 41.91 -36.74 -16.05
CA ALA D 205 43.01 -37.70 -16.01
C ALA D 205 43.30 -38.26 -17.40
N ALA D 206 42.25 -38.60 -18.14
CA ALA D 206 42.45 -39.12 -19.49
C ALA D 206 42.98 -38.06 -20.43
N TYR D 207 42.58 -36.80 -20.24
CA TYR D 207 43.08 -35.72 -21.08
C TYR D 207 44.57 -35.52 -20.90
N VAL D 208 45.06 -35.60 -19.66
CA VAL D 208 46.50 -35.54 -19.42
C VAL D 208 47.20 -36.70 -20.09
N TYR D 209 46.57 -37.89 -20.06
CA TYR D 209 47.17 -39.06 -20.68
C TYR D 209 47.26 -38.92 -22.20
N ARG D 210 46.16 -38.49 -22.83
CA ARG D 210 46.17 -38.32 -24.28
C ARG D 210 47.13 -37.21 -24.70
N ARG D 211 47.32 -36.21 -23.85
CA ARG D 211 48.24 -35.13 -24.18
C ARG D 211 49.69 -35.58 -24.14
N MET D 212 50.06 -36.36 -23.14
CA MET D 212 51.47 -36.73 -22.97
C MET D 212 51.90 -37.83 -23.92
N TYR D 213 50.99 -38.70 -24.34
CA TYR D 213 51.38 -39.89 -25.08
C TYR D 213 50.64 -40.07 -26.40
N LYS D 214 49.57 -39.32 -26.66
CA LYS D 214 48.79 -39.51 -27.88
C LYS D 214 48.66 -38.19 -28.64
N ASN D 215 49.63 -37.28 -28.47
CA ASN D 215 49.68 -36.01 -29.19
C ASN D 215 48.39 -35.21 -29.02
N GLY D 216 47.88 -35.18 -27.79
CA GLY D 216 46.71 -34.38 -27.48
C GLY D 216 45.45 -34.80 -28.21
N ASP D 217 45.44 -36.01 -28.78
CA ASP D 217 44.27 -36.50 -29.51
C ASP D 217 43.28 -37.05 -28.49
N SER D 218 42.56 -36.12 -27.84
CA SER D 218 41.64 -36.50 -26.78
C SER D 218 40.42 -37.20 -27.35
N ILE D 219 39.86 -38.10 -26.56
CA ILE D 219 38.69 -38.89 -26.92
C ILE D 219 37.56 -38.50 -25.98
N PRO D 220 36.41 -38.08 -26.48
CA PRO D 220 35.36 -37.57 -25.59
C PRO D 220 34.74 -38.66 -24.75
N SER D 221 34.07 -38.20 -23.69
CA SER D 221 33.41 -39.12 -22.77
C SER D 221 32.18 -39.74 -23.44
N ASP D 222 31.92 -41.00 -23.09
CA ASP D 222 30.76 -41.72 -23.60
C ASP D 222 29.77 -41.89 -22.46
N LYS D 223 28.60 -41.27 -22.61
CA LYS D 223 27.56 -41.28 -21.59
C LYS D 223 26.83 -42.63 -21.49
N SER D 224 27.05 -43.53 -22.45
CA SER D 224 26.40 -44.84 -22.39
C SER D 224 27.16 -45.82 -21.50
N LEU D 225 28.46 -45.64 -21.33
CA LEU D 225 29.30 -46.59 -20.63
C LEU D 225 29.23 -46.37 -19.12
N ASP D 226 29.68 -47.38 -18.38
CA ASP D 226 29.81 -47.25 -16.93
C ASP D 226 31.10 -46.51 -16.61
N TYR D 227 31.36 -46.32 -15.31
CA TYR D 227 32.45 -45.46 -14.86
C TYR D 227 33.81 -45.96 -15.37
N GLY D 228 34.16 -47.19 -15.02
CA GLY D 228 35.45 -47.71 -15.43
C GLY D 228 35.59 -47.85 -16.93
N ALA D 229 34.51 -48.22 -17.61
CA ALA D 229 34.55 -48.39 -19.06
C ALA D 229 34.70 -47.04 -19.77
N ASN D 230 34.03 -46.00 -19.26
CA ASN D 230 34.15 -44.69 -19.89
C ASN D 230 35.57 -44.14 -19.74
N PHE D 231 36.21 -44.41 -18.60
CA PHE D 231 37.59 -43.99 -18.41
C PHE D 231 38.52 -44.67 -19.40
N SER D 232 38.38 -45.99 -19.55
CA SER D 232 39.19 -46.72 -20.54
C SER D 232 38.95 -46.19 -21.95
N HIS D 233 37.71 -45.82 -22.26
CA HIS D 233 37.40 -45.29 -23.58
C HIS D 233 38.10 -43.94 -23.80
N MET D 234 38.07 -43.07 -22.79
CA MET D 234 38.72 -41.78 -22.91
C MET D 234 40.24 -41.92 -22.93
N LEU D 235 40.77 -42.97 -22.31
CA LEU D 235 42.19 -43.25 -22.39
C LEU D 235 42.61 -43.84 -23.73
N GLY D 236 41.66 -44.37 -24.49
CA GLY D 236 41.97 -45.01 -25.76
C GLY D 236 41.92 -46.52 -25.75
N PHE D 237 41.25 -47.13 -24.77
CA PHE D 237 41.20 -48.58 -24.63
C PHE D 237 39.73 -49.02 -24.68
N ASP D 238 39.30 -49.55 -25.82
CA ASP D 238 37.93 -50.01 -26.01
C ASP D 238 37.75 -51.51 -25.83
N ASP D 239 38.83 -52.25 -25.60
CA ASP D 239 38.69 -53.69 -25.41
C ASP D 239 37.81 -53.98 -24.19
N GLU D 240 36.99 -55.02 -24.31
CA GLU D 240 36.08 -55.35 -23.21
C GLU D 240 36.84 -55.86 -21.99
N LYS D 241 37.99 -56.50 -22.20
CA LYS D 241 38.76 -57.04 -21.09
C LYS D 241 39.55 -55.96 -20.35
N VAL D 242 39.98 -54.89 -21.05
CA VAL D 242 40.66 -53.82 -20.34
C VAL D 242 39.65 -52.99 -19.55
N LYS D 243 38.45 -52.80 -20.09
CA LYS D 243 37.37 -52.19 -19.33
C LYS D 243 37.09 -53.01 -18.07
N GLU D 244 37.07 -54.34 -18.20
CA GLU D 244 36.94 -55.20 -17.03
C GLU D 244 38.08 -54.97 -16.06
N LEU D 245 39.29 -54.78 -16.58
CA LEU D 245 40.44 -54.49 -15.71
C LEU D 245 40.28 -53.16 -14.99
N MET D 246 39.81 -52.13 -15.71
CA MET D 246 39.65 -50.81 -15.08
C MET D 246 38.55 -50.83 -14.04
N ARG D 247 37.49 -51.60 -14.27
CA ARG D 247 36.45 -51.75 -13.26
C ARG D 247 37.00 -52.37 -11.98
N LEU D 248 37.85 -53.39 -12.12
CA LEU D 248 38.42 -54.04 -10.95
C LEU D 248 39.48 -53.17 -10.29
N TYR D 249 40.29 -52.46 -11.09
CA TYR D 249 41.35 -51.63 -10.52
C TYR D 249 40.77 -50.48 -9.70
N ILE D 250 39.81 -49.75 -10.27
CA ILE D 250 39.22 -48.61 -9.56
C ILE D 250 38.52 -49.08 -8.29
N THR D 251 37.90 -50.26 -8.34
CA THR D 251 37.13 -50.74 -7.20
C THR D 251 38.02 -51.11 -6.03
N ILE D 252 39.14 -51.80 -6.30
CA ILE D 252 39.96 -52.31 -5.21
C ILE D 252 40.92 -51.26 -4.65
N HIS D 253 41.25 -50.23 -5.42
CA HIS D 253 42.10 -49.14 -4.96
C HIS D 253 41.31 -47.94 -4.45
N SER D 254 40.00 -48.09 -4.30
CA SER D 254 39.15 -46.92 -4.05
C SER D 254 39.42 -46.31 -2.67
N ASP D 255 39.71 -47.14 -1.68
CA ASP D 255 39.87 -46.65 -0.32
C ASP D 255 40.69 -47.65 0.49
N HIS D 256 41.35 -47.13 1.53
CA HIS D 256 42.17 -47.94 2.42
C HIS D 256 42.48 -47.18 3.70
N GLU D 257 41.47 -47.04 4.57
CA GLU D 257 41.61 -46.31 5.84
C GLU D 257 41.89 -44.84 5.59
N GLY D 258 42.16 -44.09 6.66
CA GLY D 258 42.39 -42.66 6.52
C GLY D 258 43.77 -42.23 7.00
N GLY D 259 44.59 -43.20 7.42
CA GLY D 259 45.91 -42.86 7.90
C GLY D 259 46.93 -42.58 6.81
N ASN D 260 46.67 -43.05 5.59
CA ASN D 260 47.57 -42.77 4.49
C ASN D 260 47.56 -41.28 4.16
N VAL D 261 48.64 -40.83 3.53
CA VAL D 261 48.85 -39.39 3.35
C VAL D 261 47.75 -38.78 2.48
N SER D 262 47.37 -39.46 1.40
CA SER D 262 46.39 -38.88 0.49
C SER D 262 45.02 -38.75 1.14
N ALA D 263 44.55 -39.83 1.79
CA ALA D 263 43.25 -39.77 2.45
C ALA D 263 43.27 -38.81 3.64
N HIS D 264 44.33 -38.86 4.45
CA HIS D 264 44.46 -37.95 5.58
C HIS D 264 44.50 -36.50 5.13
N THR D 265 45.21 -36.22 4.03
CA THR D 265 45.33 -34.85 3.54
C THR D 265 43.97 -34.26 3.21
N GLY D 266 43.18 -34.96 2.40
CA GLY D 266 41.86 -34.46 2.04
C GLY D 266 40.98 -34.24 3.25
N HIS D 267 41.05 -35.15 4.23
CA HIS D 267 40.28 -34.98 5.45
C HIS D 267 40.76 -33.77 6.25
N LEU D 268 42.07 -33.51 6.23
CA LEU D 268 42.63 -32.40 6.99
C LEU D 268 42.27 -31.06 6.35
N VAL D 269 42.45 -30.94 5.03
CA VAL D 269 42.09 -29.70 4.35
C VAL D 269 40.58 -29.49 4.38
N GLY D 270 39.81 -30.57 4.33
CA GLY D 270 38.36 -30.44 4.38
C GLY D 270 37.85 -29.97 5.73
N SER D 271 38.61 -30.24 6.80
CA SER D 271 38.20 -29.83 8.12
C SER D 271 38.19 -28.30 8.28
N ALA D 272 38.98 -27.60 7.48
CA ALA D 272 38.94 -26.14 7.44
C ALA D 272 37.80 -25.62 6.58
N LEU D 273 36.90 -26.49 6.15
CA LEU D 273 35.74 -26.15 5.32
C LEU D 273 36.14 -25.70 3.92
N SER D 274 37.26 -26.21 3.42
CA SER D 274 37.58 -26.09 2.00
C SER D 274 36.78 -27.13 1.21
N ASP D 275 36.43 -26.77 -0.02
CA ASP D 275 35.59 -27.62 -0.84
C ASP D 275 36.33 -28.90 -1.23
N PRO D 276 35.59 -29.94 -1.64
CA PRO D 276 36.27 -31.21 -1.98
C PRO D 276 37.31 -31.07 -3.08
N TYR D 277 37.16 -30.10 -3.99
CA TYR D 277 38.18 -29.90 -5.02
C TYR D 277 39.51 -29.49 -4.43
N LEU D 278 39.50 -28.58 -3.45
CA LEU D 278 40.74 -28.17 -2.82
C LEU D 278 41.32 -29.30 -1.98
N SER D 279 40.46 -30.04 -1.28
CA SER D 279 40.94 -31.14 -0.45
C SER D 279 41.54 -32.26 -1.31
N PHE D 280 40.91 -32.54 -2.45
CA PHE D 280 41.39 -33.63 -3.31
C PHE D 280 42.66 -33.23 -4.05
N ALA D 281 42.75 -31.96 -4.49
CA ALA D 281 43.97 -31.50 -5.13
C ALA D 281 45.15 -31.60 -4.18
N ALA D 282 44.94 -31.25 -2.91
CA ALA D 282 45.95 -31.45 -1.90
C ALA D 282 46.21 -32.93 -1.66
N ALA D 283 45.14 -33.74 -1.72
CA ALA D 283 45.29 -35.18 -1.55
C ALA D 283 46.15 -35.78 -2.65
N LEU D 284 45.98 -35.30 -3.89
CA LEU D 284 46.83 -35.76 -4.98
C LEU D 284 48.28 -35.40 -4.74
N ASN D 285 48.53 -34.18 -4.23
CA ASN D 285 49.90 -33.78 -3.93
C ASN D 285 50.55 -34.70 -2.92
N GLY D 286 49.76 -35.24 -1.98
CA GLY D 286 50.29 -36.26 -1.09
C GLY D 286 50.46 -37.60 -1.77
N LEU D 287 49.51 -37.98 -2.63
CA LEU D 287 49.62 -39.24 -3.34
C LEU D 287 50.79 -39.22 -4.33
N ALA D 288 51.20 -38.04 -4.79
CA ALA D 288 52.34 -37.94 -5.69
C ALA D 288 53.66 -38.19 -4.97
N GLY D 289 53.65 -38.27 -3.65
CA GLY D 289 54.86 -38.52 -2.90
C GLY D 289 55.41 -39.90 -3.16
N PRO D 290 56.73 -39.98 -3.37
CA PRO D 290 57.35 -41.30 -3.64
C PRO D 290 57.07 -42.35 -2.58
N LEU D 291 56.82 -41.95 -1.34
CA LEU D 291 56.49 -42.90 -0.28
C LEU D 291 55.02 -43.27 -0.26
N HIS D 292 54.26 -42.87 -1.27
CA HIS D 292 52.82 -43.14 -1.20
C HIS D 292 52.26 -43.75 -2.48
N GLY D 293 52.62 -43.23 -3.66
CA GLY D 293 51.98 -43.66 -4.88
C GLY D 293 52.90 -44.04 -6.02
N LEU D 294 54.06 -44.61 -5.71
CA LEU D 294 55.00 -45.04 -6.74
C LEU D 294 55.39 -46.51 -6.66
N ALA D 295 54.83 -47.26 -5.71
CA ALA D 295 55.18 -48.67 -5.58
C ALA D 295 54.78 -49.47 -6.81
N ASN D 296 53.63 -49.13 -7.42
CA ASN D 296 53.20 -49.78 -8.66
C ASN D 296 54.26 -49.67 -9.74
N GLN D 297 54.86 -48.50 -9.89
CA GLN D 297 55.81 -48.27 -10.97
C GLN D 297 57.16 -48.93 -10.71
N GLU D 298 57.58 -48.97 -9.45
CA GLU D 298 58.86 -49.57 -9.12
C GLU D 298 58.85 -51.06 -9.41
N VAL D 299 57.73 -51.73 -9.12
CA VAL D 299 57.63 -53.16 -9.35
C VAL D 299 57.70 -53.48 -10.85
N LEU D 300 56.94 -52.73 -11.66
CA LEU D 300 56.93 -53.00 -13.09
C LEU D 300 58.28 -52.73 -13.73
N LEU D 301 58.92 -51.62 -13.37
CA LEU D 301 60.23 -51.30 -13.93
C LEU D 301 61.29 -52.29 -13.47
N TRP D 302 61.21 -52.76 -12.22
CA TRP D 302 62.18 -53.72 -11.71
C TRP D 302 62.02 -55.07 -12.39
N ILE D 303 60.78 -55.54 -12.50
CA ILE D 303 60.53 -56.85 -13.13
C ILE D 303 60.93 -56.83 -14.60
N LYS D 304 60.71 -55.71 -15.29
CA LYS D 304 61.15 -55.62 -16.67
C LYS D 304 62.66 -55.70 -16.78
N SER D 305 63.38 -55.16 -15.78
CA SER D 305 64.83 -55.28 -15.78
C SER D 305 65.26 -56.71 -15.45
N VAL D 306 64.45 -57.42 -14.66
CA VAL D 306 64.75 -58.82 -14.36
C VAL D 306 64.55 -59.69 -15.58
N VAL D 307 63.46 -59.45 -16.32
CA VAL D 307 63.21 -60.22 -17.53
C VAL D 307 64.22 -59.89 -18.62
N GLU D 308 64.74 -58.66 -18.61
CA GLU D 308 65.72 -58.27 -19.62
C GLU D 308 67.12 -58.74 -19.26
N GLU D 309 67.47 -58.76 -17.98
CA GLU D 309 68.81 -59.16 -17.58
C GLU D 309 69.00 -60.68 -17.61
N CYS D 310 67.93 -61.45 -17.42
CA CYS D 310 68.05 -62.90 -17.28
C CYS D 310 67.28 -63.67 -18.35
N GLY D 311 66.58 -63.00 -19.26
CA GLY D 311 65.81 -63.69 -20.27
C GLY D 311 64.39 -64.01 -19.84
N GLU D 312 63.61 -64.49 -20.80
CA GLU D 312 62.20 -64.76 -20.55
C GLU D 312 61.99 -66.05 -19.77
N ASP D 313 62.78 -67.09 -20.08
CA ASP D 313 62.61 -68.40 -19.48
C ASP D 313 63.60 -68.56 -18.32
N ILE D 314 63.23 -67.95 -17.19
CA ILE D 314 64.01 -68.06 -15.97
C ILE D 314 63.47 -69.23 -15.15
N SER D 315 64.37 -70.10 -14.69
CA SER D 315 63.96 -71.23 -13.88
C SER D 315 63.50 -70.78 -12.50
N LYS D 316 62.75 -71.66 -11.82
CA LYS D 316 62.28 -71.37 -10.47
C LYS D 316 63.46 -71.26 -9.50
N GLU D 317 64.48 -72.10 -9.70
CA GLU D 317 65.72 -72.06 -8.91
C GLU D 317 66.62 -70.92 -9.34
N GLN D 318 66.61 -70.58 -10.63
CA GLN D 318 67.38 -69.46 -11.13
C GLN D 318 66.91 -68.15 -10.51
N LEU D 319 65.61 -68.05 -10.22
CA LEU D 319 65.07 -66.87 -9.54
C LEU D 319 65.53 -66.82 -8.08
N LYS D 320 65.62 -67.97 -7.42
CA LYS D 320 66.10 -68.00 -6.04
C LYS D 320 67.51 -67.42 -5.94
N GLU D 321 68.37 -67.77 -6.89
CA GLU D 321 69.72 -67.20 -6.92
C GLU D 321 69.67 -65.70 -7.17
N TYR D 322 68.74 -65.23 -7.99
CA TYR D 322 68.64 -63.80 -8.28
C TYR D 322 68.28 -63.03 -7.01
N VAL D 323 67.30 -63.53 -6.26
CA VAL D 323 66.90 -62.89 -5.00
C VAL D 323 68.07 -62.86 -4.03
N TRP D 324 68.88 -63.92 -4.03
CA TRP D 324 70.05 -63.96 -3.15
C TRP D 324 71.07 -62.91 -3.55
N LYS D 325 71.35 -62.78 -4.85
CA LYS D 325 72.30 -61.78 -5.31
C LYS D 325 71.80 -60.36 -5.00
N THR D 326 70.51 -60.11 -5.22
CA THR D 326 69.96 -58.79 -4.95
C THR D 326 70.02 -58.45 -3.45
N LEU D 327 69.62 -59.40 -2.60
CA LEU D 327 69.61 -59.13 -1.17
C LEU D 327 71.02 -59.01 -0.61
N ASN D 328 71.95 -59.84 -1.09
CA ASN D 328 73.33 -59.74 -0.63
C ASN D 328 74.02 -58.51 -1.17
N SER D 329 73.50 -57.92 -2.25
CA SER D 329 74.01 -56.66 -2.78
C SER D 329 73.50 -55.45 -2.01
N GLY D 330 72.71 -55.66 -0.95
CA GLY D 330 72.16 -54.58 -0.18
C GLY D 330 70.85 -54.02 -0.68
N LYS D 331 70.26 -54.62 -1.70
CA LYS D 331 69.05 -54.12 -2.33
C LYS D 331 67.82 -54.90 -1.85
N VAL D 332 66.65 -54.34 -2.11
CA VAL D 332 65.39 -54.92 -1.68
C VAL D 332 64.60 -55.41 -2.90
N ILE D 333 63.60 -56.25 -2.64
CA ILE D 333 62.73 -56.77 -3.68
C ILE D 333 61.46 -55.93 -3.71
N PRO D 334 61.18 -55.22 -4.81
CA PRO D 334 60.01 -54.33 -4.84
C PRO D 334 58.72 -55.11 -4.69
N GLY D 335 57.78 -54.52 -3.94
CA GLY D 335 56.49 -55.13 -3.70
C GLY D 335 56.49 -56.20 -2.63
N TYR D 336 57.65 -56.64 -2.17
CA TYR D 336 57.75 -57.69 -1.16
C TYR D 336 58.45 -57.13 0.08
N GLY D 337 58.01 -57.59 1.24
CA GLY D 337 58.61 -57.21 2.49
C GLY D 337 58.01 -55.99 3.13
N HIS D 338 57.32 -55.15 2.37
CA HIS D 338 56.69 -53.94 2.89
C HIS D 338 55.31 -54.20 3.48
N GLY D 339 54.93 -55.46 3.65
CA GLY D 339 53.60 -55.79 4.12
C GLY D 339 53.56 -55.80 5.64
N VAL D 340 52.43 -55.35 6.18
CA VAL D 340 52.17 -55.42 7.61
C VAL D 340 51.03 -56.40 7.89
N LEU D 341 50.70 -57.25 6.92
CA LEU D 341 49.69 -58.28 7.06
C LEU D 341 50.37 -59.64 7.15
N ARG D 342 49.95 -60.46 8.12
CA ARG D 342 50.54 -61.80 8.23
C ARG D 342 50.25 -62.64 7.00
N ASN D 343 49.11 -62.43 6.35
CA ASN D 343 48.76 -63.14 5.13
C ASN D 343 48.82 -62.21 3.94
N THR D 344 48.72 -62.80 2.75
CA THR D 344 48.80 -62.05 1.51
C THR D 344 47.62 -61.08 1.37
N ASP D 345 47.91 -59.89 0.86
CA ASP D 345 46.90 -58.89 0.54
C ASP D 345 45.86 -59.50 -0.41
N PRO D 346 44.59 -59.54 -0.03
CA PRO D 346 43.56 -60.04 -0.96
C PRO D 346 43.47 -59.25 -2.26
N ARG D 347 43.94 -58.01 -2.27
CA ARG D 347 43.95 -57.24 -3.52
C ARG D 347 45.00 -57.77 -4.48
N TYR D 348 46.10 -58.35 -3.97
CA TYR D 348 47.03 -59.04 -4.85
C TYR D 348 46.40 -60.30 -5.43
N VAL D 349 45.67 -61.05 -4.60
CA VAL D 349 45.11 -62.33 -5.01
C VAL D 349 44.07 -62.13 -6.11
N CYS D 350 43.20 -61.13 -5.97
CA CYS D 350 42.14 -60.95 -6.95
C CYS D 350 42.70 -60.54 -8.32
N GLN D 351 43.84 -59.84 -8.34
CA GLN D 351 44.43 -59.47 -9.61
C GLN D 351 45.14 -60.63 -10.31
N ARG D 352 45.68 -61.60 -9.56
CA ARG D 352 46.22 -62.79 -10.20
C ARG D 352 45.11 -63.66 -10.75
N GLU D 353 43.98 -63.76 -10.03
CA GLU D 353 42.82 -64.46 -10.57
C GLU D 353 42.40 -63.86 -11.90
N PHE D 354 42.45 -62.52 -12.00
CA PHE D 354 42.15 -61.87 -13.27
C PHE D 354 43.18 -62.25 -14.32
N ALA D 355 44.47 -62.21 -13.96
CA ALA D 355 45.53 -62.48 -14.92
C ALA D 355 45.57 -63.96 -15.31
N LEU D 356 45.39 -64.87 -14.35
CA LEU D 356 45.31 -66.29 -14.65
C LEU D 356 44.13 -66.60 -15.57
N LYS D 357 43.12 -65.73 -15.60
CA LYS D 357 41.94 -65.95 -16.42
C LYS D 357 42.07 -65.33 -17.81
N HIS D 358 42.77 -64.19 -17.91
CA HIS D 358 42.85 -63.44 -19.17
C HIS D 358 44.26 -63.29 -19.73
N LEU D 359 45.31 -63.62 -18.98
CA LEU D 359 46.65 -63.47 -19.55
C LEU D 359 47.70 -64.37 -18.90
N PRO D 360 47.52 -65.70 -18.90
CA PRO D 360 48.56 -66.57 -18.34
C PRO D 360 49.79 -66.66 -19.21
N ASP D 361 49.68 -66.30 -20.49
CA ASP D 361 50.79 -66.40 -21.43
C ASP D 361 51.65 -65.16 -21.46
N ASP D 362 51.32 -64.14 -20.67
CA ASP D 362 52.14 -62.93 -20.61
C ASP D 362 53.45 -63.25 -19.89
N PRO D 363 54.61 -62.99 -20.51
CA PRO D 363 55.87 -63.31 -19.83
C PRO D 363 56.10 -62.50 -18.57
N LEU D 364 55.69 -61.23 -18.57
CA LEU D 364 55.88 -60.39 -17.39
C LEU D 364 55.01 -60.87 -16.23
N PHE D 365 53.78 -61.29 -16.52
CA PHE D 365 52.92 -61.85 -15.47
C PHE D 365 53.45 -63.20 -15.02
N GLN D 366 53.98 -63.99 -15.94
CA GLN D 366 54.54 -65.29 -15.58
C GLN D 366 55.66 -65.14 -14.57
N LEU D 367 56.45 -64.07 -14.68
CA LEU D 367 57.48 -63.83 -13.68
C LEU D 367 56.87 -63.38 -12.36
N VAL D 368 55.83 -62.54 -12.41
CA VAL D 368 55.13 -62.12 -11.19
C VAL D 368 54.53 -63.32 -10.49
N SER D 369 53.87 -64.20 -11.25
CA SER D 369 53.30 -65.40 -10.66
C SER D 369 54.39 -66.28 -10.08
N LYS D 370 55.52 -66.37 -10.79
CA LYS D 370 56.65 -67.16 -10.29
C LYS D 370 57.26 -66.51 -9.05
N LEU D 371 57.39 -65.18 -9.02
CA LEU D 371 57.89 -64.49 -7.83
C LEU D 371 57.06 -64.80 -6.60
N TYR D 372 55.75 -64.98 -6.77
CA TYR D 372 54.89 -65.31 -5.64
C TYR D 372 55.28 -66.64 -5.01
N GLU D 373 55.86 -67.55 -5.80
CA GLU D 373 56.21 -68.87 -5.31
C GLU D 373 57.59 -68.94 -4.67
N VAL D 374 58.59 -68.23 -5.20
CA VAL D 374 59.98 -68.43 -4.77
C VAL D 374 60.36 -67.46 -3.67
N VAL D 375 59.89 -66.22 -3.72
CA VAL D 375 60.42 -65.14 -2.89
C VAL D 375 60.00 -65.24 -1.42
N PRO D 376 58.74 -65.53 -1.07
CA PRO D 376 58.35 -65.55 0.36
C PRO D 376 59.19 -66.49 1.21
N PRO D 377 59.48 -67.72 0.76
CA PRO D 377 60.34 -68.59 1.60
C PRO D 377 61.73 -68.03 1.85
N VAL D 378 62.35 -67.42 0.83
CA VAL D 378 63.72 -66.93 0.98
C VAL D 378 63.80 -65.84 2.03
N LEU D 379 62.86 -64.88 2.00
CA LEU D 379 62.92 -63.73 2.90
C LEU D 379 62.82 -64.15 4.36
N THR D 380 62.01 -65.17 4.67
CA THR D 380 61.87 -65.60 6.05
C THR D 380 63.14 -66.26 6.56
N GLU D 381 63.85 -66.98 5.70
CA GLU D 381 65.08 -67.63 6.15
C GLU D 381 66.14 -66.61 6.57
N LEU D 382 66.19 -65.46 5.91
CA LEU D 382 67.14 -64.45 6.34
C LEU D 382 66.68 -63.71 7.58
N GLY D 383 65.37 -63.69 7.84
CA GLY D 383 64.82 -63.10 9.04
C GLY D 383 64.90 -61.60 9.17
N LYS D 384 65.27 -60.87 8.12
CA LYS D 384 65.33 -59.42 8.26
C LYS D 384 63.99 -58.74 7.96
N VAL D 385 63.03 -59.44 7.37
CA VAL D 385 61.71 -58.85 7.14
C VAL D 385 60.68 -59.79 7.75
N LYS D 386 59.70 -59.22 8.44
CA LYS D 386 58.72 -60.03 9.18
C LYS D 386 57.74 -60.71 8.24
N ASN D 387 57.06 -59.93 7.39
CA ASN D 387 56.00 -60.46 6.55
C ASN D 387 56.45 -60.48 5.10
N PRO D 388 56.60 -61.67 4.50
CA PRO D 388 57.17 -61.76 3.15
C PRO D 388 56.11 -61.71 2.07
N TRP D 389 55.00 -61.21 2.37
CA TRP D 389 53.98 -61.32 1.35
C TRP D 389 53.85 -60.03 0.54
N PRO D 390 53.50 -60.14 -0.73
CA PRO D 390 53.37 -58.94 -1.56
C PRO D 390 52.06 -58.21 -1.30
N ASN D 391 51.99 -57.00 -1.82
CA ASN D 391 50.79 -56.19 -1.74
C ASN D 391 50.26 -55.95 -3.15
N VAL D 392 49.20 -55.16 -3.25
CA VAL D 392 48.53 -54.94 -4.52
C VAL D 392 49.48 -54.33 -5.55
N ASP D 393 50.46 -53.54 -5.09
CA ASP D 393 51.37 -52.87 -6.00
C ASP D 393 52.33 -53.83 -6.70
N ALA D 394 52.47 -55.06 -6.18
CA ALA D 394 53.36 -56.04 -6.81
C ALA D 394 52.72 -56.72 -8.01
N HIS D 395 51.44 -56.50 -8.27
CA HIS D 395 50.73 -57.20 -9.32
C HIS D 395 49.98 -56.31 -10.31
N SER D 396 49.72 -55.06 -9.97
CA SER D 396 48.91 -54.20 -10.85
C SER D 396 49.66 -53.75 -12.09
N GLY D 397 50.98 -53.72 -12.05
CA GLY D 397 51.74 -53.20 -13.18
C GLY D 397 51.58 -54.03 -14.44
N VAL D 398 51.70 -55.36 -14.30
CA VAL D 398 51.67 -56.22 -15.49
C VAL D 398 50.29 -56.25 -16.13
N LEU D 399 49.23 -56.02 -15.35
CA LEU D 399 47.88 -56.01 -15.93
C LEU D 399 47.68 -54.78 -16.81
N LEU D 400 48.04 -53.60 -16.30
CA LEU D 400 47.97 -52.40 -17.11
C LEU D 400 48.91 -52.46 -18.31
N ASN D 401 50.13 -52.96 -18.09
CA ASN D 401 51.13 -53.02 -19.15
C ASN D 401 50.70 -53.98 -20.27
N HIS D 402 50.03 -55.07 -19.91
CA HIS D 402 49.67 -56.09 -20.90
C HIS D 402 48.76 -55.53 -21.98
N TYR D 403 47.77 -54.73 -21.60
CA TYR D 403 46.73 -54.26 -22.50
C TYR D 403 47.10 -52.99 -23.26
N GLY D 404 48.25 -52.40 -22.98
CA GLY D 404 48.70 -51.19 -23.67
C GLY D 404 48.94 -50.01 -22.75
N LEU D 405 48.47 -50.05 -21.51
CA LEU D 405 48.72 -48.99 -20.55
C LEU D 405 50.09 -49.27 -19.91
N THR D 406 51.13 -48.98 -20.69
CA THR D 406 52.50 -49.30 -20.30
C THR D 406 53.24 -48.12 -19.69
N GLU D 407 52.71 -46.91 -19.81
CA GLU D 407 53.40 -45.72 -19.34
C GLU D 407 53.33 -45.69 -17.82
N ALA D 408 54.31 -46.33 -17.18
CA ALA D 408 54.26 -46.51 -15.73
C ALA D 408 54.23 -45.18 -14.99
N ARG D 409 54.91 -44.15 -15.52
CA ARG D 409 54.93 -42.86 -14.85
C ARG D 409 53.52 -42.29 -14.66
N TYR D 410 52.57 -42.72 -15.48
CA TYR D 410 51.17 -42.31 -15.38
C TYR D 410 50.37 -43.11 -14.35
N TYR D 411 50.89 -44.26 -13.90
CA TYR D 411 50.10 -45.21 -13.10
C TYR D 411 49.52 -44.57 -11.85
N THR D 412 50.18 -43.56 -11.27
CA THR D 412 49.66 -42.96 -10.04
C THR D 412 48.41 -42.14 -10.31
N VAL D 413 48.23 -41.66 -11.54
CA VAL D 413 47.00 -40.95 -11.89
C VAL D 413 45.83 -41.91 -11.85
N LEU D 414 46.02 -43.15 -12.30
CA LEU D 414 45.00 -44.16 -12.17
C LEU D 414 44.67 -44.42 -10.69
N PHE D 415 45.71 -44.46 -9.85
CA PHE D 415 45.50 -44.56 -8.41
C PHE D 415 44.69 -43.37 -7.89
N GLY D 416 45.01 -42.16 -8.36
CA GLY D 416 44.31 -40.99 -7.89
C GLY D 416 42.84 -40.97 -8.27
N VAL D 417 42.54 -41.32 -9.52
CA VAL D 417 41.14 -41.40 -9.95
C VAL D 417 40.38 -42.40 -9.10
N SER D 418 41.01 -43.55 -8.81
CA SER D 418 40.37 -44.58 -8.00
C SER D 418 40.17 -44.09 -6.56
N ARG D 419 41.22 -43.51 -5.96
CA ARG D 419 41.16 -43.12 -4.56
C ARG D 419 40.21 -41.96 -4.31
N SER D 420 39.80 -41.24 -5.36
CA SER D 420 38.83 -40.17 -5.19
C SER D 420 37.50 -40.70 -4.65
N LEU D 421 37.16 -41.95 -4.98
CA LEU D 421 35.89 -42.52 -4.54
C LEU D 421 35.87 -42.67 -3.02
N GLY D 422 36.95 -43.18 -2.44
CA GLY D 422 37.00 -43.33 -0.99
C GLY D 422 37.15 -42.00 -0.27
N ILE D 423 37.99 -41.12 -0.80
CA ILE D 423 38.23 -39.83 -0.15
C ILE D 423 36.97 -38.98 -0.15
N CYS D 424 36.28 -38.90 -1.30
CA CYS D 424 35.07 -38.10 -1.38
C CYS D 424 33.94 -38.68 -0.53
N SER D 425 33.85 -40.00 -0.42
CA SER D 425 32.80 -40.61 0.39
C SER D 425 32.95 -40.22 1.86
N GLN D 426 34.18 -40.29 2.39
CA GLN D 426 34.41 -39.85 3.75
C GLN D 426 34.29 -38.34 3.87
N LEU D 427 34.68 -37.61 2.84
CA LEU D 427 34.57 -36.16 2.85
C LEU D 427 33.12 -35.72 2.98
N ILE D 428 32.18 -36.51 2.44
CA ILE D 428 30.77 -36.21 2.61
C ILE D 428 30.35 -36.45 4.05
N TRP D 429 30.80 -37.55 4.65
CA TRP D 429 30.41 -37.87 6.01
C TRP D 429 31.13 -36.97 7.02
N ASP D 430 32.30 -36.44 6.65
CA ASP D 430 32.96 -35.45 7.51
C ASP D 430 32.04 -34.26 7.75
N ARG D 431 31.34 -33.80 6.72
CA ARG D 431 30.41 -32.69 6.87
C ARG D 431 29.05 -33.15 7.40
N ALA D 432 28.64 -34.38 7.08
CA ALA D 432 27.39 -34.92 7.60
C ALA D 432 27.46 -35.10 9.12
N LEU D 433 28.57 -35.62 9.62
CA LEU D 433 28.76 -35.77 11.05
C LEU D 433 29.21 -34.49 11.74
N GLY D 434 29.43 -33.42 10.99
CA GLY D 434 29.86 -32.17 11.59
C GLY D 434 31.20 -32.26 12.28
N LEU D 435 32.12 -33.02 11.71
CA LEU D 435 33.43 -33.20 12.32
C LEU D 435 34.19 -31.89 12.34
N ALA D 436 34.92 -31.66 13.43
CA ALA D 436 35.53 -30.37 13.70
C ALA D 436 36.87 -30.23 12.96
N LEU D 437 37.45 -29.05 13.07
CA LEU D 437 38.78 -28.80 12.50
C LEU D 437 39.81 -29.65 13.22
N GLU D 438 40.73 -30.23 12.44
CA GLU D 438 41.77 -31.08 13.01
C GLU D 438 42.90 -30.21 13.55
N ARG D 439 43.12 -30.26 14.87
CA ARG D 439 44.08 -29.39 15.54
C ARG D 439 44.93 -30.17 16.54
N PRO D 440 45.86 -30.99 16.05
CA PRO D 440 46.87 -31.56 16.95
C PRO D 440 47.80 -30.46 17.44
N LYS D 441 48.33 -30.64 18.65
CA LYS D 441 49.25 -29.65 19.20
C LYS D 441 50.66 -29.91 18.73
N SER D 442 51.40 -28.82 18.52
CA SER D 442 52.79 -28.88 18.10
C SER D 442 53.72 -28.67 19.29
N VAL D 443 54.88 -29.32 19.24
CA VAL D 443 55.90 -29.20 20.28
C VAL D 443 57.27 -29.17 19.63
N THR D 444 58.26 -28.73 20.42
CA THR D 444 59.66 -28.67 19.99
C THR D 444 60.49 -29.67 20.78
N MET D 445 61.70 -29.93 20.27
CA MET D 445 62.62 -30.83 20.97
C MET D 445 63.04 -30.25 22.32
N ASP D 446 63.13 -28.93 22.43
CA ASP D 446 63.37 -28.31 23.73
C ASP D 446 62.25 -28.65 24.70
N TRP D 447 61.01 -28.66 24.22
CA TRP D 447 59.87 -28.99 25.06
C TRP D 447 59.88 -30.45 25.48
N LEU D 448 60.23 -31.35 24.55
CA LEU D 448 60.25 -32.78 24.87
C LEU D 448 61.32 -33.11 25.91
N GLU D 449 62.53 -32.58 25.73
CA GLU D 449 63.62 -32.87 26.66
C GLU D 449 63.34 -32.27 28.04
N ALA D 450 62.71 -31.10 28.08
CA ALA D 450 62.36 -30.50 29.36
C ALA D 450 61.17 -31.21 30.03
N HIS D 451 60.29 -31.79 29.24
CA HIS D 451 59.12 -32.47 29.79
C HIS D 451 59.47 -33.84 30.36
N CYS D 452 60.61 -34.41 30.00
CA CYS D 452 61.00 -35.73 30.50
C CYS D 452 61.87 -35.59 31.74
N LEU E 23 28.72 41.58 -22.32
CA LEU E 23 27.44 42.13 -22.76
C LEU E 23 26.51 40.99 -23.15
N ASP E 24 27.01 39.76 -23.02
CA ASP E 24 26.22 38.57 -23.32
C ASP E 24 25.85 37.89 -22.01
N LEU E 25 24.60 37.43 -21.92
CA LEU E 25 24.11 36.88 -20.67
C LEU E 25 24.72 35.52 -20.39
N LYS E 26 24.87 34.69 -21.44
CA LYS E 26 25.44 33.36 -21.27
C LYS E 26 26.91 33.45 -20.90
N SER E 27 27.63 34.44 -21.45
CA SER E 27 29.04 34.60 -21.13
C SER E 27 29.23 35.09 -19.70
N GLN E 28 28.38 36.01 -19.24
CA GLN E 28 28.45 36.45 -17.85
C GLN E 28 28.07 35.33 -16.90
N LEU E 29 27.02 34.58 -17.23
CA LEU E 29 26.61 33.46 -16.42
C LEU E 29 27.71 32.40 -16.33
N GLN E 30 28.40 32.15 -17.45
CA GLN E 30 29.46 31.15 -17.46
C GLN E 30 30.61 31.55 -16.54
N GLU E 31 30.93 32.85 -16.48
CA GLU E 31 32.05 33.30 -15.65
C GLU E 31 31.73 33.17 -14.16
N LEU E 32 30.47 33.36 -13.78
CA LEU E 32 30.11 33.40 -12.37
C LEU E 32 29.89 32.01 -11.78
N ILE E 33 29.74 31.00 -12.64
CA ILE E 33 29.42 29.64 -12.16
C ILE E 33 30.56 29.05 -11.33
N PRO E 34 31.83 29.04 -11.78
CA PRO E 34 32.86 28.32 -11.01
C PRO E 34 33.00 28.77 -9.56
N GLU E 35 32.86 30.07 -9.28
CA GLU E 35 32.96 30.53 -7.91
C GLU E 35 31.79 30.03 -7.07
N GLN E 36 30.58 30.08 -7.62
CA GLN E 36 29.42 29.58 -6.88
C GLN E 36 29.49 28.08 -6.69
N GLN E 37 30.10 27.35 -7.64
CA GLN E 37 30.33 25.92 -7.44
C GLN E 37 31.21 25.66 -6.23
N ASP E 38 32.25 26.49 -6.05
CA ASP E 38 33.12 26.33 -4.88
C ASP E 38 32.35 26.64 -3.60
N ARG E 39 31.47 27.64 -3.64
CA ARG E 39 30.65 27.96 -2.48
C ARG E 39 29.82 26.75 -2.04
N LEU E 40 29.24 26.03 -3.00
CA LEU E 40 28.43 24.87 -2.66
C LEU E 40 29.29 23.73 -2.13
N LYS E 41 30.39 23.43 -2.82
CA LYS E 41 31.27 22.35 -2.36
C LYS E 41 31.87 22.66 -0.99
N LYS E 42 32.25 23.92 -0.78
CA LYS E 42 32.80 24.31 0.53
C LYS E 42 31.75 24.17 1.62
N LEU E 43 30.49 24.44 1.29
CA LEU E 43 29.40 24.28 2.26
C LEU E 43 29.25 22.83 2.69
N LYS E 44 29.52 21.88 1.78
CA LYS E 44 29.39 20.46 2.14
C LYS E 44 30.53 20.04 3.07
N SER E 45 31.76 20.36 2.68
CA SER E 45 32.93 19.90 3.44
C SER E 45 33.00 20.54 4.82
N GLU E 46 32.81 21.85 4.90
CA GLU E 46 32.99 22.56 6.17
C GLU E 46 31.72 22.60 7.02
N HIS E 47 30.56 22.79 6.41
CA HIS E 47 29.33 23.00 7.18
C HIS E 47 28.24 22.00 6.80
N GLY E 48 28.59 20.88 6.18
CA GLY E 48 27.58 19.94 5.74
C GLY E 48 26.74 19.37 6.86
N LYS E 49 27.30 19.28 8.06
CA LYS E 49 26.59 18.70 9.20
C LYS E 49 26.02 19.75 10.14
N VAL E 50 26.13 21.03 9.81
CA VAL E 50 25.56 22.07 10.65
C VAL E 50 24.04 21.98 10.59
N GLN E 51 23.39 21.96 11.75
CA GLN E 51 21.95 21.80 11.83
C GLN E 51 21.23 23.15 11.74
N LEU E 52 20.13 23.17 10.98
CA LEU E 52 19.31 24.36 10.82
C LEU E 52 18.01 24.28 11.61
N GLY E 53 17.70 23.12 12.16
CA GLY E 53 16.49 22.95 12.93
C GLY E 53 16.24 21.47 13.17
N ASN E 54 15.05 21.19 13.68
CA ASN E 54 14.65 19.82 14.01
C ASN E 54 13.30 19.53 13.36
N ILE E 55 13.13 18.29 12.90
CA ILE E 55 11.88 17.83 12.29
C ILE E 55 10.98 17.23 13.35
N THR E 56 9.73 17.67 13.37
CA THR E 56 8.73 17.21 14.33
C THR E 56 7.55 16.60 13.57
N VAL E 57 6.68 15.93 14.33
CA VAL E 57 5.50 15.28 13.73
C VAL E 57 4.57 16.32 13.13
N ASP E 58 4.44 17.49 13.77
CA ASP E 58 3.60 18.55 13.24
C ASP E 58 4.04 18.96 11.84
N MET E 59 5.35 18.94 11.59
CA MET E 59 5.88 19.42 10.32
C MET E 59 5.62 18.43 9.20
N VAL E 60 5.80 17.13 9.45
CA VAL E 60 5.61 16.14 8.40
C VAL E 60 4.13 16.04 8.01
N ILE E 61 3.22 16.18 8.98
CA ILE E 61 1.80 16.11 8.68
C ILE E 61 1.23 17.46 8.28
N GLY E 62 1.94 18.56 8.54
CA GLY E 62 1.46 19.88 8.22
C GLY E 62 2.17 20.49 7.03
N GLY E 63 2.51 19.67 6.05
CA GLY E 63 3.12 20.14 4.82
C GLY E 63 4.46 20.80 4.99
N MET E 64 5.33 20.22 5.83
CA MET E 64 6.68 20.75 6.08
C MET E 64 6.65 22.19 6.56
N ARG E 65 5.59 22.59 7.25
CA ARG E 65 5.50 23.93 7.78
C ARG E 65 6.54 24.14 8.88
N GLY E 66 7.32 25.21 8.76
CA GLY E 66 8.38 25.49 9.70
C GLY E 66 9.65 24.72 9.45
N MET E 67 9.75 24.04 8.30
CA MET E 67 10.91 23.23 7.95
C MET E 67 11.71 23.96 6.88
N THR E 68 12.98 24.26 7.18
CA THR E 68 13.88 24.79 6.16
C THR E 68 14.31 23.63 5.28
N GLY E 69 13.83 23.60 4.04
CA GLY E 69 13.94 22.40 3.24
C GLY E 69 14.65 22.48 1.91
N LEU E 70 14.70 23.66 1.29
CA LEU E 70 15.24 23.77 -0.06
C LEU E 70 16.09 25.02 -0.20
N LEU E 71 16.85 25.06 -1.29
CA LEU E 71 17.80 26.13 -1.59
C LEU E 71 17.30 26.92 -2.79
N TRP E 72 17.07 28.22 -2.59
CA TRP E 72 16.58 29.10 -3.65
C TRP E 72 17.44 30.37 -3.63
N GLU E 73 18.23 30.57 -4.67
CA GLU E 73 19.24 31.61 -4.69
C GLU E 73 18.75 32.96 -5.19
N THR E 74 17.68 33.00 -5.99
CA THR E 74 17.32 34.24 -6.66
C THR E 74 16.72 35.27 -5.71
N SER E 75 16.08 34.84 -4.62
CA SER E 75 15.43 35.81 -3.74
C SER E 75 15.30 35.22 -2.33
N LEU E 76 15.14 36.13 -1.36
CA LEU E 76 14.95 35.78 0.03
C LEU E 76 14.21 36.92 0.71
N LEU E 77 13.29 36.58 1.62
CA LEU E 77 12.42 37.57 2.25
C LEU E 77 13.11 38.18 3.47
N ASP E 78 13.29 39.51 3.43
CA ASP E 78 13.80 40.26 4.58
C ASP E 78 12.65 40.65 5.49
N PRO E 79 12.68 40.29 6.78
CA PRO E 79 11.53 40.60 7.66
C PRO E 79 11.27 42.09 7.87
N GLU E 80 12.18 42.97 7.44
CA GLU E 80 12.02 44.41 7.57
C GLU E 80 11.85 45.13 6.24
N GLU E 81 12.56 44.69 5.20
CA GLU E 81 12.58 45.40 3.93
C GLU E 81 11.81 44.69 2.82
N GLY E 82 11.16 43.58 3.12
CA GLY E 82 10.39 42.86 2.12
C GLY E 82 11.24 41.86 1.36
N ILE E 83 10.71 41.45 0.21
CA ILE E 83 11.40 40.47 -0.64
C ILE E 83 12.62 41.13 -1.26
N ARG E 84 13.73 40.40 -1.33
CA ARG E 84 14.98 40.90 -1.87
C ARG E 84 15.39 40.07 -3.08
N PHE E 85 15.54 40.72 -4.22
CA PHE E 85 16.03 40.08 -5.43
C PHE E 85 17.56 40.17 -5.43
N ARG E 86 18.22 39.05 -5.13
CA ARG E 86 19.68 38.99 -5.04
C ARG E 86 20.24 40.00 -4.04
N GLY E 87 19.55 40.13 -2.90
CA GLY E 87 19.98 41.04 -1.86
C GLY E 87 19.52 42.48 -2.03
N LEU E 88 18.84 42.78 -3.14
CA LEU E 88 18.33 44.13 -3.40
C LEU E 88 16.84 44.15 -3.10
N SER E 89 16.43 45.05 -2.22
CA SER E 89 15.02 45.20 -1.91
C SER E 89 14.28 45.79 -3.11
N ILE E 90 12.96 45.85 -3.00
CA ILE E 90 12.15 46.42 -4.08
C ILE E 90 12.48 47.89 -4.31
N PRO E 91 12.53 48.76 -3.29
CA PRO E 91 12.91 50.15 -3.57
C PRO E 91 14.34 50.30 -4.09
N GLU E 92 15.26 49.47 -3.62
CA GLU E 92 16.61 49.50 -4.13
C GLU E 92 16.64 49.15 -5.62
N CYS E 93 15.81 48.20 -6.02
CA CYS E 93 15.71 47.84 -7.44
C CYS E 93 15.18 49.00 -8.27
N GLN E 94 14.23 49.77 -7.73
CA GLN E 94 13.68 50.90 -8.47
C GLN E 94 14.71 51.99 -8.73
N LYS E 95 15.77 52.07 -7.92
CA LYS E 95 16.78 53.09 -8.12
C LYS E 95 17.78 52.70 -9.21
N VAL E 96 18.19 51.43 -9.24
CA VAL E 96 19.31 51.01 -10.06
C VAL E 96 18.90 50.21 -11.29
N LEU E 97 17.68 49.71 -11.36
CA LEU E 97 17.29 48.94 -12.55
C LEU E 97 16.93 49.90 -13.68
N PRO E 98 17.50 49.71 -14.88
CA PRO E 98 17.16 50.59 -16.00
C PRO E 98 15.69 50.53 -16.37
N THR E 99 15.17 51.67 -16.81
CA THR E 99 13.79 51.80 -17.26
C THR E 99 13.78 52.07 -18.77
N ALA E 100 12.58 52.14 -19.33
CA ALA E 100 12.40 52.50 -20.72
C ALA E 100 12.68 54.00 -20.92
N GLN E 101 12.92 54.37 -22.17
CA GLN E 101 13.09 55.78 -22.51
C GLN E 101 11.82 56.55 -22.19
N SER E 102 11.97 57.65 -21.45
CA SER E 102 10.86 58.48 -20.99
C SER E 102 9.94 57.76 -20.02
N GLY E 103 10.41 56.66 -19.44
CA GLY E 103 9.62 55.87 -18.51
C GLY E 103 10.22 55.80 -17.12
N ALA E 104 9.41 55.37 -16.14
CA ALA E 104 9.84 55.31 -14.75
C ALA E 104 9.80 53.92 -14.14
N GLU E 105 9.25 52.91 -14.85
CA GLU E 105 9.20 51.63 -14.15
C GLU E 105 10.38 50.75 -14.54
N PRO E 106 10.84 49.90 -13.61
CA PRO E 106 12.03 49.07 -13.90
C PRO E 106 11.73 48.04 -14.98
N LEU E 107 12.65 47.91 -15.93
CA LEU E 107 12.45 46.96 -17.01
C LEU E 107 12.62 45.54 -16.47
N PRO E 108 11.70 44.62 -16.76
CA PRO E 108 11.86 43.24 -16.28
C PRO E 108 13.11 42.56 -16.83
N GLU E 109 13.60 42.98 -17.99
CA GLU E 109 14.84 42.40 -18.52
C GLU E 109 16.00 42.63 -17.55
N GLY E 110 16.12 43.85 -17.01
CA GLY E 110 17.15 44.12 -16.04
C GLY E 110 16.99 43.29 -14.78
N LEU E 111 15.74 43.09 -14.35
CA LEU E 111 15.48 42.19 -13.23
C LEU E 111 15.92 40.77 -13.56
N LEU E 112 15.59 40.29 -14.76
CA LEU E 112 16.01 38.96 -15.17
C LEU E 112 17.53 38.86 -15.17
N TRP E 113 18.20 39.89 -15.66
CA TRP E 113 19.66 39.94 -15.58
C TRP E 113 20.12 39.88 -14.13
N LEU E 114 19.44 40.60 -13.24
CA LEU E 114 19.84 40.65 -11.84
C LEU E 114 19.70 39.27 -11.19
N LEU E 115 18.59 38.58 -11.44
CA LEU E 115 18.38 37.28 -10.82
C LEU E 115 19.39 36.25 -11.30
N LEU E 116 19.72 36.28 -12.60
CA LEU E 116 20.62 35.27 -13.15
C LEU E 116 22.06 35.52 -12.73
N THR E 117 22.52 36.76 -12.80
CA THR E 117 23.93 37.06 -12.55
C THR E 117 24.23 37.59 -11.15
N GLY E 118 23.23 38.14 -10.48
CA GLY E 118 23.46 38.80 -9.20
C GLY E 118 24.02 40.21 -9.30
N LYS E 119 24.19 40.74 -10.51
CA LYS E 119 24.75 42.06 -10.72
C LYS E 119 23.73 42.93 -11.45
N VAL E 120 23.71 44.22 -11.12
CA VAL E 120 22.82 45.16 -11.79
C VAL E 120 23.33 45.40 -13.21
N PRO E 121 22.47 45.31 -14.23
CA PRO E 121 22.94 45.47 -15.60
C PRO E 121 22.99 46.93 -16.03
N SER E 122 23.84 47.19 -17.01
CA SER E 122 23.90 48.51 -17.62
C SER E 122 22.70 48.69 -18.56
N LYS E 123 22.55 49.92 -19.05
CA LYS E 123 21.48 50.18 -20.01
C LYS E 123 21.70 49.42 -21.31
N GLU E 124 22.95 49.23 -21.71
CA GLU E 124 23.23 48.51 -22.95
C GLU E 124 22.98 47.01 -22.77
N GLN E 125 23.32 46.48 -21.60
CA GLN E 125 23.08 45.06 -21.32
C GLN E 125 21.59 44.75 -21.30
N VAL E 126 20.78 45.69 -20.81
CA VAL E 126 19.33 45.50 -20.83
C VAL E 126 18.81 45.49 -22.26
N GLU E 127 19.34 46.38 -23.10
CA GLU E 127 18.92 46.42 -24.50
C GLU E 127 19.30 45.15 -25.24
N ALA E 128 20.47 44.59 -24.93
CA ALA E 128 20.89 43.35 -25.56
C ALA E 128 19.95 42.20 -25.20
N LEU E 129 19.57 42.09 -23.92
CA LEU E 129 18.67 41.02 -23.51
C LEU E 129 17.26 41.23 -24.08
N SER E 130 16.85 42.48 -24.27
CA SER E 130 15.53 42.74 -24.85
C SER E 130 15.46 42.28 -26.30
N LYS E 131 16.50 42.59 -27.09
CA LYS E 131 16.52 42.13 -28.48
C LYS E 131 16.71 40.63 -28.56
N ASP E 132 17.47 40.05 -27.63
CA ASP E 132 17.62 38.60 -27.57
C ASP E 132 16.29 37.92 -27.32
N LEU E 133 15.54 38.39 -26.32
CA LEU E 133 14.22 37.82 -26.04
C LEU E 133 13.29 37.94 -27.23
N ALA E 134 13.30 39.10 -27.88
CA ALA E 134 12.41 39.31 -29.03
C ALA E 134 12.70 38.33 -30.15
N ASN E 135 13.97 37.95 -30.34
CA ASN E 135 14.34 37.00 -31.38
C ASN E 135 14.04 35.56 -30.99
N ARG E 136 13.93 35.27 -29.69
CA ARG E 136 13.61 33.93 -29.22
C ARG E 136 12.11 33.68 -29.10
N ALA E 137 11.28 34.66 -29.45
CA ALA E 137 9.84 34.61 -29.21
C ALA E 137 9.06 33.91 -30.33
N ALA E 138 9.74 33.14 -31.18
CA ALA E 138 9.05 32.44 -32.26
C ALA E 138 8.29 31.24 -31.72
N VAL E 139 7.01 31.14 -32.08
CA VAL E 139 6.13 30.08 -31.60
C VAL E 139 5.56 29.35 -32.82
N PRO E 140 5.77 28.04 -32.94
CA PRO E 140 5.21 27.32 -34.09
C PRO E 140 3.69 27.23 -34.03
N ASP E 141 3.10 26.93 -35.20
CA ASP E 141 1.64 26.99 -35.34
C ASP E 141 0.93 25.88 -34.60
N TYR E 142 1.59 24.73 -34.37
CA TYR E 142 0.90 23.65 -33.65
C TYR E 142 0.70 23.99 -32.18
N VAL E 143 1.43 24.99 -31.66
CA VAL E 143 1.17 25.46 -30.31
C VAL E 143 -0.17 26.18 -30.25
N TYR E 144 -0.44 27.05 -31.23
CA TYR E 144 -1.74 27.68 -31.30
C TYR E 144 -2.84 26.66 -31.58
N ASN E 145 -2.54 25.66 -32.42
CA ASN E 145 -3.49 24.59 -32.67
C ASN E 145 -3.79 23.82 -31.39
N ALA E 146 -2.76 23.55 -30.59
CA ALA E 146 -2.97 22.85 -29.32
C ALA E 146 -3.93 23.62 -28.42
N ILE E 147 -3.79 24.95 -28.38
CA ILE E 147 -4.69 25.76 -27.57
C ILE E 147 -6.10 25.76 -28.15
N ASP E 148 -6.21 25.92 -29.48
CA ASP E 148 -7.52 26.00 -30.10
C ASP E 148 -8.30 24.70 -30.02
N ALA E 149 -7.62 23.57 -29.84
CA ALA E 149 -8.32 22.30 -29.73
C ALA E 149 -9.13 22.21 -28.44
N LEU E 150 -8.68 22.88 -27.38
CA LEU E 150 -9.45 22.92 -26.15
C LEU E 150 -10.70 23.78 -26.35
N PRO E 151 -11.79 23.46 -25.64
CA PRO E 151 -12.97 24.32 -25.70
C PRO E 151 -12.73 25.65 -25.01
N SER E 152 -13.57 26.63 -25.37
CA SER E 152 -13.49 27.95 -24.75
C SER E 152 -13.78 27.88 -23.25
N THR E 153 -14.46 26.83 -22.80
CA THR E 153 -14.77 26.69 -21.39
C THR E 153 -13.54 26.31 -20.56
N ALA E 154 -12.43 25.97 -21.21
CA ALA E 154 -11.22 25.60 -20.47
C ALA E 154 -10.71 26.80 -19.67
N HIS E 155 -10.23 26.52 -18.47
CA HIS E 155 -9.67 27.56 -17.61
C HIS E 155 -8.49 28.22 -18.32
N PRO E 156 -8.33 29.54 -18.21
CA PRO E 156 -7.19 30.18 -18.87
C PRO E 156 -5.84 29.61 -18.44
N MET E 157 -5.71 29.19 -17.18
CA MET E 157 -4.48 28.54 -16.75
C MET E 157 -4.30 27.19 -17.44
N THR E 158 -5.40 26.49 -17.75
CA THR E 158 -5.29 25.22 -18.47
C THR E 158 -4.84 25.43 -19.91
N GLN E 159 -5.44 26.40 -20.61
CA GLN E 159 -5.02 26.71 -21.96
C GLN E 159 -3.59 27.22 -21.98
N PHE E 160 -3.21 27.99 -20.97
CA PHE E 160 -1.82 28.45 -20.85
C PHE E 160 -0.87 27.27 -20.66
N ALA E 161 -1.19 26.39 -19.71
CA ALA E 161 -0.32 25.25 -19.44
C ALA E 161 -0.27 24.27 -20.61
N SER E 162 -1.40 24.07 -21.30
CA SER E 162 -1.40 23.20 -22.47
C SER E 162 -0.53 23.77 -23.58
N GLY E 163 -0.51 25.10 -23.72
CA GLY E 163 0.36 25.72 -24.71
C GLY E 163 1.83 25.55 -24.37
N VAL E 164 2.17 25.60 -23.09
CA VAL E 164 3.56 25.41 -22.66
C VAL E 164 4.01 23.98 -22.96
N MET E 165 3.12 23.01 -22.80
CA MET E 165 3.45 21.62 -23.16
C MET E 165 3.75 21.50 -24.65
N ALA E 166 3.04 22.28 -25.47
CA ALA E 166 3.35 22.29 -26.90
C ALA E 166 4.72 22.89 -27.18
N LEU E 167 5.12 23.89 -26.38
CA LEU E 167 6.46 24.44 -26.51
C LEU E 167 7.54 23.42 -26.14
N GLN E 168 7.19 22.42 -25.35
CA GLN E 168 8.18 21.43 -24.92
C GLN E 168 8.70 20.60 -26.08
N VAL E 169 7.95 20.49 -27.18
CA VAL E 169 8.40 19.68 -28.31
C VAL E 169 9.71 20.20 -28.86
N GLN E 170 9.95 21.51 -28.78
CA GLN E 170 11.19 22.11 -29.23
C GLN E 170 12.21 22.25 -28.11
N SER E 171 12.11 21.45 -27.06
CA SER E 171 13.03 21.55 -25.93
C SER E 171 14.44 21.16 -26.38
N GLU E 172 15.40 22.02 -26.09
CA GLU E 172 16.79 21.75 -26.43
C GLU E 172 17.55 21.00 -25.35
N PHE E 173 17.08 21.06 -24.10
CA PHE E 173 17.73 20.28 -23.05
C PHE E 173 17.37 18.81 -23.15
N GLN E 174 16.16 18.48 -23.60
CA GLN E 174 15.78 17.09 -23.73
C GLN E 174 16.61 16.39 -24.80
N LYS E 175 16.79 17.02 -25.96
CA LYS E 175 17.59 16.39 -27.01
C LYS E 175 19.07 16.37 -26.63
N ALA E 176 19.55 17.41 -25.97
CA ALA E 176 20.95 17.43 -25.54
C ALA E 176 21.23 16.32 -24.55
N TYR E 177 20.29 16.06 -23.62
CA TYR E 177 20.47 14.96 -22.69
C TYR E 177 20.41 13.62 -23.40
N GLU E 178 19.53 13.49 -24.39
CA GLU E 178 19.45 12.27 -25.17
C GLU E 178 20.72 12.03 -25.98
N ASN E 179 21.42 13.09 -26.36
CA ASN E 179 22.68 13.00 -27.07
C ASN E 179 23.87 12.87 -26.11
N GLY E 180 23.62 12.73 -24.82
CA GLY E 180 24.67 12.46 -23.86
C GLY E 180 25.57 13.64 -23.56
N ILE E 181 24.99 14.83 -23.36
CA ILE E 181 25.79 15.96 -22.94
C ILE E 181 26.32 15.72 -21.53
N HIS E 182 27.47 16.30 -21.23
CA HIS E 182 28.11 16.08 -19.93
C HIS E 182 27.30 16.77 -18.83
N LYS E 183 27.43 16.23 -17.61
CA LYS E 183 26.68 16.78 -16.49
C LYS E 183 27.09 18.22 -16.22
N SER E 184 28.37 18.53 -16.37
CA SER E 184 28.87 19.88 -16.09
C SER E 184 28.39 20.92 -17.09
N LYS E 185 27.77 20.52 -18.19
CA LYS E 185 27.24 21.47 -19.18
C LYS E 185 25.72 21.45 -19.24
N PHE E 186 25.05 20.86 -18.24
CA PHE E 186 23.59 20.81 -18.27
C PHE E 186 22.98 22.20 -18.30
N TRP E 187 23.63 23.18 -17.66
CA TRP E 187 23.05 24.51 -17.57
C TRP E 187 22.97 25.20 -18.92
N GLU E 188 23.84 24.82 -19.86
CA GLU E 188 23.86 25.51 -21.15
C GLU E 188 22.58 25.29 -21.95
N PRO E 189 22.12 24.06 -22.22
CA PRO E 189 20.81 23.92 -22.88
C PRO E 189 19.65 24.28 -21.98
N THR E 190 19.81 24.14 -20.65
CA THR E 190 18.80 24.65 -19.73
C THR E 190 18.65 26.16 -19.88
N TYR E 191 19.77 26.86 -20.03
CA TYR E 191 19.73 28.30 -20.29
C TYR E 191 18.98 28.60 -21.57
N GLU E 192 19.24 27.83 -22.64
CA GLU E 192 18.58 28.07 -23.91
C GLU E 192 17.07 27.86 -23.80
N ASP E 193 16.66 26.80 -23.09
CA ASP E 193 15.23 26.56 -22.92
C ASP E 193 14.58 27.63 -22.07
N CYS E 194 15.26 28.07 -21.01
CA CYS E 194 14.71 29.10 -20.14
C CYS E 194 14.54 30.42 -20.90
N LEU E 195 15.57 30.86 -21.62
CA LEU E 195 15.46 32.11 -22.37
C LEU E 195 14.42 32.00 -23.47
N ASN E 196 14.31 30.83 -24.11
CA ASN E 196 13.25 30.62 -25.08
C ASN E 196 11.88 30.54 -24.40
N LEU E 197 11.80 29.88 -23.25
CA LEU E 197 10.52 29.79 -22.55
C LEU E 197 10.05 31.18 -22.11
N ILE E 198 10.95 31.95 -21.49
CA ILE E 198 10.60 33.30 -21.05
C ILE E 198 10.21 34.18 -22.22
N ALA E 199 10.86 34.00 -23.37
CA ALA E 199 10.57 34.82 -24.53
C ALA E 199 9.21 34.47 -25.14
N ARG E 200 8.85 33.19 -25.13
CA ARG E 200 7.66 32.71 -25.81
C ARG E 200 6.43 32.67 -24.91
N VAL E 201 6.62 32.56 -23.59
CA VAL E 201 5.47 32.47 -22.69
C VAL E 201 4.54 33.67 -22.81
N PRO E 202 5.01 34.91 -23.00
CA PRO E 202 4.04 35.99 -23.25
C PRO E 202 3.29 35.83 -24.56
N VAL E 203 3.95 35.30 -25.60
CA VAL E 203 3.27 35.08 -26.88
C VAL E 203 2.12 34.10 -26.70
N VAL E 204 2.36 33.00 -25.98
CA VAL E 204 1.32 32.01 -25.73
C VAL E 204 0.24 32.58 -24.81
N ALA E 205 0.66 33.28 -23.75
CA ALA E 205 -0.31 33.82 -22.79
C ALA E 205 -1.22 34.84 -23.44
N ALA E 206 -0.68 35.71 -24.29
CA ALA E 206 -1.50 36.69 -24.98
C ALA E 206 -2.46 36.03 -25.95
N TYR E 207 -2.04 34.93 -26.58
CA TYR E 207 -2.93 34.22 -27.50
C TYR E 207 -4.14 33.67 -26.78
N VAL E 208 -3.95 33.11 -25.57
CA VAL E 208 -5.08 32.63 -24.79
C VAL E 208 -6.00 33.78 -24.42
N TYR E 209 -5.43 34.94 -24.11
CA TYR E 209 -6.24 36.10 -23.74
C TYR E 209 -7.07 36.58 -24.94
N ARG E 210 -6.44 36.69 -26.10
CA ARG E 210 -7.15 37.12 -27.30
C ARG E 210 -8.20 36.08 -27.73
N ARG E 211 -7.93 34.80 -27.46
CA ARG E 211 -8.88 33.76 -27.89
C ARG E 211 -10.15 33.77 -27.05
N MET E 212 -10.01 33.89 -25.73
CA MET E 212 -11.18 33.78 -24.85
C MET E 212 -12.00 35.07 -24.81
N TYR E 213 -11.38 36.22 -25.01
CA TYR E 213 -12.04 37.49 -24.78
C TYR E 213 -12.00 38.45 -25.96
N LYS E 214 -11.20 38.17 -26.99
CA LYS E 214 -11.11 39.04 -28.16
C LYS E 214 -11.39 38.27 -29.45
N ASN E 215 -12.15 37.18 -29.34
CA ASN E 215 -12.61 36.39 -30.48
C ASN E 215 -11.44 35.92 -31.35
N GLY E 216 -10.38 35.44 -30.71
CA GLY E 216 -9.26 34.91 -31.45
C GLY E 216 -8.52 35.92 -32.30
N ASP E 217 -8.71 37.20 -32.03
CA ASP E 217 -8.04 38.27 -32.78
C ASP E 217 -6.62 38.41 -32.25
N SER E 218 -5.76 37.50 -32.68
CA SER E 218 -4.39 37.46 -32.20
C SER E 218 -3.59 38.63 -32.75
N ILE E 219 -2.64 39.10 -31.93
CA ILE E 219 -1.75 40.19 -32.29
C ILE E 219 -0.33 39.64 -32.27
N PRO E 220 0.42 39.74 -33.37
CA PRO E 220 1.75 39.14 -33.40
C PRO E 220 2.73 39.93 -32.55
N SER E 221 3.84 39.28 -32.22
CA SER E 221 4.87 39.92 -31.42
C SER E 221 5.62 40.98 -32.23
N ASP E 222 6.02 42.04 -31.54
CA ASP E 222 6.79 43.13 -32.13
C ASP E 222 8.20 43.06 -31.55
N LYS E 223 9.18 42.78 -32.42
CA LYS E 223 10.56 42.65 -31.97
C LYS E 223 11.21 43.98 -31.62
N SER E 224 10.55 45.11 -31.91
CA SER E 224 11.12 46.40 -31.54
C SER E 224 10.84 46.75 -30.09
N LEU E 225 9.78 46.21 -29.51
CA LEU E 225 9.38 46.57 -28.16
C LEU E 225 10.18 45.78 -27.13
N ASP E 226 10.17 46.26 -25.89
CA ASP E 226 10.80 45.52 -24.81
C ASP E 226 9.84 44.44 -24.30
N TYR E 227 10.29 43.68 -23.30
CA TYR E 227 9.56 42.50 -22.86
C TYR E 227 8.17 42.88 -22.34
N GLY E 228 8.12 43.77 -21.34
CA GLY E 228 6.84 44.15 -20.78
C GLY E 228 5.95 44.85 -21.77
N ALA E 229 6.54 45.67 -22.65
CA ALA E 229 5.74 46.39 -23.65
C ALA E 229 5.18 45.44 -24.71
N ASN E 230 5.96 44.44 -25.12
CA ASN E 230 5.49 43.50 -26.13
C ASN E 230 4.35 42.64 -25.60
N PHE E 231 4.42 42.25 -24.33
CA PHE E 231 3.33 41.48 -23.73
C PHE E 231 2.06 42.32 -23.68
N SER E 232 2.19 43.57 -23.23
CA SER E 232 1.06 44.49 -23.22
C SER E 232 0.51 44.70 -24.63
N HIS E 233 1.40 44.78 -25.62
CA HIS E 233 0.97 44.98 -27.00
C HIS E 233 0.21 43.77 -27.53
N MET E 234 0.73 42.57 -27.28
CA MET E 234 0.08 41.35 -27.77
C MET E 234 -1.24 41.08 -27.05
N LEU E 235 -1.41 41.59 -25.84
CA LEU E 235 -2.69 41.48 -25.15
C LEU E 235 -3.74 42.41 -25.73
N GLY E 236 -3.33 43.43 -26.48
CA GLY E 236 -4.25 44.41 -27.02
C GLY E 236 -4.24 45.75 -26.32
N PHE E 237 -3.20 46.06 -25.56
CA PHE E 237 -3.09 47.30 -24.79
C PHE E 237 -1.84 48.03 -25.26
N ASP E 238 -2.03 49.05 -26.09
CA ASP E 238 -0.93 49.84 -26.64
C ASP E 238 -0.65 51.12 -25.88
N ASP E 239 -1.46 51.44 -24.86
CA ASP E 239 -1.24 52.65 -24.09
C ASP E 239 0.12 52.61 -23.41
N GLU E 240 0.78 53.78 -23.36
CA GLU E 240 2.11 53.85 -22.76
C GLU E 240 2.06 53.60 -21.25
N LYS E 241 0.95 53.93 -20.60
CA LYS E 241 0.85 53.71 -19.17
C LYS E 241 0.61 52.24 -18.84
N VAL E 242 -0.02 51.50 -19.75
CA VAL E 242 -0.22 50.08 -19.53
C VAL E 242 1.10 49.34 -19.69
N LYS E 243 1.90 49.74 -20.67
CA LYS E 243 3.24 49.18 -20.83
C LYS E 243 4.06 49.41 -19.57
N GLU E 244 3.99 50.61 -19.00
CA GLU E 244 4.65 50.88 -17.73
C GLU E 244 4.11 49.98 -16.62
N LEU E 245 2.79 49.77 -16.61
CA LEU E 245 2.19 48.87 -15.62
C LEU E 245 2.68 47.44 -15.81
N MET E 246 2.73 46.98 -17.06
CA MET E 246 3.16 45.61 -17.30
C MET E 246 4.63 45.43 -16.97
N ARG E 247 5.45 46.46 -17.20
CA ARG E 247 6.84 46.40 -16.77
C ARG E 247 6.95 46.26 -15.26
N LEU E 248 6.14 47.02 -14.51
CA LEU E 248 6.20 46.94 -13.05
C LEU E 248 5.58 45.65 -12.55
N TYR E 249 4.49 45.20 -13.18
CA TYR E 249 3.84 43.98 -12.73
C TYR E 249 4.73 42.77 -12.90
N ILE E 250 5.32 42.60 -14.09
CA ILE E 250 6.19 41.46 -14.35
C ILE E 250 7.40 41.48 -13.43
N THR E 251 7.92 42.67 -13.13
CA THR E 251 9.14 42.78 -12.33
C THR E 251 8.88 42.41 -10.87
N ILE E 252 7.79 42.91 -10.29
CA ILE E 252 7.58 42.72 -8.85
C ILE E 252 7.00 41.36 -8.51
N HIS E 253 6.33 40.70 -9.46
CA HIS E 253 5.81 39.35 -9.28
C HIS E 253 6.78 38.29 -9.77
N SER E 254 7.99 38.68 -10.16
CA SER E 254 8.87 37.78 -10.90
C SER E 254 9.35 36.62 -10.04
N ASP E 255 9.59 36.85 -8.75
CA ASP E 255 10.15 35.80 -7.92
C ASP E 255 9.82 36.12 -6.47
N HIS E 256 9.73 35.07 -5.66
CA HIS E 256 9.45 35.22 -4.23
C HIS E 256 9.80 33.94 -3.50
N GLU E 257 11.09 33.66 -3.34
CA GLU E 257 11.60 32.47 -2.67
C GLU E 257 11.18 31.19 -3.42
N GLY E 258 11.47 30.03 -2.83
CA GLY E 258 11.17 28.77 -3.47
C GLY E 258 10.21 27.89 -2.70
N GLY E 259 9.71 28.38 -1.56
CA GLY E 259 8.80 27.58 -0.76
C GLY E 259 7.37 27.54 -1.28
N ASN E 260 6.98 28.52 -2.09
CA ASN E 260 5.63 28.52 -2.64
C ASN E 260 5.46 27.35 -3.61
N VAL E 261 4.19 26.99 -3.83
CA VAL E 261 3.89 25.74 -4.54
C VAL E 261 4.42 25.77 -5.96
N SER E 262 4.24 26.90 -6.66
CA SER E 262 4.66 26.95 -8.07
C SER E 262 6.17 26.89 -8.20
N ALA E 263 6.89 27.69 -7.39
CA ALA E 263 8.34 27.66 -7.43
C ALA E 263 8.89 26.31 -6.97
N HIS E 264 8.36 25.77 -5.88
CA HIS E 264 8.78 24.46 -5.42
C HIS E 264 8.50 23.38 -6.46
N THR E 265 7.33 23.45 -7.10
CA THR E 265 6.96 22.44 -8.10
C THR E 265 7.96 22.41 -9.26
N GLY E 266 8.21 23.58 -9.88
CA GLY E 266 9.13 23.62 -10.99
C GLY E 266 10.53 23.15 -10.62
N HIS E 267 11.00 23.54 -9.43
CA HIS E 267 12.28 23.04 -8.94
C HIS E 267 12.24 21.54 -8.68
N LEU E 268 11.10 21.03 -8.22
CA LEU E 268 10.97 19.62 -7.92
C LEU E 268 10.96 18.78 -9.19
N VAL E 269 10.16 19.18 -10.18
CA VAL E 269 10.14 18.45 -11.44
C VAL E 269 11.48 18.57 -12.16
N GLY E 270 12.15 19.73 -12.02
CA GLY E 270 13.44 19.91 -12.65
C GLY E 270 14.54 19.06 -12.03
N SER E 271 14.37 18.68 -10.76
CA SER E 271 15.38 17.85 -10.10
C SER E 271 15.48 16.47 -10.73
N ALA E 272 14.41 16.00 -11.37
CA ALA E 272 14.45 14.77 -12.15
C ALA E 272 15.03 14.97 -13.53
N LEU E 273 15.60 16.15 -13.79
CA LEU E 273 16.21 16.51 -15.08
C LEU E 273 15.19 16.61 -16.20
N SER E 274 13.96 17.00 -15.88
CA SER E 274 13.02 17.43 -16.90
C SER E 274 13.35 18.84 -17.34
N ASP E 275 13.11 19.12 -18.62
CA ASP E 275 13.46 20.41 -19.18
C ASP E 275 12.56 21.51 -18.61
N PRO E 276 12.97 22.77 -18.71
CA PRO E 276 12.18 23.85 -18.10
C PRO E 276 10.74 23.93 -18.58
N TYR E 277 10.44 23.49 -19.81
CA TYR E 277 9.06 23.53 -20.27
C TYR E 277 8.17 22.60 -19.43
N LEU E 278 8.68 21.41 -19.12
CA LEU E 278 7.92 20.48 -18.28
C LEU E 278 7.82 20.99 -16.85
N SER E 279 8.91 21.56 -16.33
CA SER E 279 8.89 22.07 -14.95
C SER E 279 7.95 23.26 -14.81
N PHE E 280 7.94 24.16 -15.80
CA PHE E 280 7.11 25.34 -15.71
C PHE E 280 5.64 25.00 -15.93
N ALA E 281 5.35 24.06 -16.82
CA ALA E 281 3.97 23.61 -17.00
C ALA E 281 3.42 23.00 -15.73
N ALA E 282 4.24 22.21 -15.02
CA ALA E 282 3.83 21.72 -13.72
C ALA E 282 3.70 22.85 -12.71
N ALA E 283 4.58 23.85 -12.81
CA ALA E 283 4.48 25.01 -11.93
C ALA E 283 3.17 25.76 -12.12
N LEU E 284 2.71 25.87 -13.38
CA LEU E 284 1.44 26.53 -13.64
C LEU E 284 0.28 25.76 -13.01
N ASN E 285 0.30 24.43 -13.11
CA ASN E 285 -0.76 23.62 -12.50
C ASN E 285 -0.80 23.79 -10.98
N GLY E 286 0.36 23.97 -10.34
CA GLY E 286 0.36 24.32 -8.94
C GLY E 286 -0.07 25.76 -8.70
N LEU E 287 0.37 26.67 -9.57
CA LEU E 287 -0.02 28.06 -9.47
C LEU E 287 -1.52 28.24 -9.69
N ALA E 288 -2.15 27.33 -10.44
CA ALA E 288 -3.58 27.41 -10.67
C ALA E 288 -4.40 27.06 -9.44
N GLY E 289 -3.76 26.55 -8.38
CA GLY E 289 -4.44 26.18 -7.17
C GLY E 289 -5.04 27.39 -6.46
N PRO E 290 -6.29 27.28 -6.03
CA PRO E 290 -6.96 28.40 -5.34
C PRO E 290 -6.20 28.94 -4.14
N LEU E 291 -5.40 28.13 -3.47
CA LEU E 291 -4.61 28.61 -2.34
C LEU E 291 -3.30 29.27 -2.77
N HIS E 292 -3.11 29.50 -4.06
CA HIS E 292 -1.82 30.01 -4.53
C HIS E 292 -1.94 31.19 -5.48
N GLY E 293 -2.86 31.15 -6.43
CA GLY E 293 -2.88 32.19 -7.45
C GLY E 293 -4.22 32.86 -7.68
N LEU E 294 -5.01 33.04 -6.62
CA LEU E 294 -6.31 33.69 -6.73
C LEU E 294 -6.48 34.88 -5.80
N ALA E 295 -5.46 35.23 -5.01
CA ALA E 295 -5.59 36.35 -4.08
C ALA E 295 -5.80 37.67 -4.81
N ASN E 296 -5.16 37.84 -5.97
CA ASN E 296 -5.35 39.04 -6.78
C ASN E 296 -6.83 39.26 -7.11
N GLN E 297 -7.53 38.19 -7.46
CA GLN E 297 -8.93 38.30 -7.87
C GLN E 297 -9.87 38.50 -6.69
N GLU E 298 -9.58 37.88 -5.55
CA GLU E 298 -10.46 37.99 -4.40
C GLU E 298 -10.52 39.43 -3.88
N VAL E 299 -9.38 40.13 -3.88
CA VAL E 299 -9.37 41.51 -3.42
C VAL E 299 -10.17 42.39 -4.37
N LEU E 300 -9.96 42.23 -5.68
CA LEU E 300 -10.66 43.04 -6.65
C LEU E 300 -12.16 42.78 -6.61
N LEU E 301 -12.56 41.52 -6.53
CA LEU E 301 -13.99 41.19 -6.47
C LEU E 301 -14.61 41.70 -5.17
N TRP E 302 -13.85 41.64 -4.07
CA TRP E 302 -14.34 42.15 -2.79
C TRP E 302 -14.50 43.66 -2.83
N ILE E 303 -13.49 44.35 -3.37
CA ILE E 303 -13.53 45.81 -3.47
C ILE E 303 -14.66 46.25 -4.38
N LYS E 304 -14.95 45.48 -5.43
CA LYS E 304 -16.07 45.81 -6.31
C LYS E 304 -17.39 45.73 -5.57
N SER E 305 -17.51 44.78 -4.63
CA SER E 305 -18.74 44.65 -3.84
C SER E 305 -18.86 45.76 -2.81
N VAL E 306 -17.75 46.31 -2.33
CA VAL E 306 -17.81 47.38 -1.34
C VAL E 306 -18.39 48.65 -1.96
N VAL E 307 -17.97 48.98 -3.18
CA VAL E 307 -18.52 50.16 -3.86
C VAL E 307 -19.98 49.95 -4.24
N GLU E 308 -20.40 48.69 -4.42
CA GLU E 308 -21.79 48.41 -4.74
C GLU E 308 -22.67 48.47 -3.50
N GLU E 309 -22.15 48.02 -2.35
CA GLU E 309 -22.93 48.05 -1.12
C GLU E 309 -22.93 49.43 -0.47
N CYS E 310 -21.87 50.22 -0.67
CA CYS E 310 -21.70 51.47 0.05
C CYS E 310 -21.64 52.70 -0.84
N GLY E 311 -21.73 52.56 -2.16
CA GLY E 311 -21.65 53.69 -3.06
C GLY E 311 -20.21 54.01 -3.47
N GLU E 312 -20.09 54.91 -4.45
CA GLU E 312 -18.78 55.22 -5.01
C GLU E 312 -17.99 56.16 -4.10
N ASP E 313 -18.64 57.19 -3.55
CA ASP E 313 -17.96 58.21 -2.74
C ASP E 313 -18.19 57.89 -1.27
N ILE E 314 -17.40 56.93 -0.78
CA ILE E 314 -17.46 56.56 0.63
C ILE E 314 -16.41 57.39 1.38
N SER E 315 -16.86 58.03 2.46
CA SER E 315 -15.93 58.77 3.30
C SER E 315 -15.04 57.79 4.06
N LYS E 316 -13.92 58.31 4.56
CA LYS E 316 -13.06 57.45 5.37
C LYS E 316 -13.77 56.97 6.63
N GLU E 317 -14.66 57.78 7.18
CA GLU E 317 -15.38 57.37 8.38
C GLU E 317 -16.49 56.37 8.06
N GLN E 318 -17.14 56.50 6.90
CA GLN E 318 -18.11 55.49 6.50
C GLN E 318 -17.43 54.16 6.19
N LEU E 319 -16.20 54.21 5.68
CA LEU E 319 -15.46 52.97 5.44
C LEU E 319 -15.04 52.33 6.75
N LYS E 320 -14.65 53.13 7.75
CA LYS E 320 -14.36 52.56 9.07
C LYS E 320 -15.58 51.86 9.63
N GLU E 321 -16.75 52.47 9.47
CA GLU E 321 -17.98 51.81 9.90
C GLU E 321 -18.20 50.52 9.12
N TYR E 322 -17.88 50.52 7.84
CA TYR E 322 -17.99 49.30 7.04
C TYR E 322 -16.96 48.27 7.50
N VAL E 323 -15.70 48.69 7.65
CA VAL E 323 -14.65 47.76 8.08
C VAL E 323 -14.97 47.18 9.44
N TRP E 324 -15.53 48.00 10.34
CA TRP E 324 -15.94 47.51 11.64
C TRP E 324 -17.10 46.52 11.50
N LYS E 325 -18.05 46.84 10.63
CA LYS E 325 -19.19 45.95 10.42
C LYS E 325 -18.73 44.59 9.90
N THR E 326 -17.80 44.59 8.95
CA THR E 326 -17.31 43.33 8.38
C THR E 326 -16.55 42.49 9.40
N LEU E 327 -15.66 43.12 10.17
CA LEU E 327 -14.83 42.36 11.11
C LEU E 327 -15.67 41.81 12.27
N ASN E 328 -16.65 42.56 12.75
CA ASN E 328 -17.50 42.06 13.82
C ASN E 328 -18.43 40.96 13.35
N SER E 329 -18.66 40.85 12.04
CA SER E 329 -19.45 39.77 11.48
C SER E 329 -18.68 38.47 11.33
N GLY E 330 -17.42 38.42 11.79
CA GLY E 330 -16.61 37.23 11.67
C GLY E 330 -15.86 37.12 10.36
N LYS E 331 -15.89 38.16 9.53
CA LYS E 331 -15.29 38.16 8.21
C LYS E 331 -13.95 38.88 8.23
N VAL E 332 -13.14 38.65 7.20
CA VAL E 332 -11.80 39.23 7.13
C VAL E 332 -11.75 40.25 6.00
N ILE E 333 -10.71 41.09 6.03
CA ILE E 333 -10.47 42.09 5.00
C ILE E 333 -9.45 41.50 4.02
N PRO E 334 -9.82 41.24 2.77
CA PRO E 334 -8.90 40.60 1.82
C PRO E 334 -7.67 41.47 1.54
N GLY E 335 -6.53 40.80 1.36
CA GLY E 335 -5.27 41.47 1.11
C GLY E 335 -4.56 41.95 2.35
N TYR E 336 -5.19 41.90 3.52
CA TYR E 336 -4.60 42.35 4.77
C TYR E 336 -4.51 41.20 5.74
N GLY E 337 -3.45 41.17 6.55
CA GLY E 337 -3.33 40.21 7.62
C GLY E 337 -2.62 38.92 7.30
N HIS E 338 -2.48 38.56 6.03
CA HIS E 338 -1.84 37.28 5.72
C HIS E 338 -0.33 37.38 5.73
N GLY E 339 0.20 38.53 6.14
CA GLY E 339 1.63 38.76 6.12
C GLY E 339 2.33 38.38 7.41
N VAL E 340 3.56 37.89 7.26
CA VAL E 340 4.47 37.66 8.37
C VAL E 340 5.64 38.64 8.28
N LEU E 341 5.45 39.73 7.54
CA LEU E 341 6.44 40.79 7.36
C LEU E 341 6.04 41.97 8.24
N ARG E 342 7.02 42.51 8.97
CA ARG E 342 6.75 43.56 9.94
C ARG E 342 6.21 44.84 9.31
N ASN E 343 6.65 45.18 8.11
CA ASN E 343 6.20 46.39 7.44
C ASN E 343 5.34 46.07 6.23
N THR E 344 4.79 47.12 5.63
CA THR E 344 3.95 46.95 4.45
C THR E 344 4.78 46.35 3.32
N ASP E 345 4.18 45.43 2.58
CA ASP E 345 4.83 44.82 1.44
C ASP E 345 5.32 45.90 0.48
N PRO E 346 6.63 45.99 0.21
CA PRO E 346 7.12 46.99 -0.75
C PRO E 346 6.53 46.84 -2.13
N ARG E 347 6.06 45.64 -2.49
CA ARG E 347 5.41 45.46 -3.79
C ARG E 347 4.05 46.14 -3.82
N TYR E 348 3.40 46.27 -2.66
CA TYR E 348 2.18 47.07 -2.57
C TYR E 348 2.48 48.56 -2.71
N VAL E 349 3.58 49.03 -2.09
CA VAL E 349 3.86 50.47 -2.04
C VAL E 349 4.09 51.03 -3.44
N CYS E 350 4.91 50.33 -4.23
CA CYS E 350 5.26 50.80 -5.58
C CYS E 350 4.04 50.82 -6.49
N GLN E 351 3.07 49.93 -6.25
CA GLN E 351 1.82 49.97 -7.00
C GLN E 351 0.96 51.15 -6.56
N ARG E 352 1.11 51.58 -5.31
CA ARG E 352 0.47 52.81 -4.85
C ARG E 352 1.14 54.03 -5.47
N GLU E 353 2.46 53.99 -5.60
CA GLU E 353 3.17 55.05 -6.30
C GLU E 353 2.67 55.20 -7.74
N PHE E 354 2.46 54.06 -8.42
CA PHE E 354 1.95 54.08 -9.78
C PHE E 354 0.54 54.66 -9.85
N ALA E 355 -0.34 54.20 -8.95
CA ALA E 355 -1.73 54.64 -9.01
C ALA E 355 -1.87 56.11 -8.64
N LEU E 356 -1.12 56.57 -7.63
CA LEU E 356 -1.11 57.99 -7.31
C LEU E 356 -0.59 58.84 -8.47
N LYS E 357 0.20 58.25 -9.35
CA LYS E 357 0.79 58.97 -10.48
C LYS E 357 -0.05 58.91 -11.75
N HIS E 358 -0.74 57.79 -11.98
CA HIS E 358 -1.42 57.58 -13.25
C HIS E 358 -2.94 57.42 -13.15
N LEU E 359 -3.49 57.24 -11.94
CA LEU E 359 -4.95 57.10 -11.81
C LEU E 359 -5.44 57.44 -10.40
N PRO E 360 -5.22 58.65 -9.90
CA PRO E 360 -5.68 58.97 -8.54
C PRO E 360 -7.18 59.13 -8.43
N ASP E 361 -7.88 59.40 -9.53
CA ASP E 361 -9.33 59.60 -9.52
C ASP E 361 -10.11 58.32 -9.78
N ASP E 362 -9.44 57.19 -9.94
CA ASP E 362 -10.15 55.93 -10.17
C ASP E 362 -10.91 55.55 -8.90
N PRO E 363 -12.23 55.32 -8.98
CA PRO E 363 -13.00 55.05 -7.76
C PRO E 363 -12.57 53.79 -7.03
N LEU E 364 -12.19 52.73 -7.76
CA LEU E 364 -11.76 51.51 -7.08
C LEU E 364 -10.43 51.73 -6.36
N PHE E 365 -9.52 52.51 -6.96
CA PHE E 365 -8.27 52.81 -6.28
C PHE E 365 -8.48 53.73 -5.09
N GLN E 366 -9.43 54.67 -5.20
CA GLN E 366 -9.72 55.54 -4.07
C GLN E 366 -10.18 54.74 -2.86
N LEU E 367 -10.93 53.67 -3.10
CA LEU E 367 -11.30 52.77 -2.01
C LEU E 367 -10.10 51.96 -1.55
N VAL E 368 -9.22 51.58 -2.48
CA VAL E 368 -7.98 50.91 -2.10
C VAL E 368 -7.14 51.84 -1.22
N SER E 369 -7.03 53.10 -1.62
CA SER E 369 -6.24 54.06 -0.86
C SER E 369 -6.84 54.32 0.52
N LYS E 370 -8.18 54.42 0.59
CA LYS E 370 -8.82 54.63 1.88
C LYS E 370 -8.66 53.42 2.79
N LEU E 371 -8.77 52.21 2.23
CA LEU E 371 -8.51 51.01 3.02
C LEU E 371 -7.10 51.02 3.58
N TYR E 372 -6.14 51.56 2.83
CA TYR E 372 -4.77 51.64 3.32
C TYR E 372 -4.66 52.51 4.57
N GLU E 373 -5.53 53.50 4.70
CA GLU E 373 -5.49 54.41 5.85
C GLU E 373 -6.30 53.92 7.04
N VAL E 374 -7.45 53.30 6.81
CA VAL E 374 -8.37 53.00 7.90
C VAL E 374 -8.15 51.59 8.48
N VAL E 375 -7.79 50.61 7.65
CA VAL E 375 -7.79 49.21 8.07
C VAL E 375 -6.64 48.90 9.03
N PRO E 376 -5.40 49.34 8.78
CA PRO E 376 -4.31 49.01 9.71
C PRO E 376 -4.60 49.48 11.14
N PRO E 377 -5.13 50.69 11.35
CA PRO E 377 -5.47 51.05 12.74
C PRO E 377 -6.55 50.17 13.36
N VAL E 378 -7.58 49.81 12.60
CA VAL E 378 -8.65 48.98 13.16
C VAL E 378 -8.11 47.61 13.54
N LEU E 379 -7.33 46.99 12.65
CA LEU E 379 -6.78 45.68 12.95
C LEU E 379 -5.84 45.71 14.15
N THR E 380 -5.12 46.82 14.32
CA THR E 380 -4.22 46.93 15.47
C THR E 380 -4.98 47.05 16.77
N GLU E 381 -6.09 47.80 16.77
CA GLU E 381 -6.88 47.95 17.99
C GLU E 381 -7.52 46.63 18.40
N LEU E 382 -7.94 45.83 17.43
CA LEU E 382 -8.50 44.52 17.73
C LEU E 382 -7.41 43.52 18.11
N GLY E 383 -6.18 43.72 17.64
CA GLY E 383 -5.08 42.85 18.00
C GLY E 383 -5.18 41.45 17.44
N LYS E 384 -6.13 41.20 16.54
CA LYS E 384 -6.33 39.88 15.97
C LYS E 384 -5.40 39.61 14.79
N VAL E 385 -4.68 40.62 14.30
CA VAL E 385 -3.80 40.48 13.16
C VAL E 385 -2.39 40.89 13.61
N LYS E 386 -1.39 40.10 13.23
CA LYS E 386 -0.03 40.42 13.64
C LYS E 386 0.50 41.62 12.88
N ASN E 387 0.50 41.53 11.55
CA ASN E 387 0.93 42.62 10.71
C ASN E 387 -0.28 43.09 9.93
N PRO E 388 -0.79 44.31 10.18
CA PRO E 388 -2.05 44.72 9.57
C PRO E 388 -1.87 45.39 8.21
N TRP E 389 -0.77 45.10 7.58
CA TRP E 389 -0.44 45.81 6.36
C TRP E 389 -0.82 44.97 5.14
N PRO E 390 -1.14 45.62 4.03
CA PRO E 390 -1.53 44.88 2.82
C PRO E 390 -0.33 44.29 2.11
N ASN E 391 -0.63 43.40 1.16
CA ASN E 391 0.38 42.79 0.31
C ASN E 391 0.13 43.18 -1.14
N VAL E 392 0.95 42.62 -2.04
CA VAL E 392 0.89 43.01 -3.45
C VAL E 392 -0.48 42.71 -4.04
N ASP E 393 -1.15 41.66 -3.57
CA ASP E 393 -2.42 41.27 -4.13
C ASP E 393 -3.55 42.24 -3.75
N ALA E 394 -3.32 43.09 -2.76
CA ALA E 394 -4.32 44.09 -2.39
C ALA E 394 -4.33 45.28 -3.33
N HIS E 395 -3.37 45.37 -4.26
CA HIS E 395 -3.24 46.52 -5.12
C HIS E 395 -3.13 46.19 -6.61
N SER E 396 -2.80 44.95 -6.98
CA SER E 396 -2.58 44.63 -8.39
C SER E 396 -3.89 44.56 -9.16
N GLY E 397 -4.99 44.21 -8.49
CA GLY E 397 -6.26 44.06 -9.20
C GLY E 397 -6.78 45.37 -9.74
N VAL E 398 -6.74 46.42 -8.93
CA VAL E 398 -7.33 47.69 -9.33
C VAL E 398 -6.55 48.34 -10.47
N LEU E 399 -5.24 48.07 -10.56
CA LEU E 399 -4.46 48.64 -11.64
C LEU E 399 -4.77 47.97 -12.98
N LEU E 400 -4.81 46.64 -12.98
CA LEU E 400 -5.17 45.91 -14.20
C LEU E 400 -6.58 46.23 -14.64
N ASN E 401 -7.53 46.27 -13.69
CA ASN E 401 -8.92 46.56 -14.03
C ASN E 401 -9.09 47.96 -14.59
N HIS E 402 -8.29 48.91 -14.10
CA HIS E 402 -8.44 50.31 -14.51
C HIS E 402 -8.27 50.48 -16.01
N TYR E 403 -7.28 49.82 -16.59
CA TYR E 403 -6.92 50.04 -17.99
C TYR E 403 -7.66 49.17 -18.99
N GLY E 404 -8.52 48.26 -18.54
CA GLY E 404 -9.29 47.41 -19.45
C GLY E 404 -9.09 45.92 -19.27
N LEU E 405 -8.08 45.48 -18.52
CA LEU E 405 -7.90 44.06 -18.24
C LEU E 405 -8.80 43.70 -17.07
N THR E 406 -10.07 43.49 -17.39
CA THR E 406 -11.09 43.27 -16.37
C THR E 406 -11.34 41.79 -16.10
N GLU E 407 -10.93 40.91 -17.00
CA GLU E 407 -11.22 39.49 -16.84
C GLU E 407 -10.32 38.96 -15.74
N ALA E 408 -10.79 39.11 -14.49
CA ALA E 408 -9.96 38.78 -13.34
C ALA E 408 -9.55 37.32 -13.33
N ARG E 409 -10.41 36.44 -13.83
CA ARG E 409 -10.12 35.02 -13.88
C ARG E 409 -8.86 34.73 -14.70
N TYR E 410 -8.46 35.66 -15.57
CA TYR E 410 -7.24 35.54 -16.35
C TYR E 410 -6.00 35.98 -15.58
N TYR E 411 -6.17 36.69 -14.45
CA TYR E 411 -5.04 37.35 -13.78
C TYR E 411 -3.92 36.39 -13.42
N THR E 412 -4.24 35.11 -13.17
CA THR E 412 -3.19 34.17 -12.78
C THR E 412 -2.28 33.84 -13.94
N VAL E 413 -2.74 34.00 -15.18
CA VAL E 413 -1.87 33.84 -16.33
C VAL E 413 -0.81 34.93 -16.33
N LEU E 414 -1.21 36.16 -16.02
CA LEU E 414 -0.25 37.25 -15.88
C LEU E 414 0.75 36.96 -14.76
N PHE E 415 0.26 36.40 -13.65
CA PHE E 415 1.14 35.98 -12.56
C PHE E 415 2.16 34.95 -13.07
N GLY E 416 1.70 33.99 -13.89
CA GLY E 416 2.60 32.98 -14.39
C GLY E 416 3.66 33.53 -15.33
N VAL E 417 3.27 34.45 -16.23
CA VAL E 417 4.24 35.06 -17.13
C VAL E 417 5.35 35.76 -16.34
N SER E 418 4.98 36.49 -15.29
CA SER E 418 5.98 37.16 -14.47
C SER E 418 6.84 36.14 -13.72
N ARG E 419 6.19 35.15 -13.10
CA ARG E 419 6.89 34.18 -12.27
C ARG E 419 7.81 33.27 -13.07
N SER E 420 7.66 33.23 -14.40
CA SER E 420 8.59 32.44 -15.21
C SER E 420 10.01 32.96 -15.08
N LEU E 421 10.18 34.26 -14.84
CA LEU E 421 11.51 34.84 -14.73
C LEU E 421 12.26 34.28 -13.53
N GLY E 422 11.59 34.21 -12.38
CA GLY E 422 12.24 33.67 -11.19
C GLY E 422 12.44 32.17 -11.25
N ILE E 423 11.43 31.44 -11.73
CA ILE E 423 11.52 29.98 -11.78
C ILE E 423 12.59 29.54 -12.77
N CYS E 424 12.59 30.15 -13.97
CA CYS E 424 13.59 29.78 -14.97
C CYS E 424 14.99 30.19 -14.54
N SER E 425 15.11 31.32 -13.83
CA SER E 425 16.41 31.74 -13.33
C SER E 425 16.97 30.73 -12.33
N GLN E 426 16.13 30.23 -11.43
CA GLN E 426 16.56 29.21 -10.49
C GLN E 426 16.80 27.88 -11.19
N LEU E 427 16.00 27.56 -12.20
CA LEU E 427 16.19 26.31 -12.93
C LEU E 427 17.54 26.26 -13.64
N ILE E 428 18.05 27.41 -14.07
CA ILE E 428 19.39 27.43 -14.68
C ILE E 428 20.46 27.16 -13.63
N TRP E 429 20.35 27.81 -12.46
CA TRP E 429 21.35 27.62 -11.42
C TRP E 429 21.23 26.26 -10.73
N ASP E 430 20.04 25.66 -10.73
CA ASP E 430 19.93 24.29 -10.23
C ASP E 430 20.84 23.35 -11.00
N ARG E 431 20.91 23.52 -12.32
CA ARG E 431 21.78 22.68 -13.15
C ARG E 431 23.21 23.17 -13.13
N ALA E 432 23.43 24.48 -13.00
CA ALA E 432 24.78 25.00 -12.89
C ALA E 432 25.46 24.52 -11.61
N LEU E 433 24.73 24.54 -10.49
CA LEU E 433 25.25 24.07 -9.22
C LEU E 433 25.18 22.54 -9.08
N GLY E 434 24.61 21.85 -10.06
CA GLY E 434 24.51 20.40 -10.00
C GLY E 434 23.70 19.87 -8.85
N LEU E 435 22.60 20.53 -8.51
CA LEU E 435 21.78 20.10 -7.39
C LEU E 435 21.15 18.74 -7.69
N ALA E 436 21.07 17.90 -6.66
CA ALA E 436 20.67 16.51 -6.81
C ALA E 436 19.16 16.39 -6.86
N LEU E 437 18.69 15.15 -7.09
CA LEU E 437 17.27 14.86 -7.09
C LEU E 437 16.68 15.09 -5.71
N GLU E 438 15.49 15.69 -5.67
CA GLU E 438 14.81 15.96 -4.41
C GLU E 438 14.12 14.69 -3.95
N ARG E 439 14.57 14.15 -2.81
CA ARG E 439 14.09 12.86 -2.31
C ARG E 439 13.81 12.95 -0.81
N PRO E 440 12.76 13.65 -0.41
CA PRO E 440 12.32 13.56 0.98
C PRO E 440 11.73 12.18 1.23
N LYS E 441 11.87 11.71 2.47
CA LYS E 441 11.35 10.40 2.84
C LYS E 441 9.89 10.50 3.26
N SER E 442 9.11 9.48 2.90
CA SER E 442 7.70 9.40 3.21
C SER E 442 7.47 8.42 4.37
N VAL E 443 6.42 8.70 5.15
CA VAL E 443 6.03 7.84 6.27
C VAL E 443 4.52 7.73 6.30
N THR E 444 4.04 6.73 7.04
CA THR E 444 2.62 6.50 7.25
C THR E 444 2.25 6.74 8.70
N MET E 445 0.94 6.89 8.94
CA MET E 445 0.45 7.07 10.31
C MET E 445 0.70 5.83 11.16
N ASP E 446 0.66 4.64 10.56
CA ASP E 446 1.07 3.44 11.30
C ASP E 446 2.52 3.56 11.73
N TRP E 447 3.37 4.09 10.85
CA TRP E 447 4.79 4.25 11.17
C TRP E 447 5.01 5.33 12.22
N LEU E 448 4.27 6.45 12.12
CA LEU E 448 4.44 7.53 13.08
C LEU E 448 4.04 7.08 14.49
N GLU E 449 2.92 6.39 14.61
CA GLU E 449 2.48 5.91 15.92
C GLU E 449 3.45 4.88 16.48
N ALA E 450 4.09 4.10 15.62
CA ALA E 450 5.08 3.15 16.10
C ALA E 450 6.36 3.86 16.56
N HIS E 451 6.67 5.01 15.97
CA HIS E 451 7.84 5.77 16.38
C HIS E 451 7.61 6.55 17.68
N CYS E 452 6.37 6.79 18.05
CA CYS E 452 6.05 7.53 19.27
C CYS E 452 5.83 6.59 20.44
N LEU F 23 -20.88 -2.60 -1.40
CA LEU F 23 -20.50 -3.16 -2.68
C LEU F 23 -19.64 -2.22 -3.50
N ASP F 24 -20.03 -0.94 -3.52
CA ASP F 24 -19.31 0.08 -4.28
C ASP F 24 -18.49 0.97 -3.35
N LEU F 25 -17.37 1.44 -3.91
CA LEU F 25 -16.25 1.95 -3.13
C LEU F 25 -16.56 3.25 -2.40
N LYS F 26 -17.34 4.15 -2.99
CA LYS F 26 -17.53 5.48 -2.39
C LYS F 26 -18.26 5.42 -1.05
N SER F 27 -19.24 4.51 -0.91
CA SER F 27 -19.99 4.47 0.35
C SER F 27 -19.13 3.92 1.49
N GLN F 28 -18.29 2.92 1.21
CA GLN F 28 -17.40 2.38 2.24
C GLN F 28 -16.32 3.39 2.62
N LEU F 29 -15.77 4.09 1.64
CA LEU F 29 -14.78 5.13 1.93
C LEU F 29 -15.36 6.21 2.83
N GLN F 30 -16.64 6.54 2.62
CA GLN F 30 -17.30 7.55 3.45
C GLN F 30 -17.32 7.13 4.92
N GLU F 31 -17.51 5.83 5.18
CA GLU F 31 -17.56 5.34 6.54
C GLU F 31 -16.19 5.35 7.21
N LEU F 32 -15.12 5.13 6.44
CA LEU F 32 -13.79 4.94 6.98
C LEU F 32 -13.06 6.25 7.28
N ILE F 33 -13.55 7.38 6.76
CA ILE F 33 -12.84 8.65 6.94
C ILE F 33 -12.78 9.09 8.40
N PRO F 34 -13.89 9.09 9.18
CA PRO F 34 -13.82 9.66 10.54
C PRO F 34 -12.73 9.09 11.43
N GLU F 35 -12.42 7.79 11.30
CA GLU F 35 -11.35 7.23 12.11
C GLU F 35 -10.00 7.83 11.77
N GLN F 36 -9.72 7.98 10.47
CA GLN F 36 -8.45 8.59 10.06
C GLN F 36 -8.38 10.07 10.44
N GLN F 37 -9.51 10.77 10.42
CA GLN F 37 -9.52 12.16 10.85
C GLN F 37 -9.17 12.30 12.33
N ASP F 38 -9.76 11.46 13.18
CA ASP F 38 -9.45 11.50 14.61
C ASP F 38 -8.03 11.03 14.87
N ARG F 39 -7.58 10.03 14.13
CA ARG F 39 -6.20 9.55 14.26
C ARG F 39 -5.21 10.69 14.01
N LEU F 40 -5.47 11.51 12.99
CA LEU F 40 -4.59 12.64 12.70
C LEU F 40 -4.67 13.71 13.78
N LYS F 41 -5.89 14.03 14.23
CA LYS F 41 -6.05 15.05 15.26
C LYS F 41 -5.36 14.66 16.56
N LYS F 42 -5.49 13.40 16.98
CA LYS F 42 -4.81 12.96 18.18
C LYS F 42 -3.29 12.91 17.99
N LEU F 43 -2.84 12.55 16.79
CA LEU F 43 -1.40 12.48 16.54
C LEU F 43 -0.74 13.84 16.68
N LYS F 44 -1.42 14.91 16.26
CA LYS F 44 -0.87 16.26 16.43
C LYS F 44 -0.99 16.74 17.88
N SER F 45 -2.16 16.53 18.50
CA SER F 45 -2.39 17.10 19.82
C SER F 45 -1.45 16.50 20.86
N GLU F 46 -1.33 15.18 20.91
CA GLU F 46 -0.51 14.54 21.94
C GLU F 46 0.94 14.36 21.51
N HIS F 47 1.21 14.04 20.24
CA HIS F 47 2.56 13.73 19.80
C HIS F 47 3.05 14.68 18.72
N GLY F 48 2.44 15.86 18.61
CA GLY F 48 2.84 16.82 17.60
C GLY F 48 4.27 17.31 17.76
N LYS F 49 4.80 17.25 18.98
CA LYS F 49 6.12 17.77 19.30
C LYS F 49 7.20 16.69 19.29
N VAL F 50 6.85 15.46 18.90
CA VAL F 50 7.83 14.39 18.84
C VAL F 50 8.85 14.69 17.75
N GLN F 51 10.13 14.57 18.09
CA GLN F 51 11.19 14.87 17.15
C GLN F 51 11.49 13.64 16.30
N LEU F 52 11.58 13.83 14.99
CA LEU F 52 11.84 12.75 14.06
C LEU F 52 13.24 12.78 13.44
N GLY F 53 13.98 13.87 13.61
CA GLY F 53 15.28 13.96 13.00
C GLY F 53 15.83 15.37 13.09
N ASN F 54 16.89 15.60 12.32
CA ASN F 54 17.58 16.88 12.29
C ASN F 54 17.66 17.38 10.86
N ILE F 55 17.51 18.69 10.69
CA ILE F 55 17.71 19.31 9.39
C ILE F 55 19.15 19.82 9.37
N THR F 56 19.92 19.38 8.39
CA THR F 56 21.31 19.80 8.27
C THR F 56 21.53 20.43 6.90
N VAL F 57 22.70 21.07 6.74
CA VAL F 57 23.01 21.74 5.48
C VAL F 57 23.06 20.74 4.34
N ASP F 58 23.55 19.53 4.61
CA ASP F 58 23.60 18.50 3.57
C ASP F 58 22.21 18.21 3.02
N MET F 59 21.19 18.25 3.88
CA MET F 59 19.84 17.92 3.43
C MET F 59 19.23 19.04 2.60
N VAL F 60 19.45 20.30 2.99
CA VAL F 60 18.87 21.41 2.22
C VAL F 60 19.52 21.52 0.85
N ILE F 61 20.83 21.28 0.76
CA ILE F 61 21.50 21.38 -0.53
C ILE F 61 21.47 20.05 -1.29
N GLY F 62 21.15 18.94 -0.63
CA GLY F 62 21.14 17.66 -1.29
C GLY F 62 19.75 17.11 -1.53
N GLY F 63 18.80 17.99 -1.84
CA GLY F 63 17.45 17.57 -2.20
C GLY F 63 16.72 16.81 -1.10
N MET F 64 16.80 17.29 0.14
CA MET F 64 16.13 16.68 1.29
C MET F 64 16.50 15.21 1.47
N ARG F 65 17.72 14.83 1.09
CA ARG F 65 18.15 13.46 1.30
C ARG F 65 18.26 13.17 2.79
N GLY F 66 17.58 12.12 3.24
CA GLY F 66 17.54 11.80 4.64
C GLY F 66 16.54 12.59 5.45
N MET F 67 15.65 13.33 4.78
CA MET F 67 14.64 14.17 5.43
C MET F 67 13.28 13.50 5.32
N THR F 68 12.67 13.21 6.47
CA THR F 68 11.29 12.75 6.52
C THR F 68 10.39 13.97 6.39
N GLY F 69 9.70 14.09 5.26
CA GLY F 69 9.05 15.35 4.94
C GLY F 69 7.55 15.32 4.71
N LEU F 70 7.00 14.19 4.27
CA LEU F 70 5.59 14.16 3.89
C LEU F 70 4.95 12.87 4.37
N LEU F 71 3.62 12.86 4.33
CA LEU F 71 2.79 11.77 4.83
C LEU F 71 2.13 11.09 3.64
N TRP F 72 2.41 9.79 3.47
CA TRP F 72 1.88 9.00 2.37
C TRP F 72 1.34 7.69 2.93
N GLU F 73 0.03 7.51 2.88
CA GLU F 73 -0.63 6.41 3.56
C GLU F 73 -0.75 5.16 2.70
N THR F 74 -0.71 5.29 1.37
CA THR F 74 -1.06 4.16 0.51
C THR F 74 0.02 3.08 0.49
N SER F 75 1.28 3.44 0.74
CA SER F 75 2.34 2.45 0.70
C SER F 75 3.52 2.92 1.54
N LEU F 76 4.36 1.95 1.93
CA LEU F 76 5.56 2.18 2.70
C LEU F 76 6.54 1.07 2.41
N LEU F 77 7.83 1.40 2.35
CA LEU F 77 8.86 0.45 1.96
C LEU F 77 9.31 -0.34 3.18
N ASP F 78 9.11 -1.66 3.13
CA ASP F 78 9.62 -2.55 4.16
C ASP F 78 11.03 -2.99 3.80
N PRO F 79 12.03 -2.77 4.65
CA PRO F 79 13.42 -3.13 4.29
C PRO F 79 13.65 -4.63 4.10
N GLU F 80 12.68 -5.48 4.41
CA GLU F 80 12.84 -6.93 4.27
C GLU F 80 11.96 -7.55 3.19
N GLU F 81 10.71 -7.13 3.06
CA GLU F 81 9.77 -7.74 2.12
C GLU F 81 9.46 -6.84 0.93
N GLY F 82 10.12 -5.70 0.82
CA GLY F 82 9.88 -4.80 -0.29
C GLY F 82 8.75 -3.83 0.00
N ILE F 83 8.22 -3.25 -1.09
CA ILE F 83 7.15 -2.29 -0.96
C ILE F 83 5.88 -2.98 -0.49
N ARG F 84 5.14 -2.32 0.40
CA ARG F 84 3.91 -2.87 0.97
C ARG F 84 2.76 -1.95 0.61
N PHE F 85 1.76 -2.50 -0.08
CA PHE F 85 0.53 -1.76 -0.40
C PHE F 85 -0.43 -1.92 0.76
N ARG F 86 -0.55 -0.87 1.57
CA ARG F 86 -1.38 -0.88 2.79
C ARG F 86 -0.95 -2.01 3.72
N GLY F 87 0.36 -2.22 3.85
CA GLY F 87 0.90 -3.23 4.72
C GLY F 87 1.01 -4.62 4.12
N LEU F 88 0.53 -4.82 2.89
CA LEU F 88 0.60 -6.11 2.22
C LEU F 88 1.74 -6.08 1.20
N SER F 89 2.70 -6.97 1.35
CA SER F 89 3.83 -7.07 0.43
C SER F 89 3.37 -7.57 -0.93
N ILE F 90 4.31 -7.59 -1.88
CA ILE F 90 3.99 -8.06 -3.23
C ILE F 90 3.55 -9.53 -3.25
N PRO F 91 4.25 -10.47 -2.61
CA PRO F 91 3.73 -11.85 -2.60
C PRO F 91 2.39 -11.99 -1.91
N GLU F 92 2.16 -11.22 -0.84
CA GLU F 92 0.88 -11.24 -0.17
C GLU F 92 -0.23 -10.71 -1.08
N CYS F 93 0.07 -9.67 -1.86
CA CYS F 93 -0.92 -9.11 -2.76
C CYS F 93 -1.32 -10.11 -3.84
N GLN F 94 -0.37 -10.88 -4.37
CA GLN F 94 -0.68 -11.86 -5.40
C GLN F 94 -1.55 -13.00 -4.89
N LYS F 95 -1.55 -13.27 -3.58
CA LYS F 95 -2.31 -14.39 -3.07
C LYS F 95 -3.78 -14.05 -2.85
N VAL F 96 -4.07 -12.84 -2.37
CA VAL F 96 -5.41 -12.50 -1.88
C VAL F 96 -6.18 -11.60 -2.83
N LEU F 97 -5.53 -10.99 -3.81
CA LEU F 97 -6.24 -10.13 -4.75
C LEU F 97 -6.96 -10.98 -5.79
N PRO F 98 -8.24 -10.73 -6.05
CA PRO F 98 -8.96 -11.52 -7.06
C PRO F 98 -8.33 -11.38 -8.44
N THR F 99 -8.38 -12.48 -9.20
CA THR F 99 -7.87 -12.52 -10.56
C THR F 99 -9.01 -12.64 -11.56
N ALA F 100 -8.65 -12.57 -12.84
CA ALA F 100 -9.62 -12.77 -13.92
C ALA F 100 -9.99 -14.25 -14.03
N GLN F 101 -11.10 -14.51 -14.72
CA GLN F 101 -11.49 -15.88 -15.02
C GLN F 101 -10.43 -16.57 -15.87
N SER F 102 -10.00 -17.75 -15.44
CA SER F 102 -8.96 -18.53 -16.09
C SER F 102 -7.60 -17.84 -16.05
N GLY F 103 -7.44 -16.86 -15.16
CA GLY F 103 -6.19 -16.14 -15.06
C GLY F 103 -5.53 -16.25 -13.70
N ALA F 104 -4.24 -15.91 -13.63
CA ALA F 104 -3.48 -16.04 -12.40
C ALA F 104 -2.88 -14.72 -11.92
N GLU F 105 -2.98 -13.63 -12.69
CA GLU F 105 -2.31 -12.42 -12.23
C GLU F 105 -3.30 -11.51 -11.50
N PRO F 106 -2.81 -10.73 -10.52
CA PRO F 106 -3.72 -9.90 -9.71
C PRO F 106 -4.37 -8.79 -10.53
N LEU F 107 -5.68 -8.64 -10.37
CA LEU F 107 -6.39 -7.60 -11.10
C LEU F 107 -6.07 -6.23 -10.50
N PRO F 108 -5.72 -5.24 -11.34
CA PRO F 108 -5.46 -3.89 -10.79
C PRO F 108 -6.66 -3.25 -10.12
N GLU F 109 -7.89 -3.62 -10.51
CA GLU F 109 -9.07 -3.06 -9.84
C GLU F 109 -9.06 -3.40 -8.35
N GLY F 110 -8.79 -4.66 -8.01
CA GLY F 110 -8.72 -5.05 -6.62
C GLY F 110 -7.61 -4.34 -5.87
N LEU F 111 -6.47 -4.13 -6.52
CA LEU F 111 -5.39 -3.36 -5.92
C LEU F 111 -5.84 -1.95 -5.57
N LEU F 112 -6.57 -1.30 -6.48
CA LEU F 112 -7.06 0.05 -6.20
C LEU F 112 -7.99 0.07 -4.99
N TRP F 113 -8.85 -0.95 -4.87
CA TRP F 113 -9.70 -1.07 -3.69
C TRP F 113 -8.88 -1.16 -2.42
N LEU F 114 -7.80 -1.95 -2.45
CA LEU F 114 -6.97 -2.10 -1.26
C LEU F 114 -6.31 -0.79 -0.87
N LEU F 115 -5.80 -0.04 -1.86
CA LEU F 115 -5.13 1.22 -1.56
C LEU F 115 -6.08 2.24 -0.96
N LEU F 116 -7.31 2.30 -1.47
CA LEU F 116 -8.26 3.30 -1.00
C LEU F 116 -8.82 2.96 0.38
N THR F 117 -9.17 1.69 0.61
CA THR F 117 -9.85 1.30 1.84
C THR F 117 -8.93 0.69 2.89
N GLY F 118 -7.77 0.18 2.49
CA GLY F 118 -6.92 -0.56 3.39
C GLY F 118 -7.33 -2.00 3.61
N LYS F 119 -8.39 -2.47 2.93
CA LYS F 119 -8.88 -3.82 3.06
C LYS F 119 -8.85 -4.52 1.71
N VAL F 120 -8.59 -5.83 1.75
CA VAL F 120 -8.58 -6.65 0.54
C VAL F 120 -10.00 -6.81 0.03
N PRO F 121 -10.25 -6.60 -1.26
CA PRO F 121 -11.62 -6.66 -1.78
C PRO F 121 -12.05 -8.08 -2.12
N SER F 122 -13.37 -8.27 -2.12
CA SER F 122 -13.96 -9.53 -2.54
C SER F 122 -13.95 -9.65 -4.07
N LYS F 123 -14.30 -10.84 -4.56
CA LYS F 123 -14.36 -11.06 -6.00
C LYS F 123 -15.47 -10.24 -6.65
N GLU F 124 -16.61 -10.08 -5.95
CA GLU F 124 -17.72 -9.32 -6.52
C GLU F 124 -17.45 -7.82 -6.45
N GLN F 125 -16.80 -7.35 -5.38
CA GLN F 125 -16.47 -5.93 -5.27
C GLN F 125 -15.52 -5.50 -6.38
N VAL F 126 -14.61 -6.39 -6.79
CA VAL F 126 -13.69 -6.07 -7.88
C VAL F 126 -14.45 -5.90 -9.19
N GLU F 127 -15.41 -6.79 -9.47
CA GLU F 127 -16.20 -6.67 -10.69
C GLU F 127 -17.03 -5.40 -10.69
N ALA F 128 -17.55 -5.01 -9.52
CA ALA F 128 -18.29 -3.76 -9.43
C ALA F 128 -17.38 -2.58 -9.77
N LEU F 129 -16.15 -2.60 -9.26
CA LEU F 129 -15.21 -1.53 -9.59
C LEU F 129 -14.77 -1.64 -11.05
N SER F 130 -14.72 -2.84 -11.61
CA SER F 130 -14.35 -3.01 -13.01
C SER F 130 -15.40 -2.40 -13.93
N LYS F 131 -16.69 -2.65 -13.67
CA LYS F 131 -17.75 -2.03 -14.46
C LYS F 131 -17.85 -0.54 -14.16
N ASP F 132 -17.56 -0.13 -12.93
CA ASP F 132 -17.56 1.29 -12.61
C ASP F 132 -16.51 2.03 -13.43
N LEU F 133 -15.28 1.51 -13.45
CA LEU F 133 -14.22 2.12 -14.27
C LEU F 133 -14.60 2.10 -15.74
N ALA F 134 -15.14 0.99 -16.23
CA ALA F 134 -15.51 0.89 -17.64
C ALA F 134 -16.55 1.93 -18.03
N ASN F 135 -17.46 2.26 -17.11
CA ASN F 135 -18.49 3.25 -17.38
C ASN F 135 -17.98 4.69 -17.28
N ARG F 136 -16.89 4.92 -16.54
CA ARG F 136 -16.30 6.25 -16.39
C ARG F 136 -15.28 6.58 -17.46
N ALA F 137 -15.04 5.66 -18.42
CA ALA F 137 -13.96 5.80 -19.38
C ALA F 137 -14.34 6.61 -20.62
N ALA F 138 -15.44 7.36 -20.57
CA ALA F 138 -15.83 8.18 -21.71
C ALA F 138 -14.92 9.39 -21.83
N VAL F 139 -14.35 9.61 -23.01
CA VAL F 139 -13.38 10.66 -23.25
C VAL F 139 -13.94 11.59 -24.33
N PRO F 140 -14.11 12.88 -24.06
CA PRO F 140 -14.63 13.79 -25.08
C PRO F 140 -13.66 13.97 -26.23
N ASP F 141 -14.21 14.45 -27.36
CA ASP F 141 -13.46 14.50 -28.61
C ASP F 141 -12.37 15.56 -28.59
N TYR F 142 -12.53 16.63 -27.81
CA TYR F 142 -11.52 17.67 -27.80
C TYR F 142 -10.23 17.22 -27.14
N VAL F 143 -10.26 16.13 -26.38
CA VAL F 143 -9.02 15.56 -25.85
C VAL F 143 -8.19 14.98 -26.96
N TYR F 144 -8.82 14.25 -27.89
CA TYR F 144 -8.09 13.74 -29.04
C TYR F 144 -7.61 14.87 -29.94
N ASN F 145 -8.41 15.92 -30.09
CA ASN F 145 -7.98 17.08 -30.88
C ASN F 145 -6.75 17.72 -30.27
N ALA F 146 -6.71 17.86 -28.94
CA ALA F 146 -5.56 18.46 -28.27
C ALA F 146 -4.30 17.66 -28.56
N ILE F 147 -4.39 16.33 -28.53
CA ILE F 147 -3.22 15.49 -28.82
C ILE F 147 -2.85 15.59 -30.29
N ASP F 148 -3.84 15.52 -31.18
CA ASP F 148 -3.56 15.54 -32.61
C ASP F 148 -2.99 16.86 -33.09
N ALA F 149 -3.21 17.96 -32.36
CA ALA F 149 -2.62 19.23 -32.75
C ALA F 149 -1.11 19.20 -32.59
N LEU F 150 -0.61 18.43 -31.62
CA LEU F 150 0.83 18.25 -31.47
C LEU F 150 1.37 17.43 -32.64
N PRO F 151 2.64 17.62 -33.00
CA PRO F 151 3.22 16.79 -34.06
C PRO F 151 3.32 15.34 -33.63
N SER F 152 3.35 14.45 -34.62
CA SER F 152 3.43 13.02 -34.35
C SER F 152 4.74 12.63 -33.67
N THR F 153 5.79 13.42 -33.89
CA THR F 153 7.10 13.13 -33.30
C THR F 153 7.19 13.53 -31.83
N ALA F 154 6.17 14.18 -31.29
CA ALA F 154 6.21 14.66 -29.91
C ALA F 154 6.40 13.49 -28.95
N HIS F 155 7.14 13.76 -27.87
CA HIS F 155 7.43 12.74 -26.87
C HIS F 155 6.12 12.14 -26.36
N PRO F 156 6.06 10.81 -26.19
CA PRO F 156 4.81 10.19 -25.72
C PRO F 156 4.34 10.70 -24.36
N MET F 157 5.26 11.02 -23.44
CA MET F 157 4.86 11.61 -22.18
C MET F 157 4.26 13.00 -22.39
N THR F 158 4.73 13.73 -23.40
CA THR F 158 4.17 15.06 -23.68
C THR F 158 2.74 14.96 -24.20
N GLN F 159 2.51 14.08 -25.19
CA GLN F 159 1.16 13.87 -25.69
C GLN F 159 0.25 13.31 -24.59
N PHE F 160 0.79 12.44 -23.74
CA PHE F 160 0.01 11.90 -22.63
C PHE F 160 -0.35 13.00 -21.64
N ALA F 161 0.63 13.80 -21.22
CA ALA F 161 0.38 14.85 -20.24
C ALA F 161 -0.53 15.94 -20.81
N SER F 162 -0.37 16.27 -22.09
CA SER F 162 -1.26 17.25 -22.71
C SER F 162 -2.69 16.73 -22.77
N GLY F 163 -2.87 15.42 -22.98
CA GLY F 163 -4.20 14.85 -22.96
C GLY F 163 -4.86 14.92 -21.59
N VAL F 164 -4.06 14.76 -20.53
CA VAL F 164 -4.61 14.88 -19.18
C VAL F 164 -5.07 16.30 -18.91
N MET F 165 -4.34 17.29 -19.43
CA MET F 165 -4.78 18.68 -19.31
C MET F 165 -6.10 18.91 -20.00
N ALA F 166 -6.34 18.23 -21.13
CA ALA F 166 -7.64 18.33 -21.79
C ALA F 166 -8.74 17.69 -20.95
N LEU F 167 -8.43 16.59 -20.25
CA LEU F 167 -9.38 15.97 -19.35
C LEU F 167 -9.72 16.87 -18.17
N GLN F 168 -8.84 17.83 -17.84
CA GLN F 168 -9.07 18.71 -16.71
C GLN F 168 -10.29 19.61 -16.91
N VAL F 169 -10.70 19.83 -18.16
CA VAL F 169 -11.84 20.71 -18.42
C VAL F 169 -13.11 20.19 -17.76
N GLN F 170 -13.23 18.87 -17.63
CA GLN F 170 -14.39 18.27 -16.98
C GLN F 170 -14.17 18.04 -15.48
N SER F 171 -13.26 18.77 -14.86
CA SER F 171 -12.97 18.56 -13.45
C SER F 171 -14.18 18.95 -12.61
N GLU F 172 -14.61 18.04 -11.75
CA GLU F 172 -15.76 18.25 -10.89
C GLU F 172 -15.39 18.89 -9.55
N PHE F 173 -14.13 18.77 -9.14
CA PHE F 173 -13.66 19.41 -7.91
C PHE F 173 -13.46 20.92 -8.09
N GLN F 174 -13.09 21.36 -9.30
CA GLN F 174 -12.91 22.79 -9.54
C GLN F 174 -14.23 23.55 -9.43
N LYS F 175 -15.29 23.01 -10.02
CA LYS F 175 -16.60 23.68 -9.95
C LYS F 175 -17.17 23.61 -8.54
N ALA F 176 -16.97 22.49 -7.84
CA ALA F 176 -17.47 22.38 -6.48
C ALA F 176 -16.78 23.38 -5.56
N TYR F 177 -15.48 23.58 -5.74
CA TYR F 177 -14.77 24.58 -4.95
C TYR F 177 -15.23 25.99 -5.31
N GLU F 178 -15.48 26.23 -6.60
CA GLU F 178 -15.97 27.54 -7.03
C GLU F 178 -17.37 27.81 -6.48
N ASN F 179 -18.17 26.76 -6.29
CA ASN F 179 -19.50 26.90 -5.71
C ASN F 179 -19.50 26.88 -4.20
N GLY F 180 -18.33 26.82 -3.57
CA GLY F 180 -18.22 26.96 -2.13
C GLY F 180 -18.70 25.79 -1.31
N ILE F 181 -18.36 24.56 -1.70
CA ILE F 181 -18.67 23.40 -0.87
C ILE F 181 -17.82 23.43 0.39
N HIS F 182 -18.33 22.81 1.45
CA HIS F 182 -17.63 22.83 2.72
C HIS F 182 -16.36 21.99 2.65
N LYS F 183 -15.41 22.31 3.53
CA LYS F 183 -14.12 21.63 3.52
C LYS F 183 -14.26 20.13 3.78
N SER F 184 -15.20 19.75 4.64
CA SER F 184 -15.36 18.33 4.99
C SER F 184 -15.88 17.48 3.84
N LYS F 185 -16.32 18.09 2.73
CA LYS F 185 -16.78 17.35 1.57
C LYS F 185 -15.85 17.50 0.36
N PHE F 186 -14.64 18.02 0.57
CA PHE F 186 -13.70 18.18 -0.56
C PHE F 186 -13.38 16.85 -1.22
N TRP F 187 -13.32 15.77 -0.43
CA TRP F 187 -12.89 14.48 -0.96
C TRP F 187 -13.91 13.89 -1.94
N GLU F 188 -15.19 14.28 -1.81
CA GLU F 188 -16.21 13.66 -2.66
C GLU F 188 -16.01 14.00 -4.13
N PRO F 189 -15.91 15.26 -4.55
CA PRO F 189 -15.57 15.51 -5.96
C PRO F 189 -14.13 15.15 -6.29
N THR F 190 -13.24 15.19 -5.29
CA THR F 190 -11.89 14.69 -5.49
C THR F 190 -11.90 13.20 -5.82
N TYR F 191 -12.73 12.43 -5.12
CA TYR F 191 -12.90 11.02 -5.44
C TYR F 191 -13.43 10.85 -6.86
N GLU F 192 -14.41 11.67 -7.25
CA GLU F 192 -14.97 11.56 -8.59
C GLU F 192 -13.93 11.84 -9.66
N ASP F 193 -13.10 12.86 -9.45
CA ASP F 193 -12.06 13.19 -10.42
C ASP F 193 -11.01 12.09 -10.52
N CYS F 194 -10.60 11.53 -9.37
CA CYS F 194 -9.58 10.49 -9.39
C CYS F 194 -10.08 9.23 -10.08
N LEU F 195 -11.27 8.74 -9.72
CA LEU F 195 -11.81 7.53 -10.33
C LEU F 195 -12.09 7.75 -11.81
N ASN F 196 -12.54 8.95 -12.17
CA ASN F 196 -12.72 9.29 -13.58
C ASN F 196 -11.37 9.38 -14.31
N LEU F 197 -10.36 9.95 -13.65
CA LEU F 197 -9.04 10.03 -14.26
C LEU F 197 -8.46 8.64 -14.48
N ILE F 198 -8.53 7.79 -13.44
CA ILE F 198 -7.98 6.44 -13.55
C ILE F 198 -8.68 5.66 -14.65
N ALA F 199 -9.98 5.89 -14.84
CA ALA F 199 -10.72 5.19 -15.88
C ALA F 199 -10.31 5.67 -17.27
N ARG F 200 -10.07 6.97 -17.44
CA ARG F 200 -9.82 7.53 -18.76
C ARG F 200 -8.34 7.59 -19.12
N VAL F 201 -7.43 7.58 -18.14
CA VAL F 201 -6.00 7.68 -18.45
C VAL F 201 -5.55 6.57 -19.39
N PRO F 202 -6.05 5.32 -19.31
CA PRO F 202 -5.66 4.34 -20.33
C PRO F 202 -6.19 4.67 -21.73
N VAL F 203 -7.41 5.22 -21.82
CA VAL F 203 -7.96 5.58 -23.12
C VAL F 203 -7.08 6.63 -23.79
N VAL F 204 -6.67 7.66 -23.03
CA VAL F 204 -5.79 8.68 -23.57
C VAL F 204 -4.42 8.10 -23.88
N ALA F 205 -3.88 7.28 -22.96
CA ALA F 205 -2.57 6.70 -23.15
C ALA F 205 -2.52 5.77 -24.36
N ALA F 206 -3.54 4.94 -24.51
CA ALA F 206 -3.59 4.03 -25.65
C ALA F 206 -3.78 4.80 -26.95
N TYR F 207 -4.51 5.91 -26.92
CA TYR F 207 -4.67 6.73 -28.11
C TYR F 207 -3.34 7.30 -28.57
N VAL F 208 -2.49 7.71 -27.61
CA VAL F 208 -1.16 8.20 -27.96
C VAL F 208 -0.35 7.09 -28.60
N TYR F 209 -0.49 5.86 -28.11
CA TYR F 209 0.28 4.74 -28.66
C TYR F 209 -0.15 4.42 -30.08
N ARG F 210 -1.46 4.32 -30.32
CA ARG F 210 -1.93 4.02 -31.67
C ARG F 210 -1.63 5.13 -32.64
N ARG F 211 -1.62 6.38 -32.17
CA ARG F 211 -1.34 7.50 -33.06
C ARG F 211 0.13 7.55 -33.47
N MET F 212 1.04 7.33 -32.51
CA MET F 212 2.45 7.52 -32.78
C MET F 212 3.07 6.35 -33.54
N TYR F 213 2.55 5.14 -33.34
CA TYR F 213 3.21 3.95 -33.85
C TYR F 213 2.34 3.03 -34.69
N LYS F 214 1.02 3.25 -34.71
CA LYS F 214 0.10 2.37 -35.43
C LYS F 214 -0.76 3.13 -36.44
N ASN F 215 -0.23 4.26 -36.94
CA ASN F 215 -0.85 5.03 -38.01
C ASN F 215 -2.29 5.43 -37.69
N GLY F 216 -2.51 5.90 -36.45
CA GLY F 216 -3.80 6.43 -36.06
C GLY F 216 -4.95 5.46 -36.03
N ASP F 217 -4.68 4.15 -36.02
CA ASP F 217 -5.73 3.14 -35.97
C ASP F 217 -6.20 3.01 -34.52
N SER F 218 -7.03 3.95 -34.10
CA SER F 218 -7.49 3.96 -32.71
C SER F 218 -8.47 2.82 -32.47
N ILE F 219 -8.42 2.27 -31.26
CA ILE F 219 -9.29 1.18 -30.85
C ILE F 219 -10.13 1.66 -29.67
N PRO F 220 -11.46 1.60 -29.74
CA PRO F 220 -12.29 2.12 -28.66
C PRO F 220 -12.26 1.22 -27.44
N SER F 221 -12.73 1.77 -26.33
CA SER F 221 -12.78 1.02 -25.08
C SER F 221 -13.85 -0.06 -25.14
N ASP F 222 -13.58 -1.18 -24.47
CA ASP F 222 -14.51 -2.28 -24.36
C ASP F 222 -15.00 -2.36 -22.92
N LYS F 223 -16.30 -2.13 -22.71
CA LYS F 223 -16.86 -2.14 -21.37
C LYS F 223 -16.98 -3.54 -20.78
N SER F 224 -16.76 -4.59 -21.59
CA SER F 224 -16.83 -5.94 -21.06
C SER F 224 -15.53 -6.37 -20.38
N LEU F 225 -14.40 -5.79 -20.78
CA LEU F 225 -13.11 -6.20 -20.25
C LEU F 225 -12.81 -5.52 -18.92
N ASP F 226 -11.86 -6.09 -18.20
CA ASP F 226 -11.38 -5.48 -16.96
C ASP F 226 -10.37 -4.38 -17.28
N TYR F 227 -9.85 -3.73 -16.24
CA TYR F 227 -9.01 -2.54 -16.42
C TYR F 227 -7.76 -2.87 -17.22
N GLY F 228 -6.94 -3.81 -16.72
CA GLY F 228 -5.71 -4.14 -17.40
C GLY F 228 -5.95 -4.76 -18.77
N ALA F 229 -7.00 -5.56 -18.90
CA ALA F 229 -7.31 -6.20 -20.18
C ALA F 229 -7.76 -5.17 -21.20
N ASN F 230 -8.51 -4.16 -20.76
CA ASN F 230 -8.97 -3.12 -21.67
C ASN F 230 -7.80 -2.29 -22.20
N PHE F 231 -6.79 -2.06 -21.35
CA PHE F 231 -5.63 -1.28 -21.78
C PHE F 231 -4.86 -1.98 -22.89
N SER F 232 -4.55 -3.27 -22.72
CA SER F 232 -3.90 -4.02 -23.79
C SER F 232 -4.76 -4.05 -25.04
N HIS F 233 -6.08 -4.13 -24.87
CA HIS F 233 -6.97 -4.13 -26.02
C HIS F 233 -6.92 -2.81 -26.77
N MET F 234 -6.94 -1.69 -26.05
CA MET F 234 -6.87 -0.39 -26.71
C MET F 234 -5.48 -0.13 -27.28
N LEU F 235 -4.45 -0.75 -26.70
CA LEU F 235 -3.12 -0.66 -27.28
C LEU F 235 -2.98 -1.52 -28.53
N GLY F 236 -3.91 -2.44 -28.75
CA GLY F 236 -3.86 -3.35 -29.87
C GLY F 236 -3.51 -4.79 -29.55
N PHE F 237 -3.60 -5.22 -28.30
CA PHE F 237 -3.25 -6.57 -27.87
C PHE F 237 -4.46 -7.22 -27.20
N ASP F 238 -5.14 -8.10 -27.93
CA ASP F 238 -6.28 -8.82 -27.37
C ASP F 238 -5.90 -10.19 -26.84
N ASP F 239 -4.65 -10.61 -27.03
CA ASP F 239 -4.19 -11.89 -26.53
C ASP F 239 -4.25 -11.94 -25.00
N GLU F 240 -4.62 -13.11 -24.47
CA GLU F 240 -4.73 -13.29 -23.03
C GLU F 240 -3.37 -13.21 -22.34
N LYS F 241 -2.29 -13.51 -23.05
CA LYS F 241 -0.97 -13.46 -22.43
C LYS F 241 -0.52 -12.03 -22.18
N VAL F 242 -0.91 -11.10 -23.05
CA VAL F 242 -0.58 -9.70 -22.84
C VAL F 242 -1.49 -9.08 -21.78
N LYS F 243 -2.77 -9.46 -21.77
CA LYS F 243 -3.67 -8.98 -20.73
C LYS F 243 -3.17 -9.36 -19.34
N GLU F 244 -2.72 -10.61 -19.17
CA GLU F 244 -2.12 -11.01 -17.90
C GLU F 244 -0.88 -10.18 -17.58
N LEU F 245 -0.06 -9.89 -18.58
CA LEU F 245 1.11 -9.04 -18.36
C LEU F 245 0.69 -7.65 -17.92
N MET F 246 -0.32 -7.08 -18.58
CA MET F 246 -0.74 -5.73 -18.25
C MET F 246 -1.41 -5.69 -16.88
N ARG F 247 -2.17 -6.73 -16.52
CA ARG F 247 -2.75 -6.79 -15.18
C ARG F 247 -1.66 -6.81 -14.11
N LEU F 248 -0.60 -7.59 -14.32
CA LEU F 248 0.46 -7.67 -13.33
C LEU F 248 1.31 -6.39 -13.31
N TYR F 249 1.54 -5.80 -14.49
CA TYR F 249 2.34 -4.59 -14.56
C TYR F 249 1.67 -3.44 -13.84
N ILE F 250 0.37 -3.22 -14.11
CA ILE F 250 -0.34 -2.11 -13.50
C ILE F 250 -0.36 -2.25 -11.98
N THR F 251 -0.46 -3.50 -11.49
CA THR F 251 -0.57 -3.72 -10.06
C THR F 251 0.73 -3.39 -9.32
N ILE F 252 1.87 -3.82 -9.86
CA ILE F 252 3.13 -3.69 -9.13
C ILE F 252 3.76 -2.30 -9.27
N HIS F 253 3.47 -1.55 -10.33
CA HIS F 253 3.98 -0.20 -10.49
C HIS F 253 3.02 0.87 -9.97
N SER F 254 1.95 0.45 -9.28
CA SER F 254 0.87 1.38 -8.97
C SER F 254 1.29 2.46 -7.98
N ASP F 255 2.14 2.11 -7.02
CA ASP F 255 2.51 3.06 -5.98
C ASP F 255 3.82 2.61 -5.33
N HIS F 256 4.55 3.58 -4.79
CA HIS F 256 5.80 3.30 -4.10
C HIS F 256 6.21 4.50 -3.25
N GLU F 257 5.51 4.71 -2.12
CA GLU F 257 5.73 5.83 -1.22
C GLU F 257 5.44 7.17 -1.89
N GLY F 258 5.74 8.26 -1.20
CA GLY F 258 5.46 9.59 -1.71
C GLY F 258 6.69 10.44 -1.90
N GLY F 259 7.87 9.87 -1.63
CA GLY F 259 9.10 10.63 -1.77
C GLY F 259 9.59 10.78 -3.19
N ASN F 260 9.17 9.89 -4.09
CA ASN F 260 9.56 10.02 -5.49
C ASN F 260 8.94 11.27 -6.10
N VAL F 261 9.56 11.73 -7.19
CA VAL F 261 9.21 13.04 -7.75
C VAL F 261 7.77 13.06 -8.23
N SER F 262 7.32 12.00 -8.91
CA SER F 262 5.98 12.01 -9.48
C SER F 262 4.92 12.05 -8.40
N ALA F 263 5.06 11.20 -7.37
CA ALA F 263 4.10 11.21 -6.27
C ALA F 263 4.17 12.51 -5.48
N HIS F 264 5.39 12.98 -5.18
CA HIS F 264 5.56 14.23 -4.43
C HIS F 264 4.97 15.41 -5.20
N THR F 265 5.17 15.45 -6.51
CA THR F 265 4.67 16.56 -7.32
C THR F 265 3.16 16.66 -7.22
N GLY F 266 2.45 15.55 -7.45
CA GLY F 266 1.00 15.56 -7.37
C GLY F 266 0.49 15.96 -6.00
N HIS F 267 1.15 15.48 -4.94
CA HIS F 267 0.78 15.89 -3.59
C HIS F 267 1.06 17.38 -3.38
N LEU F 268 2.14 17.89 -3.97
CA LEU F 268 2.49 19.30 -3.78
C LEU F 268 1.51 20.19 -4.52
N VAL F 269 1.21 19.87 -5.78
CA VAL F 269 0.24 20.64 -6.54
C VAL F 269 -1.14 20.50 -5.92
N GLY F 270 -1.46 19.31 -5.39
CA GLY F 270 -2.73 19.09 -4.73
C GLY F 270 -2.88 19.85 -3.43
N SER F 271 -1.77 20.15 -2.77
CA SER F 271 -1.83 20.90 -1.51
C SER F 271 -2.32 22.33 -1.72
N ALA F 272 -2.14 22.88 -2.92
CA ALA F 272 -2.72 24.17 -3.27
C ALA F 272 -4.18 24.06 -3.70
N LEU F 273 -4.79 22.89 -3.51
CA LEU F 273 -6.18 22.63 -3.86
C LEU F 273 -6.41 22.63 -5.37
N SER F 274 -5.40 22.23 -6.14
CA SER F 274 -5.61 21.93 -7.55
C SER F 274 -6.25 20.55 -7.69
N ASP F 275 -7.10 20.41 -8.71
CA ASP F 275 -7.85 19.18 -8.89
C ASP F 275 -6.91 18.04 -9.31
N PRO F 276 -7.35 16.78 -9.14
CA PRO F 276 -6.47 15.65 -9.47
C PRO F 276 -5.97 15.64 -10.91
N TYR F 277 -6.73 16.20 -11.85
CA TYR F 277 -6.24 16.27 -13.23
C TYR F 277 -5.00 17.15 -13.33
N LEU F 278 -5.00 18.30 -12.64
CA LEU F 278 -3.83 19.17 -12.64
C LEU F 278 -2.70 18.54 -11.85
N SER F 279 -3.01 17.88 -10.74
CA SER F 279 -1.96 17.26 -9.92
C SER F 279 -1.31 16.10 -10.67
N PHE F 280 -2.10 15.30 -11.38
CA PHE F 280 -1.52 14.15 -12.08
C PHE F 280 -0.75 14.58 -13.32
N ALA F 281 -1.23 15.61 -14.02
CA ALA F 281 -0.50 16.10 -15.18
C ALA F 281 0.87 16.62 -14.78
N ALA F 282 0.95 17.32 -13.65
CA ALA F 282 2.24 17.75 -13.12
C ALA F 282 3.07 16.54 -12.67
N ALA F 283 2.41 15.52 -12.12
CA ALA F 283 3.12 14.30 -11.72
C ALA F 283 3.75 13.62 -12.93
N LEU F 284 3.05 13.62 -14.07
CA LEU F 284 3.61 13.04 -15.28
C LEU F 284 4.86 13.79 -15.73
N ASN F 285 4.85 15.12 -15.67
CA ASN F 285 6.03 15.90 -16.05
C ASN F 285 7.21 15.58 -15.16
N GLY F 286 6.96 15.29 -13.88
CA GLY F 286 8.04 14.82 -13.02
C GLY F 286 8.44 13.39 -13.34
N LEU F 287 7.46 12.54 -13.65
CA LEU F 287 7.75 11.15 -14.00
C LEU F 287 8.53 11.06 -15.31
N ALA F 288 8.38 12.05 -16.18
CA ALA F 288 9.10 12.06 -17.45
C ALA F 288 10.58 12.36 -17.29
N GLY F 289 11.01 12.75 -16.09
CA GLY F 289 12.40 13.05 -15.84
C GLY F 289 13.31 11.84 -16.00
N PRO F 290 14.42 12.03 -16.70
CA PRO F 290 15.36 10.91 -16.92
C PRO F 290 15.83 10.23 -15.64
N LEU F 291 15.89 10.96 -14.53
CA LEU F 291 16.26 10.36 -13.25
C LEU F 291 15.09 9.69 -12.55
N HIS F 292 13.95 9.56 -13.22
CA HIS F 292 12.77 9.02 -12.54
C HIS F 292 12.06 7.93 -13.33
N GLY F 293 11.87 8.10 -14.64
CA GLY F 293 11.07 7.15 -15.39
C GLY F 293 11.69 6.62 -16.67
N LEU F 294 13.02 6.45 -16.69
CA LEU F 294 13.71 5.91 -17.84
C LEU F 294 14.55 4.70 -17.52
N ALA F 295 14.57 4.25 -16.26
CA ALA F 295 15.38 3.09 -15.90
C ALA F 295 14.89 1.85 -16.62
N ASN F 296 13.57 1.71 -16.79
CA ASN F 296 12.99 0.60 -17.54
C ASN F 296 13.60 0.51 -18.94
N GLN F 297 13.77 1.66 -19.59
CA GLN F 297 14.27 1.70 -20.96
C GLN F 297 15.78 1.49 -21.05
N GLU F 298 16.53 1.97 -20.05
CA GLU F 298 17.99 1.88 -20.12
C GLU F 298 18.49 0.44 -20.09
N VAL F 299 17.88 -0.40 -19.24
CA VAL F 299 18.32 -1.80 -19.16
C VAL F 299 17.99 -2.52 -20.46
N LEU F 300 16.80 -2.28 -21.02
CA LEU F 300 16.39 -2.97 -22.24
C LEU F 300 17.34 -2.64 -23.39
N LEU F 301 17.70 -1.36 -23.52
CA LEU F 301 18.66 -0.99 -24.56
C LEU F 301 20.03 -1.59 -24.27
N TRP F 302 20.40 -1.69 -22.99
CA TRP F 302 21.68 -2.27 -22.62
C TRP F 302 21.71 -3.77 -22.92
N ILE F 303 20.64 -4.49 -22.55
CA ILE F 303 20.59 -5.93 -22.77
C ILE F 303 20.65 -6.27 -24.25
N LYS F 304 20.05 -5.43 -25.10
CA LYS F 304 20.08 -5.69 -26.53
C LYS F 304 21.50 -5.58 -27.08
N SER F 305 22.30 -4.66 -26.56
CA SER F 305 23.68 -4.53 -27.01
C SER F 305 24.54 -5.66 -26.47
N VAL F 306 24.21 -6.18 -25.28
CA VAL F 306 24.97 -7.30 -24.73
C VAL F 306 24.69 -8.57 -25.54
N VAL F 307 23.43 -8.79 -25.91
CA VAL F 307 23.10 -9.95 -26.73
C VAL F 307 23.68 -9.79 -28.13
N GLU F 308 23.86 -8.55 -28.58
CA GLU F 308 24.46 -8.32 -29.88
C GLU F 308 25.97 -8.41 -29.85
N GLU F 309 26.60 -8.02 -28.74
CA GLU F 309 28.06 -8.08 -28.66
C GLU F 309 28.56 -9.49 -28.36
N CYS F 310 27.77 -10.30 -27.65
CA CYS F 310 28.24 -11.60 -27.19
C CYS F 310 27.45 -12.77 -27.76
N GLY F 311 26.39 -12.52 -28.52
CA GLY F 311 25.60 -13.59 -29.09
C GLY F 311 24.54 -14.11 -28.13
N GLU F 312 23.65 -14.93 -28.67
CA GLU F 312 22.56 -15.47 -27.87
C GLU F 312 23.04 -16.62 -26.99
N ASP F 313 23.90 -17.49 -27.52
CA ASP F 313 24.32 -18.68 -26.78
C ASP F 313 25.66 -18.42 -26.09
N ILE F 314 25.59 -17.58 -25.06
CA ILE F 314 26.72 -17.31 -24.18
C ILE F 314 26.54 -18.11 -22.90
N SER F 315 27.60 -18.79 -22.46
CA SER F 315 27.54 -19.54 -21.22
C SER F 315 27.47 -18.57 -20.03
N LYS F 316 27.00 -19.08 -18.89
CA LYS F 316 26.96 -18.27 -17.68
C LYS F 316 28.35 -17.87 -17.20
N GLU F 317 29.36 -18.73 -17.41
CA GLU F 317 30.70 -18.36 -16.97
C GLU F 317 31.33 -17.32 -17.90
N GLN F 318 31.03 -17.37 -19.20
CA GLN F 318 31.47 -16.30 -20.08
C GLN F 318 30.78 -15.00 -19.74
N LEU F 319 29.52 -15.06 -19.31
CA LEU F 319 28.82 -13.85 -18.89
C LEU F 319 29.38 -13.33 -17.57
N LYS F 320 29.72 -14.23 -16.64
CA LYS F 320 30.35 -13.81 -15.40
C LYS F 320 31.68 -13.11 -15.67
N GLU F 321 32.47 -13.65 -16.59
CA GLU F 321 33.70 -12.99 -17.00
C GLU F 321 33.38 -11.66 -17.68
N TYR F 322 32.31 -11.61 -18.45
CA TYR F 322 31.89 -10.38 -19.12
C TYR F 322 31.45 -9.32 -18.13
N VAL F 323 30.60 -9.71 -17.17
CA VAL F 323 30.14 -8.75 -16.16
C VAL F 323 31.32 -8.26 -15.34
N TRP F 324 32.27 -9.15 -15.06
CA TRP F 324 33.45 -8.76 -14.30
C TRP F 324 34.30 -7.76 -15.07
N LYS F 325 34.50 -8.01 -16.37
CA LYS F 325 35.25 -7.07 -17.20
C LYS F 325 34.56 -5.72 -17.26
N THR F 326 33.22 -5.73 -17.38
CA THR F 326 32.48 -4.48 -17.45
C THR F 326 32.61 -3.69 -16.14
N LEU F 327 32.50 -4.38 -15.00
CA LEU F 327 32.56 -3.69 -13.72
C LEU F 327 33.96 -3.16 -13.44
N ASN F 328 35.00 -3.92 -13.80
CA ASN F 328 36.36 -3.43 -13.61
C ASN F 328 36.73 -2.35 -14.61
N SER F 329 35.99 -2.22 -15.70
CA SER F 329 36.21 -1.13 -16.65
C SER F 329 35.59 0.18 -16.17
N GLY F 330 35.03 0.19 -14.96
CA GLY F 330 34.39 1.38 -14.42
C GLY F 330 32.93 1.52 -14.75
N LYS F 331 32.32 0.55 -15.42
CA LYS F 331 30.93 0.63 -15.84
C LYS F 331 30.05 -0.16 -14.87
N VAL F 332 28.76 0.13 -14.92
CA VAL F 332 27.78 -0.50 -14.04
C VAL F 332 26.88 -1.40 -14.88
N ILE F 333 26.18 -2.30 -14.20
CA ILE F 333 25.20 -3.18 -14.81
C ILE F 333 23.82 -2.58 -14.55
N PRO F 334 23.09 -2.16 -15.59
CA PRO F 334 21.81 -1.49 -15.37
C PRO F 334 20.82 -2.38 -14.64
N GLY F 335 20.02 -1.77 -13.77
CA GLY F 335 19.06 -2.49 -12.97
C GLY F 335 19.63 -3.12 -11.71
N TYR F 336 20.95 -3.11 -11.53
CA TYR F 336 21.59 -3.69 -10.37
C TYR F 336 22.32 -2.61 -9.59
N GLY F 337 22.34 -2.76 -8.26
CA GLY F 337 23.04 -1.84 -7.40
C GLY F 337 22.20 -0.70 -6.86
N HIS F 338 21.03 -0.44 -7.46
CA HIS F 338 20.18 0.66 -7.03
C HIS F 338 19.30 0.28 -5.86
N GLY F 339 19.50 -0.89 -5.26
CA GLY F 339 18.63 -1.38 -4.21
C GLY F 339 19.03 -0.94 -2.82
N VAL F 340 18.03 -0.67 -2.00
CA VAL F 340 18.18 -0.45 -0.56
C VAL F 340 17.50 -1.58 0.22
N LEU F 341 17.21 -2.68 -0.47
CA LEU F 341 16.59 -3.86 0.10
C LEU F 341 17.61 -4.99 0.22
N ARG F 342 17.60 -5.68 1.35
CA ARG F 342 18.54 -6.77 1.56
C ARG F 342 18.35 -7.89 0.54
N ASN F 343 17.12 -8.13 0.11
CA ASN F 343 16.80 -9.14 -0.88
C ASN F 343 16.35 -8.50 -2.18
N THR F 344 16.18 -9.33 -3.20
CA THR F 344 15.75 -8.85 -4.51
C THR F 344 14.34 -8.28 -4.40
N ASP F 345 14.10 -7.18 -5.11
CA ASP F 345 12.78 -6.57 -5.18
C ASP F 345 11.74 -7.62 -5.58
N PRO F 346 10.72 -7.86 -4.76
CA PRO F 346 9.68 -8.83 -5.14
C PRO F 346 8.99 -8.49 -6.45
N ARG F 347 9.01 -7.22 -6.87
CA ARG F 347 8.45 -6.86 -8.16
C ARG F 347 9.31 -7.39 -9.30
N TYR F 348 10.62 -7.52 -9.07
CA TYR F 348 11.47 -8.22 -10.04
C TYR F 348 11.15 -9.70 -10.07
N VAL F 349 10.95 -10.30 -8.89
CA VAL F 349 10.74 -11.74 -8.80
C VAL F 349 9.46 -12.16 -9.52
N CYS F 350 8.37 -11.42 -9.31
CA CYS F 350 7.09 -11.80 -9.89
C CYS F 350 7.12 -11.72 -11.42
N GLN F 351 7.88 -10.80 -11.99
CA GLN F 351 8.02 -10.76 -13.44
C GLN F 351 8.96 -11.84 -13.95
N ARG F 352 9.90 -12.30 -13.12
CA ARG F 352 10.70 -13.45 -13.50
C ARG F 352 9.84 -14.71 -13.50
N GLU F 353 8.94 -14.83 -12.53
CA GLU F 353 7.97 -15.92 -12.53
C GLU F 353 7.12 -15.90 -13.78
N PHE F 354 6.71 -14.71 -14.22
CA PHE F 354 5.92 -14.58 -15.45
C PHE F 354 6.72 -15.03 -16.66
N ALA F 355 7.98 -14.55 -16.76
CA ALA F 355 8.79 -14.88 -17.93
C ALA F 355 9.18 -16.35 -17.95
N LEU F 356 9.50 -16.91 -16.78
CA LEU F 356 9.75 -18.35 -16.69
C LEU F 356 8.54 -19.16 -17.10
N LYS F 357 7.35 -18.59 -17.00
CA LYS F 357 6.11 -19.27 -17.31
C LYS F 357 5.63 -19.05 -18.74
N HIS F 358 5.86 -17.86 -19.31
CA HIS F 358 5.28 -17.51 -20.60
C HIS F 358 6.28 -17.22 -21.70
N LEU F 359 7.58 -17.06 -21.39
CA LEU F 359 8.54 -16.80 -22.45
C LEU F 359 9.95 -17.21 -22.05
N PRO F 360 10.19 -18.49 -21.71
CA PRO F 360 11.54 -18.90 -21.34
C PRO F 360 12.51 -18.98 -22.51
N ASP F 361 12.02 -19.07 -23.74
CA ASP F 361 12.86 -19.21 -24.90
C ASP F 361 13.25 -17.88 -25.53
N ASP F 362 12.80 -16.77 -24.97
CA ASP F 362 13.15 -15.46 -25.49
C ASP F 362 14.64 -15.20 -25.22
N PRO F 363 15.44 -14.89 -26.23
CA PRO F 363 16.87 -14.66 -25.99
C PRO F 363 17.16 -13.50 -25.05
N LEU F 364 16.35 -12.45 -25.12
CA LEU F 364 16.58 -11.30 -24.24
C LEU F 364 16.31 -11.65 -22.79
N PHE F 365 15.27 -12.44 -22.51
CA PHE F 365 15.01 -12.84 -21.14
C PHE F 365 16.04 -13.83 -20.63
N GLN F 366 16.51 -14.73 -21.50
CA GLN F 366 17.51 -15.71 -21.07
C GLN F 366 18.78 -15.03 -20.57
N LEU F 367 19.16 -13.92 -21.20
CA LEU F 367 20.31 -13.16 -20.71
C LEU F 367 19.96 -12.44 -19.42
N VAL F 368 18.73 -11.92 -19.33
CA VAL F 368 18.28 -11.31 -18.08
C VAL F 368 18.31 -12.32 -16.95
N SER F 369 17.81 -13.54 -17.21
CA SER F 369 17.79 -14.58 -16.20
C SER F 369 19.20 -15.00 -15.81
N LYS F 370 20.11 -15.11 -16.79
CA LYS F 370 21.49 -15.48 -16.48
C LYS F 370 22.18 -14.38 -15.68
N LEU F 371 21.90 -13.11 -16.01
CA LEU F 371 22.43 -12.01 -15.21
C LEU F 371 22.00 -12.13 -13.75
N TYR F 372 20.79 -12.64 -13.50
CA TYR F 372 20.32 -12.80 -12.12
C TYR F 372 21.21 -13.75 -11.34
N GLU F 373 21.85 -14.71 -12.01
CA GLU F 373 22.70 -15.67 -11.32
C GLU F 373 24.13 -15.19 -11.16
N VAL F 374 24.69 -14.51 -12.16
CA VAL F 374 26.12 -14.22 -12.15
C VAL F 374 26.43 -12.86 -11.52
N VAL F 375 25.57 -11.87 -11.70
CA VAL F 375 25.89 -10.48 -11.32
C VAL F 375 25.85 -10.29 -9.81
N PRO F 376 24.86 -10.79 -9.07
CA PRO F 376 24.85 -10.56 -7.60
C PRO F 376 26.10 -11.07 -6.93
N PRO F 377 26.63 -12.26 -7.27
CA PRO F 377 27.90 -12.66 -6.65
C PRO F 377 29.07 -11.74 -7.02
N VAL F 378 29.16 -11.31 -8.27
CA VAL F 378 30.27 -10.46 -8.69
C VAL F 378 30.23 -9.13 -7.93
N LEU F 379 29.05 -8.53 -7.84
CA LEU F 379 28.93 -7.26 -7.12
C LEU F 379 29.31 -7.43 -5.66
N THR F 380 28.95 -8.57 -5.06
CA THR F 380 29.32 -8.83 -3.67
C THR F 380 30.81 -9.11 -3.54
N GLU F 381 31.40 -9.82 -4.51
CA GLU F 381 32.82 -10.14 -4.45
C GLU F 381 33.68 -8.88 -4.56
N LEU F 382 33.24 -7.90 -5.36
CA LEU F 382 34.00 -6.66 -5.47
C LEU F 382 33.81 -5.79 -4.23
N GLY F 383 32.70 -5.94 -3.53
CA GLY F 383 32.47 -5.23 -2.29
C GLY F 383 32.30 -3.74 -2.41
N LYS F 384 32.18 -3.20 -3.62
CA LYS F 384 32.02 -1.76 -3.82
C LYS F 384 30.57 -1.32 -3.72
N VAL F 385 29.62 -2.25 -3.78
CA VAL F 385 28.19 -1.93 -3.74
C VAL F 385 27.59 -2.76 -2.61
N LYS F 386 26.66 -2.14 -1.87
CA LYS F 386 26.11 -2.81 -0.69
C LYS F 386 25.11 -3.89 -1.08
N ASN F 387 24.10 -3.55 -1.87
CA ASN F 387 23.06 -4.51 -2.25
C ASN F 387 23.18 -4.88 -3.71
N PRO F 388 23.51 -6.14 -4.03
CA PRO F 388 23.72 -6.52 -5.43
C PRO F 388 22.46 -7.03 -6.11
N TRP F 389 21.31 -6.70 -5.56
CA TRP F 389 20.17 -7.35 -6.16
C TRP F 389 19.45 -6.41 -7.12
N PRO F 390 18.81 -6.95 -8.15
CA PRO F 390 18.12 -6.11 -9.13
C PRO F 390 16.77 -5.62 -8.60
N ASN F 391 16.20 -4.67 -9.32
CA ASN F 391 14.87 -4.16 -9.04
C ASN F 391 13.96 -4.43 -10.23
N VAL F 392 12.71 -3.96 -10.13
CA VAL F 392 11.69 -4.27 -11.14
C VAL F 392 12.08 -3.73 -12.51
N ASP F 393 12.81 -2.62 -12.56
CA ASP F 393 13.12 -1.99 -13.85
C ASP F 393 14.11 -2.81 -14.67
N ALA F 394 14.81 -3.76 -14.05
CA ALA F 394 15.72 -4.62 -14.78
C ALA F 394 15.01 -5.75 -15.52
N HIS F 395 13.71 -5.93 -15.31
CA HIS F 395 12.98 -7.06 -15.85
C HIS F 395 11.73 -6.71 -16.64
N SER F 396 11.18 -5.51 -16.48
CA SER F 396 9.92 -5.18 -17.15
C SER F 396 10.13 -4.96 -18.65
N GLY F 397 11.34 -4.59 -19.06
CA GLY F 397 11.58 -4.28 -20.45
C GLY F 397 11.43 -5.49 -21.37
N VAL F 398 12.00 -6.63 -20.98
CA VAL F 398 11.97 -7.80 -21.85
C VAL F 398 10.55 -8.34 -22.00
N LEU F 399 9.70 -8.14 -21.01
CA LEU F 399 8.32 -8.63 -21.12
C LEU F 399 7.52 -7.79 -22.12
N LEU F 400 7.61 -6.47 -22.02
CA LEU F 400 6.90 -5.60 -22.97
C LEU F 400 7.44 -5.79 -24.38
N ASN F 401 8.76 -5.84 -24.54
CA ASN F 401 9.35 -5.96 -25.87
C ASN F 401 8.99 -7.30 -26.51
N HIS F 402 8.89 -8.36 -25.72
CA HIS F 402 8.62 -9.69 -26.28
C HIS F 402 7.29 -9.73 -27.01
N TYR F 403 6.26 -9.12 -26.44
CA TYR F 403 4.91 -9.21 -26.95
C TYR F 403 4.58 -8.19 -28.04
N GLY F 404 5.53 -7.30 -28.36
CA GLY F 404 5.32 -6.30 -29.39
C GLY F 404 5.43 -4.87 -28.92
N LEU F 405 5.46 -4.61 -27.61
CA LEU F 405 5.64 -3.26 -27.09
C LEU F 405 7.14 -2.96 -27.10
N THR F 406 7.63 -2.63 -28.30
CA THR F 406 9.05 -2.43 -28.54
C THR F 406 9.46 -0.96 -28.47
N GLU F 407 8.49 -0.04 -28.52
CA GLU F 407 8.76 1.39 -28.49
C GLU F 407 9.08 1.76 -27.05
N ALA F 408 10.36 1.66 -26.69
CA ALA F 408 10.77 1.83 -25.30
C ALA F 408 10.42 3.21 -24.75
N ARG F 409 10.46 4.25 -25.59
CA ARG F 409 10.12 5.59 -25.13
C ARG F 409 8.68 5.67 -24.61
N TYR F 410 7.82 4.75 -25.02
CA TYR F 410 6.44 4.74 -24.53
C TYR F 410 6.33 4.10 -23.15
N TYR F 411 7.36 3.38 -22.70
CA TYR F 411 7.26 2.61 -21.46
C TYR F 411 6.89 3.50 -20.28
N THR F 412 7.29 4.78 -20.32
CA THR F 412 6.97 5.67 -19.21
C THR F 412 5.48 6.01 -19.17
N VAL F 413 4.81 5.93 -20.32
CA VAL F 413 3.37 6.10 -20.33
C VAL F 413 2.69 4.93 -19.62
N LEU F 414 3.19 3.71 -19.86
CA LEU F 414 2.69 2.56 -19.11
C LEU F 414 2.95 2.73 -17.62
N PHE F 415 4.12 3.26 -17.26
CA PHE F 415 4.41 3.59 -15.87
C PHE F 415 3.38 4.59 -15.34
N GLY F 416 3.07 5.61 -16.14
CA GLY F 416 2.12 6.62 -15.69
C GLY F 416 0.72 6.08 -15.49
N VAL F 417 0.26 5.24 -16.43
CA VAL F 417 -1.06 4.62 -16.29
C VAL F 417 -1.13 3.81 -15.00
N SER F 418 -0.09 3.04 -14.70
CA SER F 418 -0.07 2.25 -13.48
C SER F 418 0.03 3.14 -12.24
N ARG F 419 0.97 4.09 -12.26
CA ARG F 419 1.24 4.91 -11.08
C ARG F 419 0.08 5.87 -10.75
N SER F 420 -0.83 6.08 -11.70
CA SER F 420 -2.00 6.91 -11.42
C SER F 420 -2.85 6.32 -10.31
N LEU F 421 -2.86 5.00 -10.18
CA LEU F 421 -3.68 4.35 -9.16
C LEU F 421 -3.21 4.71 -7.75
N GLY F 422 -1.90 4.66 -7.51
CA GLY F 422 -1.38 5.01 -6.20
C GLY F 422 -1.45 6.49 -5.91
N ILE F 423 -1.12 7.32 -6.90
CA ILE F 423 -1.11 8.77 -6.70
C ILE F 423 -2.53 9.27 -6.44
N CYS F 424 -3.50 8.81 -7.22
CA CYS F 424 -4.87 9.25 -7.05
C CYS F 424 -5.45 8.76 -5.72
N SER F 425 -5.04 7.58 -5.27
CA SER F 425 -5.53 7.06 -3.99
C SER F 425 -5.10 7.96 -2.85
N GLN F 426 -3.83 8.39 -2.84
CA GLN F 426 -3.37 9.32 -1.81
C GLN F 426 -3.97 10.70 -1.98
N LEU F 427 -4.18 11.15 -3.23
CA LEU F 427 -4.77 12.46 -3.46
C LEU F 427 -6.19 12.54 -2.89
N ILE F 428 -6.92 11.43 -2.88
CA ILE F 428 -8.24 11.42 -2.25
C ILE F 428 -8.11 11.57 -0.75
N TRP F 429 -7.15 10.86 -0.14
CA TRP F 429 -6.98 10.93 1.30
C TRP F 429 -6.36 12.25 1.72
N ASP F 430 -5.62 12.92 0.84
CA ASP F 430 -5.10 14.25 1.14
C ASP F 430 -6.23 15.22 1.46
N ARG F 431 -7.32 15.18 0.69
CA ARG F 431 -8.45 16.05 0.96
C ARG F 431 -9.36 15.49 2.06
N ALA F 432 -9.42 14.16 2.17
CA ALA F 432 -10.20 13.55 3.25
C ALA F 432 -9.60 13.90 4.60
N LEU F 433 -8.27 13.86 4.71
CA LEU F 433 -7.58 14.24 5.94
C LEU F 433 -7.41 15.74 6.08
N GLY F 434 -7.80 16.52 5.08
CA GLY F 434 -7.67 17.96 5.15
C GLY F 434 -6.24 18.43 5.29
N LEU F 435 -5.31 17.78 4.59
CA LEU F 435 -3.90 18.14 4.70
C LEU F 435 -3.66 19.54 4.17
N ALA F 436 -2.76 20.26 4.83
CA ALA F 436 -2.55 21.68 4.59
C ALA F 436 -1.61 21.90 3.40
N LEU F 437 -1.41 23.18 3.07
CA LEU F 437 -0.49 23.57 2.02
C LEU F 437 0.94 23.21 2.38
N GLU F 438 1.69 22.69 1.41
CA GLU F 438 3.08 22.34 1.63
C GLU F 438 3.94 23.58 1.46
N ARG F 439 4.56 24.05 2.54
CA ARG F 439 5.30 25.31 2.53
C ARG F 439 6.61 25.17 3.32
N PRO F 440 7.59 24.47 2.76
CA PRO F 440 8.94 24.50 3.36
C PRO F 440 9.56 25.88 3.19
N LYS F 441 10.44 26.24 4.11
CA LYS F 441 11.12 27.52 4.04
C LYS F 441 12.34 27.41 3.14
N SER F 442 12.59 28.47 2.37
CA SER F 442 13.72 28.56 1.47
C SER F 442 14.82 29.43 2.05
N VAL F 443 16.07 29.10 1.68
CA VAL F 443 17.23 29.84 2.12
C VAL F 443 18.21 29.97 0.96
N THR F 444 19.14 30.91 1.09
CA THR F 444 20.20 31.13 0.12
C THR F 444 21.54 30.76 0.71
N MET F 445 22.55 30.63 -0.16
CA MET F 445 23.89 30.32 0.31
C MET F 445 24.46 31.44 1.16
N ASP F 446 24.08 32.69 0.88
CA ASP F 446 24.47 33.80 1.75
C ASP F 446 23.92 33.61 3.16
N TRP F 447 22.66 33.15 3.26
CA TRP F 447 22.05 32.94 4.56
C TRP F 447 22.68 31.76 5.30
N LEU F 448 22.96 30.67 4.57
CA LEU F 448 23.58 29.50 5.21
C LEU F 448 24.97 29.82 5.72
N GLU F 449 25.78 30.51 4.91
CA GLU F 449 27.13 30.86 5.33
C GLU F 449 27.14 31.77 6.55
N ALA F 450 26.16 32.67 6.65
CA ALA F 450 26.07 33.51 7.83
C ALA F 450 25.58 32.74 9.05
N HIS F 451 24.75 31.71 8.84
CA HIS F 451 24.24 30.92 9.94
C HIS F 451 25.24 29.92 10.50
N CYS F 452 26.28 29.58 9.74
CA CYS F 452 27.27 28.62 10.21
C CYS F 452 28.46 29.27 10.90
N LYS F 453 28.71 30.56 10.65
CA LYS F 453 29.70 31.27 11.43
C LYS F 453 29.19 31.56 12.84
N LYS F 454 27.87 31.67 13.01
CA LYS F 454 27.28 31.95 14.31
C LYS F 454 27.23 30.68 15.17
#